data_6XVI
#
_entry.id   6XVI
#
_cell.length_a   96.047
_cell.length_b   117.376
_cell.length_c   96.844
_cell.angle_alpha   90.000
_cell.angle_beta   90.719
_cell.angle_gamma   90.000
#
_symmetry.space_group_name_H-M   'P 1 21 1'
#
loop_
_entity.id
_entity.type
_entity.pdbx_description
1 polymer 'Outer membrane protein,Outer membrane protein,Mb-Nb207-c7HopQ_A12'
2 water water
#
_entity_poly.entity_id   1
_entity_poly.type   'polypeptide(L)'
_entity_poly.pdbx_seq_one_letter_code
;QVQLVESGGGLVRKTTTSVIDTTNDAQNLLTQAQTIVNTLKDYCPILIAKSSSSNGGTNNANTPSWQTAGGGKNSCATFG
AEFSAASDMINNAQKIVQETQQLSANQPKNITQPHNLNLNSPSSLTALAQKMLKNAQSQAEILKLANQVESDFNKLSSGH
LKDYIGKCDASAISSANMTMQNQKNNWGNGCAGVEETQSLLKTSAADFNNQTPQINQAQNLANTLIQELGNNTYEQLSRL
LTNDNGTNSKTSAQAINQAVNNLNERAKTLAGGTTNSPAYQATLLALRSVLGLWNSMGYAVICGGYTKSPGENNQKDFHY
TDENGNGTTINCGGSTNSNGTHSYNGTNTLKADKNVSLSIEQYEKIHEAYQILSKALKQAGLAPLNSKGEKLEAHVTTSK
PSLRLSCAASGRTFSTAAMGWFRQAPGKERDFVAGIYWTVGSTYYADSAKGRFTISRDNAKNTVYLQMDSLKPEDTAVYY
CAARRRGFTLAPTRANEYDYWGQGTQVTVSSHHHHHHEPEA
;
_entity_poly.pdbx_strand_id   A,B,C,D
#
# COMPACT_ATOMS: atom_id res chain seq x y z
N VAL A 2 -24.58 70.03 -55.43
CA VAL A 2 -24.20 68.78 -54.75
C VAL A 2 -23.93 69.02 -53.27
N GLN A 3 -24.32 68.07 -52.43
CA GLN A 3 -24.19 68.27 -51.00
C GLN A 3 -23.83 66.94 -50.34
N LEU A 4 -22.97 67.00 -49.32
CA LEU A 4 -22.57 65.86 -48.52
C LEU A 4 -23.26 65.97 -47.17
N VAL A 5 -23.96 64.92 -46.75
CA VAL A 5 -24.71 64.92 -45.50
C VAL A 5 -24.10 63.87 -44.58
N GLU A 6 -23.37 64.31 -43.56
CA GLU A 6 -22.84 63.40 -42.56
C GLU A 6 -23.97 63.00 -41.64
N SER A 7 -24.09 61.70 -41.39
CA SER A 7 -24.99 61.15 -40.40
C SER A 7 -24.20 60.46 -39.29
N GLY A 8 -24.46 60.83 -38.04
CA GLY A 8 -23.88 60.14 -36.91
C GLY A 8 -24.46 58.75 -36.83
N GLY A 9 -24.05 58.00 -35.79
CA GLY A 9 -24.68 56.71 -35.61
C GLY A 9 -25.06 56.35 -34.18
N GLY A 10 -24.27 56.81 -33.22
CA GLY A 10 -24.44 56.46 -31.81
C GLY A 10 -23.61 55.25 -31.44
N LEU A 11 -23.18 55.22 -30.17
CA LEU A 11 -22.41 54.09 -29.65
C LEU A 11 -23.24 52.81 -29.62
N VAL A 12 -22.72 51.78 -30.25
CA VAL A 12 -23.35 50.46 -30.25
C VAL A 12 -22.34 49.44 -29.77
N ARG A 13 -22.86 48.29 -29.36
CA ARG A 13 -22.04 47.17 -28.94
C ARG A 13 -22.09 46.10 -30.03
N LYS A 14 -20.93 45.82 -30.64
CA LYS A 14 -20.80 44.70 -31.56
C LYS A 14 -20.21 43.48 -30.86
N THR A 15 -21.01 42.45 -30.69
CA THR A 15 -20.53 41.17 -30.19
C THR A 15 -19.94 40.35 -31.33
N THR A 16 -18.79 39.74 -31.10
CA THR A 16 -18.24 38.79 -32.04
C THR A 16 -17.81 37.52 -31.34
N THR A 17 -17.94 36.38 -32.04
CA THR A 17 -17.68 35.06 -31.48
C THR A 17 -16.72 34.27 -32.34
N SER A 18 -15.74 33.63 -31.70
CA SER A 18 -14.83 32.68 -32.37
C SER A 18 -15.30 31.27 -32.07
N VAL A 19 -15.65 30.54 -33.12
CA VAL A 19 -16.03 29.13 -33.01
C VAL A 19 -14.78 28.32 -33.21
N ILE A 20 -14.26 27.72 -32.15
CA ILE A 20 -12.95 27.07 -32.15
C ILE A 20 -13.13 25.56 -32.25
N ASP A 21 -12.44 24.95 -33.21
CA ASP A 21 -12.36 23.50 -33.27
C ASP A 21 -11.35 23.05 -32.24
N THR A 22 -11.78 22.17 -31.33
CA THR A 22 -10.88 21.64 -30.31
C THR A 22 -11.32 20.21 -29.99
N THR A 23 -10.65 19.58 -29.03
CA THR A 23 -10.90 18.18 -28.71
C THR A 23 -10.94 18.05 -27.20
N ASN A 24 -11.45 16.92 -26.73
CA ASN A 24 -11.50 16.66 -25.31
C ASN A 24 -10.39 15.73 -24.82
N ASP A 25 -9.35 15.50 -25.63
CA ASP A 25 -8.24 14.69 -25.15
C ASP A 25 -7.46 15.47 -24.10
N ALA A 26 -6.81 14.72 -23.19
CA ALA A 26 -6.26 15.32 -21.99
C ALA A 26 -5.11 16.28 -22.28
N GLN A 27 -4.28 15.99 -23.27
CA GLN A 27 -3.17 16.90 -23.54
C GLN A 27 -3.68 18.30 -23.90
N ASN A 28 -4.71 18.37 -24.76
CA ASN A 28 -5.32 19.65 -25.16
C ASN A 28 -5.86 20.41 -23.97
N LEU A 29 -6.65 19.72 -23.14
CA LEU A 29 -7.33 20.38 -22.03
C LEU A 29 -6.34 20.85 -20.97
N LEU A 30 -5.27 20.10 -20.75
CA LEU A 30 -4.27 20.49 -19.77
C LEU A 30 -3.55 21.77 -20.17
N THR A 31 -3.24 21.94 -21.48
CA THR A 31 -2.61 23.21 -21.88
C THR A 31 -3.59 24.36 -21.70
N GLN A 32 -4.90 24.13 -21.90
CA GLN A 32 -5.85 25.17 -21.56
C GLN A 32 -5.80 25.47 -20.06
N ALA A 33 -5.66 24.43 -19.24
CA ALA A 33 -5.59 24.70 -17.80
C ALA A 33 -4.29 25.39 -17.45
N GLN A 34 -3.22 25.06 -18.14
CA GLN A 34 -1.97 25.71 -17.91
C GLN A 34 -2.04 27.19 -18.24
N THR A 35 -2.64 27.55 -19.35
CA THR A 35 -2.76 28.96 -19.71
C THR A 35 -3.36 29.76 -18.55
N ILE A 36 -4.37 29.19 -17.90
CA ILE A 36 -5.06 29.89 -16.84
C ILE A 36 -4.16 30.03 -15.59
N VAL A 37 -3.55 28.93 -15.14
CA VAL A 37 -2.78 29.03 -13.90
C VAL A 37 -1.46 29.75 -14.13
N ASN A 38 -0.75 29.41 -15.21
CA ASN A 38 0.50 30.11 -15.50
C ASN A 38 0.28 31.61 -15.61
N THR A 39 -0.86 32.06 -16.11
CA THR A 39 -1.06 33.51 -16.17
C THR A 39 -1.19 34.10 -14.78
N LEU A 40 -2.09 33.56 -13.96
CA LEU A 40 -2.29 34.04 -12.59
C LEU A 40 -1.05 33.84 -11.74
N LYS A 41 -0.46 32.64 -11.81
CA LYS A 41 0.69 32.32 -10.97
C LYS A 41 1.88 33.23 -11.27
N ASP A 42 2.08 33.55 -12.54
CA ASP A 42 3.24 34.33 -12.96
C ASP A 42 2.97 35.82 -12.91
N TYR A 43 1.72 36.30 -13.10
CA TYR A 43 1.48 37.72 -13.19
C TYR A 43 0.68 38.30 -12.04
N CYS A 44 0.08 37.46 -11.20
CA CYS A 44 -0.40 37.86 -9.88
C CYS A 44 -1.22 39.15 -9.90
N PRO A 45 -2.20 39.28 -10.79
CA PRO A 45 -2.92 40.55 -10.87
C PRO A 45 -3.63 40.87 -9.56
N ILE A 46 -3.74 42.16 -9.27
CA ILE A 46 -4.42 42.59 -8.05
C ILE A 46 -5.88 42.13 -8.06
N LEU A 47 -6.40 41.83 -6.88
CA LEU A 47 -7.80 41.52 -6.70
C LEU A 47 -8.61 42.79 -6.41
N ILE A 48 -9.87 42.75 -6.77
CA ILE A 48 -10.77 43.89 -6.68
C ILE A 48 -11.27 44.01 -5.23
N ALA A 49 -11.50 45.24 -4.78
CA ALA A 49 -11.97 45.47 -3.41
C ALA A 49 -13.50 45.38 -3.26
N THR A 63 -20.66 37.86 0.10
CA THR A 63 -19.33 38.40 -0.13
C THR A 63 -18.25 37.55 0.55
N PRO A 64 -17.35 36.97 -0.24
CA PRO A 64 -16.37 35.99 0.28
C PRO A 64 -15.26 36.53 1.18
N SER A 65 -14.69 35.59 1.95
CA SER A 65 -13.70 35.87 2.99
C SER A 65 -12.38 36.38 2.41
N TRP A 66 -11.89 35.70 1.37
CA TRP A 66 -10.58 36.03 0.80
C TRP A 66 -10.56 37.41 0.15
N GLN A 67 -11.73 37.93 -0.25
CA GLN A 67 -11.74 39.23 -0.91
C GLN A 67 -11.61 40.36 0.10
N THR A 68 -12.15 40.20 1.32
CA THR A 68 -11.95 41.21 2.36
C THR A 68 -10.47 41.36 2.71
N ALA A 69 -9.77 40.23 2.90
CA ALA A 69 -8.34 40.24 3.18
C ALA A 69 -7.52 40.63 1.95
N GLY A 70 -7.79 39.97 0.81
CA GLY A 70 -6.93 40.10 -0.36
C GLY A 70 -7.11 41.34 -1.20
N GLY A 71 -8.28 41.96 -1.15
CA GLY A 71 -8.59 43.17 -1.90
C GLY A 71 -7.53 44.25 -1.92
N GLY A 72 -7.04 44.58 -3.11
CA GLY A 72 -6.07 45.62 -3.32
C GLY A 72 -4.63 45.17 -3.25
N LYS A 73 -4.38 43.89 -2.96
CA LYS A 73 -3.05 43.31 -3.01
C LYS A 73 -3.02 42.31 -4.15
N ASN A 74 -1.81 41.96 -4.58
CA ASN A 74 -1.70 41.06 -5.71
C ASN A 74 -2.26 39.69 -5.32
N SER A 75 -2.75 38.94 -6.32
CA SER A 75 -3.46 37.71 -6.02
C SER A 75 -2.54 36.68 -5.37
N CYS A 76 -1.25 36.71 -5.70
CA CYS A 76 -0.31 35.73 -5.15
C CYS A 76 -0.09 35.91 -3.66
N ALA A 77 -0.35 37.12 -3.12
CA ALA A 77 -0.30 37.32 -1.68
C ALA A 77 -1.46 36.61 -0.98
N THR A 78 -2.59 36.45 -1.64
CA THR A 78 -3.72 35.72 -1.06
C THR A 78 -3.71 34.25 -1.48
N PHE A 79 -3.53 33.97 -2.77
CA PHE A 79 -3.73 32.64 -3.35
C PHE A 79 -2.43 31.93 -3.77
N GLY A 80 -1.30 32.25 -3.14
CA GLY A 80 -0.06 31.61 -3.52
C GLY A 80 -0.10 30.09 -3.39
N ALA A 81 -0.72 29.60 -2.31
CA ALA A 81 -0.79 28.15 -2.11
C ALA A 81 -1.80 27.52 -3.05
N GLU A 82 -2.90 28.20 -3.32
CA GLU A 82 -3.89 27.68 -4.26
C GLU A 82 -3.38 27.67 -5.69
N PHE A 83 -2.67 28.72 -6.10
CA PHE A 83 -2.10 28.72 -7.44
C PHE A 83 -1.00 27.66 -7.53
N SER A 84 -0.19 27.54 -6.47
CA SER A 84 0.87 26.54 -6.47
C SER A 84 0.29 25.14 -6.46
N ALA A 85 -0.75 24.90 -5.63
CA ALA A 85 -1.42 23.61 -5.64
C ALA A 85 -1.96 23.28 -7.01
N ALA A 86 -2.65 24.24 -7.65
CA ALA A 86 -3.20 23.99 -8.97
C ALA A 86 -2.10 23.78 -10.01
N SER A 87 -1.05 24.59 -9.95
CA SER A 87 0.06 24.37 -10.87
C SER A 87 0.64 22.98 -10.72
N ASP A 88 0.79 22.51 -9.48
CA ASP A 88 1.32 21.17 -9.25
C ASP A 88 0.39 20.11 -9.83
N MET A 89 -0.92 20.26 -9.63
CA MET A 89 -1.83 19.24 -10.12
C MET A 89 -1.75 19.13 -11.64
N ILE A 90 -1.73 20.27 -12.32
CA ILE A 90 -1.68 20.23 -13.78
C ILE A 90 -0.40 19.54 -14.24
N ASN A 91 0.73 19.87 -13.61
CA ASN A 91 2.00 19.27 -14.04
C ASN A 91 2.07 17.79 -13.71
N ASN A 92 1.54 17.39 -12.55
CA ASN A 92 1.49 15.95 -12.28
C ASN A 92 0.52 15.25 -13.22
N ALA A 93 -0.58 15.92 -13.57
CA ALA A 93 -1.52 15.35 -14.53
C ALA A 93 -0.91 15.27 -15.92
N GLN A 94 -0.07 16.27 -16.29
CA GLN A 94 0.69 16.12 -17.53
C GLN A 94 1.65 14.94 -17.48
N LYS A 95 2.27 14.72 -16.32
CA LYS A 95 3.15 13.56 -16.19
C LYS A 95 2.37 12.24 -16.21
N ILE A 96 1.15 12.21 -15.66
CA ILE A 96 0.34 11.00 -15.78
C ILE A 96 0.08 10.66 -17.24
N VAL A 97 -0.28 11.67 -18.07
CA VAL A 97 -0.61 11.38 -19.46
C VAL A 97 0.65 10.95 -20.21
N GLN A 98 1.83 11.45 -19.84
CA GLN A 98 3.04 11.01 -20.52
C GLN A 98 3.39 9.59 -20.14
N GLU A 99 3.23 9.22 -18.87
CA GLU A 99 3.45 7.83 -18.50
C GLU A 99 2.41 6.90 -19.12
N THR A 100 1.20 7.41 -19.37
CA THR A 100 0.17 6.56 -19.95
C THR A 100 0.43 6.32 -21.43
N GLN A 101 1.08 7.27 -22.09
CA GLN A 101 1.52 7.03 -23.45
C GLN A 101 2.71 6.09 -23.46
N GLN A 102 3.60 6.22 -22.48
CA GLN A 102 4.68 5.29 -22.28
C GLN A 102 4.17 3.91 -21.90
N LEU A 103 3.13 3.86 -21.06
CA LEU A 103 2.57 2.59 -20.64
C LEU A 103 1.96 1.83 -21.81
N SER A 104 1.43 2.55 -22.79
CA SER A 104 0.85 1.91 -23.96
C SER A 104 1.91 1.46 -24.95
N ALA A 105 3.10 2.07 -24.93
CA ALA A 105 4.19 1.74 -25.82
C ALA A 105 4.99 0.53 -25.36
N ASN A 106 4.73 0.05 -24.13
CA ASN A 106 5.31 -1.18 -23.61
C ASN A 106 4.20 -2.14 -23.22
N GLN A 107 3.35 -2.51 -24.16
CA GLN A 107 2.38 -3.56 -23.87
C GLN A 107 3.06 -4.90 -24.10
N PRO A 108 3.53 -5.58 -23.06
CA PRO A 108 4.28 -6.81 -23.27
C PRO A 108 3.34 -7.91 -23.79
N LYS A 109 3.90 -8.81 -24.59
CA LYS A 109 3.12 -9.77 -25.35
C LYS A 109 3.26 -11.19 -24.78
N ASN A 110 2.17 -11.94 -24.84
CA ASN A 110 2.19 -13.33 -24.41
C ASN A 110 3.11 -14.15 -25.31
N ILE A 111 3.66 -15.20 -24.74
CA ILE A 111 4.55 -16.11 -25.43
C ILE A 111 3.88 -17.47 -25.54
N THR A 112 4.27 -18.24 -26.55
CA THR A 112 3.82 -19.63 -26.65
C THR A 112 4.10 -20.34 -25.32
N GLN A 113 3.23 -21.29 -24.99
CA GLN A 113 3.11 -21.93 -23.67
C GLN A 113 2.76 -23.40 -23.90
N PRO A 114 3.54 -24.37 -23.36
CA PRO A 114 4.86 -24.25 -22.71
C PRO A 114 5.93 -23.63 -23.63
N HIS A 115 7.10 -23.28 -23.08
CA HIS A 115 8.19 -22.71 -23.86
C HIS A 115 8.44 -23.43 -25.18
N ASN A 116 8.73 -22.64 -26.20
CA ASN A 116 9.19 -23.05 -27.53
C ASN A 116 10.61 -22.52 -27.67
N LEU A 117 11.60 -23.31 -27.32
CA LEU A 117 12.96 -22.78 -27.22
C LEU A 117 13.62 -22.65 -28.60
N ASN A 118 14.00 -21.41 -28.93
CA ASN A 118 14.74 -21.08 -30.14
C ASN A 118 16.13 -20.63 -29.79
N LEU A 119 16.91 -20.52 -30.82
CA LEU A 119 18.23 -20.03 -30.72
C LEU A 119 18.03 -18.64 -30.18
N ASN A 120 16.96 -17.99 -30.64
CA ASN A 120 16.67 -16.62 -30.27
C ASN A 120 16.04 -16.34 -28.93
N SER A 121 15.73 -17.39 -28.17
CA SER A 121 15.04 -17.24 -26.89
C SER A 121 15.50 -16.18 -25.88
N PRO A 122 16.72 -16.36 -25.35
CA PRO A 122 17.45 -15.64 -24.33
C PRO A 122 17.37 -14.19 -24.59
N SER A 123 17.60 -13.83 -25.81
CA SER A 123 17.44 -12.42 -26.15
C SER A 123 15.97 -12.03 -26.15
N SER A 124 15.12 -12.90 -26.70
CA SER A 124 13.71 -12.56 -26.81
C SER A 124 12.98 -12.65 -25.47
N LEU A 125 13.52 -13.40 -24.50
CA LEU A 125 12.95 -13.34 -23.15
C LEU A 125 13.40 -12.10 -22.42
N THR A 126 14.64 -11.67 -22.65
CA THR A 126 15.14 -10.46 -22.03
C THR A 126 14.39 -9.25 -22.57
N ALA A 127 14.01 -9.26 -23.86
CA ALA A 127 13.21 -8.16 -24.39
C ALA A 127 11.82 -8.15 -23.78
N LEU A 128 11.27 -9.33 -23.46
CA LEU A 128 9.99 -9.36 -22.77
C LEU A 128 10.12 -8.98 -21.30
N ALA A 129 11.28 -9.24 -20.69
CA ALA A 129 11.40 -8.92 -19.28
C ALA A 129 11.55 -7.42 -19.08
N GLN A 130 12.29 -6.75 -19.97
CA GLN A 130 12.43 -5.30 -19.90
C GLN A 130 11.08 -4.62 -20.07
N LYS A 131 10.25 -5.13 -20.97
CA LYS A 131 8.96 -4.49 -21.19
C LYS A 131 8.06 -4.69 -20.00
N MET A 132 8.16 -5.85 -19.35
CA MET A 132 7.38 -6.07 -18.14
C MET A 132 7.85 -5.15 -17.02
N LEU A 133 9.18 -4.94 -16.89
CA LEU A 133 9.69 -4.06 -15.86
C LEU A 133 9.25 -2.62 -16.12
N LYS A 134 9.49 -2.13 -17.33
CA LYS A 134 9.11 -0.76 -17.61
C LYS A 134 7.63 -0.57 -17.41
N ASN A 135 6.82 -1.54 -17.86
CA ASN A 135 5.38 -1.42 -17.72
C ASN A 135 4.97 -1.30 -16.26
N ALA A 136 5.49 -2.18 -15.41
CA ALA A 136 5.15 -2.11 -14.00
C ALA A 136 5.69 -0.83 -13.36
N GLN A 137 6.86 -0.37 -13.80
CA GLN A 137 7.40 0.89 -13.31
C GLN A 137 6.53 2.07 -13.74
N SER A 138 5.94 1.99 -14.93
CA SER A 138 5.06 3.06 -15.35
C SER A 138 3.81 3.08 -14.50
N GLN A 139 3.21 1.91 -14.24
CA GLN A 139 2.04 1.89 -13.37
C GLN A 139 2.38 2.37 -11.97
N ALA A 140 3.57 2.07 -11.50
CA ALA A 140 3.95 2.49 -10.15
C ALA A 140 4.05 4.00 -10.09
N GLU A 141 4.54 4.63 -11.16
CA GLU A 141 4.67 6.08 -11.16
C GLU A 141 3.31 6.74 -11.32
N ILE A 142 2.45 6.22 -12.20
CA ILE A 142 1.13 6.81 -12.39
C ILE A 142 0.35 6.86 -11.09
N LEU A 143 0.34 5.76 -10.33
CA LEU A 143 -0.39 5.76 -9.06
C LEU A 143 0.25 6.68 -8.07
N LYS A 144 1.57 6.81 -8.11
CA LYS A 144 2.27 7.71 -7.20
C LYS A 144 1.93 9.16 -7.51
N LEU A 145 1.74 9.48 -8.78
CA LEU A 145 1.36 10.81 -9.26
C LEU A 145 -0.11 11.11 -8.95
N ALA A 146 -0.97 10.11 -9.10
CA ALA A 146 -2.40 10.29 -8.85
C ALA A 146 -2.68 10.62 -7.40
N ASN A 147 -1.98 9.97 -6.48
CA ASN A 147 -2.10 10.29 -5.07
C ASN A 147 -1.52 11.66 -4.75
N GLN A 148 -0.49 12.08 -5.48
CA GLN A 148 0.04 13.42 -5.30
C GLN A 148 -0.98 14.47 -5.70
N VAL A 149 -1.69 14.24 -6.79
CA VAL A 149 -2.73 15.17 -7.21
C VAL A 149 -3.79 15.27 -6.14
N GLU A 150 -4.21 14.12 -5.61
CA GLU A 150 -5.19 14.11 -4.54
C GLU A 150 -4.74 14.93 -3.34
N SER A 151 -3.47 14.81 -2.94
CA SER A 151 -3.02 15.60 -1.80
C SER A 151 -2.97 17.08 -2.14
N ASP A 152 -2.43 17.43 -3.31
CA ASP A 152 -2.39 18.83 -3.72
C ASP A 152 -3.78 19.41 -3.76
N PHE A 153 -4.78 18.62 -4.16
CA PHE A 153 -6.16 19.10 -4.14
C PHE A 153 -6.58 19.49 -2.73
N ASN A 154 -6.17 18.72 -1.72
CA ASN A 154 -6.41 19.14 -0.36
C ASN A 154 -5.72 20.45 -0.03
N LYS A 155 -4.49 20.65 -0.52
CA LYS A 155 -3.84 21.95 -0.32
C LYS A 155 -4.65 23.07 -0.98
N LEU A 156 -5.24 22.80 -2.15
CA LEU A 156 -6.07 23.76 -2.86
C LEU A 156 -7.43 23.94 -2.20
N SER A 157 -7.91 22.91 -1.51
CA SER A 157 -9.27 22.82 -1.02
C SER A 157 -9.40 23.17 0.46
N SER A 158 -8.30 23.50 1.14
CA SER A 158 -8.33 23.67 2.58
C SER A 158 -7.95 25.07 3.05
N GLY A 159 -7.66 25.99 2.14
CA GLY A 159 -7.34 27.36 2.52
C GLY A 159 -8.51 28.29 2.31
N HIS A 160 -8.31 29.37 1.55
CA HIS A 160 -9.39 30.33 1.36
C HIS A 160 -10.59 29.71 0.65
N LEU A 161 -10.36 28.90 -0.38
CA LEU A 161 -11.48 28.32 -1.12
C LEU A 161 -12.06 27.08 -0.44
N LYS A 162 -11.70 26.83 0.83
CA LYS A 162 -12.17 25.61 1.48
C LYS A 162 -13.69 25.49 1.44
N ASP A 163 -14.38 26.59 1.72
CA ASP A 163 -15.83 26.60 1.72
C ASP A 163 -16.44 27.12 0.42
N TYR A 164 -15.68 27.23 -0.67
CA TYR A 164 -16.21 27.83 -1.89
C TYR A 164 -16.03 26.91 -3.09
N ILE A 165 -14.79 26.54 -3.40
CA ILE A 165 -14.56 25.55 -4.45
C ILE A 165 -15.29 24.27 -3.99
N GLY A 166 -15.82 23.53 -4.94
CA GLY A 166 -16.53 22.31 -4.53
C GLY A 166 -17.95 22.47 -4.02
N LYS A 167 -18.53 23.66 -4.09
CA LYS A 167 -19.95 23.83 -3.80
C LYS A 167 -20.53 24.58 -4.99
N CYS A 168 -21.86 24.61 -5.08
CA CYS A 168 -22.50 25.34 -6.17
C CYS A 168 -23.90 25.78 -5.79
N ASN A 185 -26.38 34.63 -11.19
CA ASN A 185 -24.92 34.59 -11.14
C ASN A 185 -24.38 33.37 -10.36
N ASN A 186 -23.36 32.71 -10.92
CA ASN A 186 -22.69 31.56 -10.30
C ASN A 186 -21.28 31.88 -9.83
N TRP A 187 -20.80 33.09 -10.05
CA TRP A 187 -19.46 33.44 -9.61
C TRP A 187 -19.34 33.32 -8.11
N GLY A 188 -18.16 32.85 -7.67
CA GLY A 188 -17.84 32.69 -6.27
C GLY A 188 -17.82 31.24 -5.82
N ASN A 189 -18.60 30.39 -6.48
CA ASN A 189 -18.60 28.96 -6.21
C ASN A 189 -17.85 28.23 -7.31
N GLY A 190 -17.25 27.10 -6.94
CA GLY A 190 -16.47 26.36 -7.91
C GLY A 190 -17.31 25.83 -9.05
N CYS A 191 -18.51 25.34 -8.76
CA CYS A 191 -19.43 24.78 -9.75
C CYS A 191 -18.71 23.89 -10.75
N ALA A 192 -17.80 23.04 -10.25
CA ALA A 192 -16.97 22.24 -11.10
C ALA A 192 -17.03 20.74 -10.79
N GLY A 193 -17.78 20.33 -9.78
CA GLY A 193 -17.90 18.90 -9.48
C GLY A 193 -16.66 18.21 -8.93
N VAL A 194 -15.80 18.95 -8.22
CA VAL A 194 -14.52 18.39 -7.80
C VAL A 194 -14.70 17.36 -6.71
N GLU A 195 -15.72 17.51 -5.87
CA GLU A 195 -15.89 16.55 -4.77
C GLU A 195 -16.31 15.19 -5.30
N GLU A 196 -17.15 15.16 -6.35
CA GLU A 196 -17.42 13.90 -7.04
C GLU A 196 -16.12 13.23 -7.45
N THR A 197 -15.27 13.96 -8.17
CA THR A 197 -14.06 13.41 -8.74
C THR A 197 -13.03 13.07 -7.67
N GLN A 198 -12.98 13.84 -6.58
CA GLN A 198 -12.09 13.47 -5.48
C GLN A 198 -12.50 12.11 -4.91
N SER A 199 -13.80 11.86 -4.80
CA SER A 199 -14.30 10.59 -4.32
C SER A 199 -13.94 9.44 -5.26
N LEU A 200 -14.16 9.63 -6.56
CA LEU A 200 -13.84 8.57 -7.51
C LEU A 200 -12.33 8.36 -7.61
N LEU A 201 -11.54 9.41 -7.43
CA LEU A 201 -10.09 9.24 -7.40
C LEU A 201 -9.63 8.44 -6.19
N LYS A 202 -10.05 8.85 -4.99
CA LYS A 202 -9.64 8.10 -3.81
C LYS A 202 -10.12 6.67 -3.89
N THR A 203 -11.35 6.44 -4.32
CA THR A 203 -11.88 5.09 -4.39
C THR A 203 -11.10 4.23 -5.36
N SER A 204 -10.84 4.73 -6.56
CA SER A 204 -10.15 3.92 -7.55
C SER A 204 -8.69 3.78 -7.21
N ALA A 205 -8.11 4.75 -6.50
CA ALA A 205 -6.72 4.61 -6.08
C ALA A 205 -6.57 3.48 -5.07
N ALA A 206 -7.49 3.42 -4.10
CA ALA A 206 -7.46 2.34 -3.11
C ALA A 206 -7.57 0.97 -3.77
N ASP A 207 -8.46 0.83 -4.75
CA ASP A 207 -8.55 -0.42 -5.50
C ASP A 207 -7.24 -0.76 -6.21
N PHE A 208 -6.57 0.21 -6.85
CA PHE A 208 -5.30 -0.18 -7.44
C PHE A 208 -4.27 -0.53 -6.39
N ASN A 209 -4.40 0.05 -5.21
CA ASN A 209 -3.49 -0.32 -4.15
C ASN A 209 -3.77 -1.77 -3.73
N ASN A 210 -5.05 -2.18 -3.80
CA ASN A 210 -5.46 -3.52 -3.39
C ASN A 210 -4.78 -4.60 -4.23
N GLN A 211 -4.42 -4.30 -5.49
CA GLN A 211 -3.73 -5.25 -6.35
C GLN A 211 -2.29 -4.87 -6.65
N THR A 212 -1.62 -4.07 -5.82
CA THR A 212 -0.18 -4.01 -5.96
C THR A 212 0.50 -5.34 -5.64
N PRO A 213 -0.01 -6.20 -4.75
CA PRO A 213 0.60 -7.54 -4.64
C PRO A 213 0.83 -8.21 -5.97
N GLN A 214 -0.20 -8.27 -6.83
CA GLN A 214 -0.05 -9.02 -8.07
C GLN A 214 0.94 -8.34 -9.03
N ILE A 215 1.14 -7.03 -8.92
CA ILE A 215 2.09 -6.35 -9.79
C ILE A 215 3.52 -6.54 -9.30
N ASN A 216 3.75 -6.59 -7.98
CA ASN A 216 5.06 -6.99 -7.48
C ASN A 216 5.38 -8.44 -7.86
N GLN A 217 4.38 -9.31 -7.83
CA GLN A 217 4.59 -10.68 -8.31
C GLN A 217 5.18 -10.66 -9.71
N ALA A 218 4.71 -9.74 -10.56
CA ALA A 218 5.20 -9.64 -11.94
C ALA A 218 6.56 -8.97 -12.03
N GLN A 219 6.83 -8.00 -11.17
CA GLN A 219 8.10 -7.29 -11.30
C GLN A 219 9.28 -8.15 -10.85
N ASN A 220 9.12 -8.86 -9.74
CA ASN A 220 10.20 -9.78 -9.33
C ASN A 220 10.28 -10.97 -10.27
N LEU A 221 9.17 -11.37 -10.89
CA LEU A 221 9.23 -12.43 -11.87
C LEU A 221 10.05 -12.00 -13.08
N ALA A 222 10.01 -10.73 -13.42
CA ALA A 222 10.85 -10.24 -14.51
C ALA A 222 12.32 -10.17 -14.08
N ASN A 223 12.59 -9.68 -12.85
CA ASN A 223 13.98 -9.59 -12.41
C ASN A 223 14.64 -10.96 -12.26
N THR A 224 13.92 -11.99 -11.81
CA THR A 224 14.54 -13.31 -11.76
C THR A 224 14.83 -13.81 -13.17
N LEU A 225 13.88 -13.59 -14.08
CA LEU A 225 14.08 -14.00 -15.47
C LEU A 225 15.28 -13.32 -16.09
N ILE A 226 15.50 -12.05 -15.75
CA ILE A 226 16.71 -11.36 -16.22
C ILE A 226 17.95 -11.96 -15.57
N GLN A 227 17.80 -12.36 -14.32
CA GLN A 227 18.88 -12.98 -13.57
C GLN A 227 19.34 -14.17 -14.37
N GLU A 228 18.38 -14.93 -14.90
CA GLU A 228 18.69 -16.05 -15.75
C GLU A 228 19.34 -17.20 -15.05
N SER A 249 8.72 -25.25 -12.86
CA SER A 249 9.47 -24.19 -12.18
C SER A 249 8.59 -22.94 -12.05
N LYS A 250 9.17 -21.84 -11.57
CA LYS A 250 8.50 -20.55 -11.51
C LYS A 250 8.94 -19.61 -12.63
N THR A 251 9.59 -20.16 -13.65
CA THR A 251 9.91 -19.39 -14.84
C THR A 251 9.31 -20.06 -16.08
N SER A 252 8.34 -20.94 -15.89
CA SER A 252 7.63 -21.54 -16.99
C SER A 252 6.90 -20.49 -17.81
N ALA A 253 6.57 -20.85 -19.06
CA ALA A 253 5.75 -19.98 -19.90
C ALA A 253 4.40 -19.67 -19.24
N GLN A 254 3.77 -20.67 -18.62
CA GLN A 254 2.53 -20.42 -17.88
C GLN A 254 2.69 -19.29 -16.87
N ALA A 255 3.75 -19.34 -16.07
CA ALA A 255 3.99 -18.27 -15.09
C ALA A 255 4.28 -16.93 -15.75
N ILE A 256 5.06 -16.93 -16.85
CA ILE A 256 5.35 -15.67 -17.53
C ILE A 256 4.05 -15.04 -18.04
N ASN A 257 3.25 -15.81 -18.77
CA ASN A 257 1.98 -15.33 -19.34
C ASN A 257 0.97 -14.87 -18.28
N GLN A 258 1.09 -15.37 -17.08
CA GLN A 258 0.30 -14.96 -15.96
C GLN A 258 0.69 -13.58 -15.48
N ALA A 259 1.97 -13.29 -15.35
CA ALA A 259 2.44 -11.96 -15.00
C ALA A 259 2.13 -10.94 -16.09
N VAL A 260 2.36 -11.35 -17.35
CA VAL A 260 2.06 -10.50 -18.51
C VAL A 260 0.57 -10.17 -18.56
N ASN A 261 -0.28 -11.17 -18.43
CA ASN A 261 -1.72 -10.90 -18.43
C ASN A 261 -2.14 -10.02 -17.25
N ASN A 262 -1.52 -10.17 -16.09
CA ASN A 262 -1.87 -9.32 -14.97
C ASN A 262 -1.51 -7.87 -15.25
N LEU A 263 -0.34 -7.64 -15.87
CA LEU A 263 0.15 -6.29 -16.10
C LEU A 263 -0.68 -5.60 -17.15
N ASN A 264 -1.15 -6.34 -18.15
CA ASN A 264 -1.96 -5.74 -19.20
C ASN A 264 -3.37 -5.38 -18.70
N GLU A 265 -3.96 -6.19 -17.87
CA GLU A 265 -5.25 -5.86 -17.36
C GLU A 265 -5.23 -4.64 -16.49
N ARG A 266 -4.27 -4.48 -15.63
CA ARG A 266 -4.27 -3.31 -14.77
C ARG A 266 -3.97 -2.10 -15.61
N ALA A 267 -3.09 -2.26 -16.60
CA ALA A 267 -2.70 -1.15 -17.45
C ALA A 267 -3.86 -0.71 -18.33
N LYS A 268 -4.63 -1.67 -18.87
CA LYS A 268 -5.77 -1.30 -19.71
C LYS A 268 -6.79 -0.48 -18.92
N THR A 269 -7.02 -0.84 -17.65
CA THR A 269 -7.96 -0.10 -16.81
C THR A 269 -7.38 1.24 -16.39
N LEU A 270 -6.08 1.27 -16.13
CA LEU A 270 -5.45 2.53 -15.74
C LEU A 270 -5.44 3.52 -16.91
N ALA A 271 -5.18 3.04 -18.13
CA ALA A 271 -5.07 3.87 -19.33
C ALA A 271 -6.41 4.13 -20.04
N GLY A 272 -7.30 3.14 -20.07
CA GLY A 272 -8.52 3.26 -20.87
C GLY A 272 -9.81 3.50 -20.09
N GLY A 273 -9.75 3.38 -18.76
CA GLY A 273 -10.91 3.56 -17.92
C GLY A 273 -11.24 4.99 -17.58
N THR A 274 -12.36 5.13 -16.87
CA THR A 274 -12.83 6.40 -16.36
C THR A 274 -13.06 6.28 -14.86
N THR A 275 -14.22 5.72 -14.48
CA THR A 275 -14.57 5.61 -13.06
C THR A 275 -13.53 4.81 -12.26
N ASN A 276 -13.02 3.72 -12.83
CA ASN A 276 -12.14 2.82 -12.11
C ASN A 276 -10.68 3.12 -12.36
N SER A 277 -10.37 4.21 -13.04
CA SER A 277 -8.99 4.55 -13.31
C SER A 277 -8.59 5.72 -12.44
N PRO A 278 -7.62 5.57 -11.54
CA PRO A 278 -7.17 6.73 -10.79
C PRO A 278 -6.35 7.68 -11.63
N ALA A 279 -5.76 7.20 -12.73
CA ALA A 279 -5.07 8.11 -13.66
C ALA A 279 -6.05 9.06 -14.33
N TYR A 280 -7.18 8.50 -14.77
CA TYR A 280 -8.22 9.27 -15.44
C TYR A 280 -8.85 10.24 -14.45
N GLN A 281 -9.20 9.75 -13.25
CA GLN A 281 -9.81 10.62 -12.26
C GLN A 281 -8.84 11.70 -11.79
N ALA A 282 -7.54 11.40 -11.76
CA ALA A 282 -6.59 12.42 -11.30
C ALA A 282 -6.43 13.53 -12.33
N THR A 283 -6.34 13.16 -13.60
CA THR A 283 -6.32 14.14 -14.67
C THR A 283 -7.57 14.99 -14.64
N LEU A 284 -8.73 14.35 -14.48
CA LEU A 284 -9.99 15.08 -14.47
C LEU A 284 -10.07 16.02 -13.28
N LEU A 285 -9.54 15.60 -12.14
CA LEU A 285 -9.55 16.48 -10.98
C LEU A 285 -8.65 17.68 -11.21
N ALA A 286 -7.51 17.48 -11.86
CA ALA A 286 -6.66 18.60 -12.21
C ALA A 286 -7.43 19.61 -13.05
N LEU A 287 -8.14 19.13 -14.06
CA LEU A 287 -8.86 20.02 -14.96
C LEU A 287 -10.02 20.68 -14.22
N ARG A 288 -10.82 19.90 -13.51
CA ARG A 288 -11.97 20.46 -12.80
C ARG A 288 -11.54 21.40 -11.67
N SER A 289 -10.37 21.17 -11.07
CA SER A 289 -9.90 22.11 -10.05
C SER A 289 -9.56 23.48 -10.64
N VAL A 290 -8.93 23.52 -11.82
CA VAL A 290 -8.57 24.78 -12.44
C VAL A 290 -9.82 25.51 -12.92
N LEU A 291 -10.82 24.75 -13.29
CA LEU A 291 -12.06 25.32 -13.70
C LEU A 291 -12.71 25.93 -12.49
N GLY A 292 -12.82 25.17 -11.42
CA GLY A 292 -13.45 25.67 -10.21
C GLY A 292 -12.68 26.83 -9.60
N LEU A 293 -11.34 26.80 -9.69
CA LEU A 293 -10.54 27.91 -9.19
C LEU A 293 -10.88 29.19 -9.92
N TRP A 294 -11.05 29.11 -11.24
CA TRP A 294 -11.38 30.31 -11.99
C TRP A 294 -12.79 30.78 -11.65
N ASN A 295 -13.74 29.85 -11.48
CA ASN A 295 -15.08 30.23 -11.07
C ASN A 295 -15.09 30.87 -9.69
N SER A 296 -14.17 30.48 -8.81
CA SER A 296 -14.26 30.91 -7.42
C SER A 296 -13.72 32.33 -7.22
N MET A 297 -12.65 32.69 -7.93
CA MET A 297 -11.99 33.96 -7.73
C MET A 297 -11.74 34.77 -9.02
N GLY A 298 -11.91 34.18 -10.20
CA GLY A 298 -11.51 34.85 -11.43
C GLY A 298 -12.23 36.15 -11.71
N TYR A 299 -13.49 36.28 -11.26
CA TYR A 299 -14.20 37.54 -11.43
C TYR A 299 -13.47 38.69 -10.77
N ALA A 300 -12.57 38.38 -9.82
CA ALA A 300 -11.92 39.38 -9.01
C ALA A 300 -10.56 39.84 -9.54
N VAL A 301 -10.10 39.35 -10.70
CA VAL A 301 -8.80 39.76 -11.22
C VAL A 301 -8.98 41.05 -12.01
N ILE A 302 -8.14 42.04 -11.71
CA ILE A 302 -8.11 43.29 -12.45
C ILE A 302 -7.47 43.06 -13.81
N CYS A 303 -8.16 43.47 -14.86
CA CYS A 303 -7.66 43.36 -16.22
C CYS A 303 -7.95 44.67 -16.95
N GLY A 304 -7.28 44.86 -18.07
CA GLY A 304 -7.34 46.14 -18.74
C GLY A 304 -6.10 46.98 -18.56
N GLY A 305 -5.01 46.37 -18.07
CA GLY A 305 -3.76 47.10 -17.94
C GLY A 305 -3.32 47.69 -19.26
N TYR A 306 -2.81 48.91 -19.16
CA TYR A 306 -2.38 49.67 -20.32
C TYR A 306 -1.14 49.10 -20.92
N THR A 307 -0.97 49.27 -22.21
CA THR A 307 0.10 48.53 -22.86
C THR A 307 1.39 49.34 -22.86
N LYS A 308 1.30 50.61 -23.25
CA LYS A 308 2.45 51.51 -23.28
C LYS A 308 2.03 52.87 -22.75
N SER A 309 1.08 53.52 -23.42
CA SER A 309 0.82 54.86 -22.90
C SER A 309 -0.48 54.88 -22.10
N PRO A 310 -0.55 55.69 -21.05
CA PRO A 310 -1.71 55.65 -20.15
C PRO A 310 -3.00 56.18 -20.75
N GLY A 311 -2.96 56.67 -21.98
CA GLY A 311 -4.12 57.30 -22.60
C GLY A 311 -4.97 56.44 -23.49
N GLU A 312 -4.40 55.35 -24.03
CA GLU A 312 -5.10 54.49 -24.99
C GLU A 312 -6.03 53.52 -24.28
N ASN A 313 -7.29 53.96 -24.14
CA ASN A 313 -8.39 53.23 -23.51
C ASN A 313 -8.87 52.04 -24.37
N ASN A 314 -8.08 50.98 -24.37
CA ASN A 314 -8.58 49.69 -24.80
C ASN A 314 -9.59 49.14 -23.78
N GLN A 315 -10.83 48.91 -24.21
CA GLN A 315 -11.81 48.19 -23.41
C GLN A 315 -12.36 47.03 -24.22
N LYS A 316 -12.58 45.92 -23.54
CA LYS A 316 -13.21 44.76 -24.13
C LYS A 316 -14.00 44.08 -23.03
N ASP A 317 -15.19 43.57 -23.35
CA ASP A 317 -15.95 42.76 -22.41
C ASP A 317 -15.82 41.31 -22.83
N PHE A 318 -15.74 40.42 -21.85
CA PHE A 318 -15.68 39.00 -22.17
C PHE A 318 -16.95 38.34 -21.65
N HIS A 319 -17.57 37.53 -22.49
CA HIS A 319 -18.89 37.01 -22.20
C HIS A 319 -18.73 35.60 -21.63
N TYR A 320 -19.47 35.32 -20.55
CA TYR A 320 -19.48 33.97 -20.00
C TYR A 320 -20.90 33.40 -19.99
N THR A 321 -21.02 32.08 -20.01
CA THR A 321 -22.33 31.44 -19.83
C THR A 321 -22.22 30.16 -19.00
N GLY A 327 -26.12 33.74 -18.28
CA GLY A 327 -25.13 34.56 -18.97
C GLY A 327 -24.56 35.69 -18.14
N THR A 328 -23.27 36.00 -18.33
CA THR A 328 -22.61 37.06 -17.58
C THR A 328 -21.50 37.70 -18.42
N THR A 329 -21.18 38.96 -18.11
CA THR A 329 -20.12 39.72 -18.77
C THR A 329 -19.10 40.27 -17.78
N ILE A 330 -17.82 40.20 -18.14
CA ILE A 330 -16.73 40.84 -17.40
C ILE A 330 -16.16 41.95 -18.28
N ASN A 331 -15.94 43.13 -17.69
CA ASN A 331 -15.31 44.25 -18.37
C ASN A 331 -13.83 44.34 -18.00
N CYS A 332 -12.99 44.68 -18.99
CA CYS A 332 -11.57 44.98 -18.78
C CYS A 332 -11.29 46.37 -19.36
N GLY A 333 -11.04 47.36 -18.50
CA GLY A 333 -10.71 48.71 -18.94
C GLY A 333 -11.73 49.76 -18.54
N GLY A 334 -12.99 49.37 -18.39
CA GLY A 334 -14.00 50.35 -17.99
C GLY A 334 -15.35 50.34 -18.68
N LEU A 350 -3.17 51.07 -13.23
CA LEU A 350 -3.66 51.13 -14.60
C LEU A 350 -2.79 50.25 -15.49
N LYS A 351 -1.52 50.09 -15.16
CA LYS A 351 -0.61 49.37 -16.03
C LYS A 351 -0.71 47.86 -15.88
N ALA A 352 -0.37 47.16 -16.95
CA ALA A 352 -0.35 45.69 -16.99
C ALA A 352 1.06 45.23 -16.67
N ASP A 353 1.22 44.49 -15.56
CA ASP A 353 2.54 43.99 -15.13
C ASP A 353 2.34 43.06 -13.94
N LYS A 354 3.41 42.43 -13.50
CA LYS A 354 3.29 41.56 -12.37
C LYS A 354 2.85 42.34 -11.17
N ASN A 355 2.03 41.73 -10.36
CA ASN A 355 1.57 42.26 -9.10
C ASN A 355 0.66 43.47 -9.30
N VAL A 356 0.20 43.74 -10.53
CA VAL A 356 -0.71 44.85 -10.71
C VAL A 356 -1.87 44.47 -11.62
N SER A 357 -1.63 44.26 -12.92
CA SER A 357 -2.79 43.98 -13.76
C SER A 357 -2.45 42.99 -14.89
N LEU A 358 -3.50 42.35 -15.41
CA LEU A 358 -3.40 41.60 -16.65
C LEU A 358 -3.71 42.49 -17.84
N SER A 359 -2.99 42.27 -18.94
CA SER A 359 -3.31 42.89 -20.21
C SER A 359 -4.57 42.27 -20.83
N ILE A 360 -5.14 42.99 -21.80
CA ILE A 360 -6.27 42.49 -22.57
C ILE A 360 -5.92 41.18 -23.27
N GLU A 361 -4.75 41.14 -23.94
CA GLU A 361 -4.32 39.91 -24.61
C GLU A 361 -4.23 38.76 -23.62
N GLN A 362 -3.70 39.05 -22.43
CA GLN A 362 -3.61 38.05 -21.38
C GLN A 362 -4.99 37.59 -20.94
N TYR A 363 -5.91 38.50 -20.73
CA TYR A 363 -7.25 38.10 -20.39
C TYR A 363 -7.87 37.38 -21.57
N GLU A 364 -7.61 37.84 -22.79
CA GLU A 364 -8.08 37.10 -23.95
C GLU A 364 -7.68 35.64 -23.88
N LYS A 365 -6.44 35.34 -23.48
CA LYS A 365 -6.00 33.95 -23.53
C LYS A 365 -6.68 33.12 -22.43
N ILE A 366 -6.70 33.64 -21.20
CA ILE A 366 -7.37 32.95 -20.09
C ILE A 366 -8.82 32.63 -20.46
N HIS A 367 -9.50 33.62 -21.04
CA HIS A 367 -10.92 33.49 -21.36
C HIS A 367 -11.15 32.50 -22.49
N GLU A 368 -10.29 32.50 -23.51
CA GLU A 368 -10.37 31.46 -24.53
C GLU A 368 -10.11 30.07 -23.94
N ALA A 369 -9.07 29.96 -23.11
CA ALA A 369 -8.72 28.69 -22.47
C ALA A 369 -9.82 28.23 -21.52
N TYR A 370 -10.45 29.14 -20.82
CA TYR A 370 -11.54 28.77 -19.97
C TYR A 370 -12.75 28.28 -20.74
N GLN A 371 -13.11 28.95 -21.84
CA GLN A 371 -14.25 28.54 -22.64
C GLN A 371 -14.04 27.18 -23.31
N ILE A 372 -12.81 26.85 -23.69
CA ILE A 372 -12.55 25.52 -24.24
C ILE A 372 -12.67 24.48 -23.14
N LEU A 373 -12.02 24.74 -22.01
CA LEU A 373 -12.04 23.80 -20.90
C LEU A 373 -13.48 23.57 -20.45
N SER A 374 -14.22 24.64 -20.24
CA SER A 374 -15.63 24.52 -19.86
C SER A 374 -16.42 23.71 -20.91
N LYS A 375 -16.26 24.02 -22.18
CA LYS A 375 -17.10 23.34 -23.16
C LYS A 375 -16.75 21.87 -23.25
N ALA A 376 -15.45 21.55 -23.27
CA ALA A 376 -15.04 20.16 -23.42
C ALA A 376 -15.59 19.30 -22.29
N LEU A 377 -15.37 19.70 -21.06
CA LEU A 377 -15.83 18.92 -19.94
C LEU A 377 -17.32 18.79 -19.85
N LYS A 378 -18.05 19.85 -20.06
CA LYS A 378 -19.48 19.81 -20.00
C LYS A 378 -20.20 19.02 -21.10
N GLN A 379 -19.73 19.17 -22.32
CA GLN A 379 -20.34 18.52 -23.46
C GLN A 379 -19.93 17.11 -23.82
N ALA A 380 -18.67 16.80 -23.64
CA ALA A 380 -18.12 15.51 -23.99
C ALA A 380 -17.28 14.87 -22.88
N GLY A 381 -16.97 15.61 -21.82
CA GLY A 381 -16.13 15.07 -20.79
C GLY A 381 -14.72 14.85 -21.31
N LEU A 382 -13.86 14.42 -20.41
CA LEU A 382 -12.49 14.12 -20.75
C LEU A 382 -12.42 12.78 -21.48
N ALA A 383 -11.71 12.74 -22.61
CA ALA A 383 -11.59 11.50 -23.32
C ALA A 383 -10.70 10.57 -22.52
N PRO A 384 -10.94 9.26 -22.57
CA PRO A 384 -10.03 8.31 -21.92
C PRO A 384 -8.59 8.59 -22.33
N LEU A 385 -7.67 8.44 -21.38
CA LEU A 385 -6.28 8.90 -21.60
C LEU A 385 -5.63 8.25 -22.81
N ASN A 386 -6.06 7.05 -23.21
CA ASN A 386 -5.50 6.48 -24.43
C ASN A 386 -6.39 6.70 -25.65
N SER A 387 -7.53 7.37 -25.50
CA SER A 387 -8.34 7.82 -26.62
C SER A 387 -7.73 9.06 -27.28
N LYS A 388 -8.18 9.37 -28.49
CA LYS A 388 -7.70 10.57 -29.15
C LYS A 388 -8.73 11.69 -29.23
N GLY A 389 -9.97 11.45 -28.83
CA GLY A 389 -10.77 12.60 -28.49
C GLY A 389 -11.79 13.03 -29.50
N GLU A 390 -13.01 13.26 -29.02
CA GLU A 390 -14.05 13.78 -29.86
C GLU A 390 -13.68 15.19 -30.29
N LYS A 391 -14.11 15.57 -31.48
CA LYS A 391 -13.97 16.95 -31.92
C LYS A 391 -15.16 17.73 -31.38
N LEU A 392 -14.96 19.02 -31.11
CA LEU A 392 -16.08 19.83 -30.64
C LEU A 392 -15.78 21.30 -30.88
N GLU A 393 -16.85 22.11 -30.88
CA GLU A 393 -16.76 23.54 -31.13
C GLU A 393 -16.99 24.29 -29.83
N ALA A 394 -16.06 25.17 -29.48
CA ALA A 394 -16.24 26.08 -28.36
C ALA A 394 -16.46 27.48 -28.89
N HIS A 395 -17.37 28.20 -28.27
CA HIS A 395 -17.73 29.57 -28.61
C HIS A 395 -17.07 30.55 -27.66
N VAL A 396 -16.28 31.45 -28.22
CA VAL A 396 -15.57 32.43 -27.42
C VAL A 396 -16.08 33.81 -27.87
N THR A 397 -16.87 34.45 -27.03
CA THR A 397 -17.61 35.64 -27.37
C THR A 397 -17.08 36.85 -26.62
N THR A 398 -16.78 37.92 -27.34
CA THR A 398 -16.36 39.15 -26.71
C THR A 398 -17.15 40.28 -27.35
N SER A 399 -17.03 41.48 -26.78
CA SER A 399 -17.75 42.64 -27.31
C SER A 399 -16.93 43.88 -27.04
N LYS A 400 -17.07 44.87 -27.90
CA LYS A 400 -16.41 46.16 -27.70
C LYS A 400 -17.35 47.25 -28.20
N PRO A 401 -17.28 48.43 -27.64
CA PRO A 401 -18.09 49.54 -28.16
C PRO A 401 -17.53 50.06 -29.48
N SER A 402 -18.41 50.43 -30.40
CA SER A 402 -18.04 50.97 -31.72
C SER A 402 -19.04 52.04 -32.14
N LEU A 403 -18.67 52.76 -33.19
CA LEU A 403 -19.45 53.88 -33.71
C LEU A 403 -19.28 53.92 -35.23
N ARG A 404 -20.38 54.13 -35.96
CA ARG A 404 -20.34 54.27 -37.42
C ARG A 404 -20.81 55.66 -37.83
N LEU A 405 -19.98 56.36 -38.58
CA LEU A 405 -20.35 57.61 -39.23
C LEU A 405 -20.61 57.31 -40.70
N SER A 406 -21.56 58.01 -41.27
CA SER A 406 -21.86 57.86 -42.68
C SER A 406 -22.02 59.22 -43.33
N CYS A 407 -21.72 59.30 -44.60
CA CYS A 407 -21.81 60.53 -45.34
C CYS A 407 -22.42 60.24 -46.68
N ALA A 408 -23.52 60.90 -47.01
CA ALA A 408 -24.14 60.65 -48.29
C ALA A 408 -24.06 61.84 -49.21
N ALA A 409 -23.81 61.57 -50.48
CA ALA A 409 -23.73 62.60 -51.51
C ALA A 409 -25.03 62.72 -52.29
N SER A 410 -25.40 63.95 -52.63
CA SER A 410 -26.52 64.22 -53.53
C SER A 410 -26.03 64.37 -54.98
N SER A 415 -18.75 63.02 -60.43
CA SER A 415 -17.47 62.35 -60.62
C SER A 415 -16.61 62.52 -59.40
N THR A 416 -16.24 61.43 -58.77
CA THR A 416 -15.45 61.46 -57.56
C THR A 416 -14.23 60.63 -57.68
N ALA A 417 -13.15 61.11 -57.13
CA ALA A 417 -11.93 60.38 -57.14
C ALA A 417 -11.62 59.94 -55.75
N ALA A 418 -12.03 60.71 -54.77
CA ALA A 418 -11.64 60.38 -53.41
C ALA A 418 -12.64 60.99 -52.43
N MET A 419 -12.96 60.23 -51.40
CA MET A 419 -13.66 60.78 -50.25
C MET A 419 -12.84 60.50 -49.01
N GLY A 420 -12.91 61.42 -48.08
CA GLY A 420 -12.13 61.34 -46.86
C GLY A 420 -12.93 61.87 -45.69
N TRP A 421 -12.39 61.68 -44.52
CA TRP A 421 -12.97 62.15 -43.30
C TRP A 421 -11.95 62.98 -42.62
N PHE A 422 -12.39 64.10 -42.09
CA PHE A 422 -11.53 64.99 -41.38
C PHE A 422 -12.19 65.28 -40.04
N ARG A 423 -11.44 65.65 -39.06
CA ARG A 423 -12.03 65.93 -37.79
C ARG A 423 -11.46 67.17 -37.23
N GLN A 424 -12.19 67.84 -36.38
CA GLN A 424 -11.74 69.11 -35.84
C GLN A 424 -12.10 69.16 -34.38
N ALA A 425 -11.09 69.11 -33.53
CA ALA A 425 -11.35 69.37 -32.13
C ALA A 425 -11.59 70.87 -31.96
N PRO A 426 -12.42 71.27 -31.02
CA PRO A 426 -12.73 72.69 -30.86
C PRO A 426 -11.48 73.54 -30.70
N GLY A 427 -11.28 74.49 -31.61
CA GLY A 427 -10.15 75.39 -31.55
C GLY A 427 -8.93 74.93 -32.32
N LYS A 428 -8.99 73.79 -33.00
CA LYS A 428 -7.85 73.19 -33.68
C LYS A 428 -8.12 73.13 -35.17
N GLU A 429 -7.07 72.88 -35.94
CA GLU A 429 -7.19 72.75 -37.38
C GLU A 429 -7.84 71.41 -37.71
N ARG A 430 -8.49 71.33 -38.88
CA ARG A 430 -8.99 70.04 -39.34
C ARG A 430 -7.80 69.15 -39.65
N ASP A 431 -7.87 67.94 -39.15
CA ASP A 431 -6.82 66.96 -39.32
C ASP A 431 -7.41 65.82 -40.07
N PHE A 432 -6.69 65.34 -41.07
CA PHE A 432 -7.13 64.20 -41.86
C PHE A 432 -7.24 62.96 -40.96
N VAL A 433 -8.22 62.12 -41.26
CA VAL A 433 -8.41 60.89 -40.48
C VAL A 433 -8.27 59.69 -41.39
N ALA A 434 -9.10 59.60 -42.43
CA ALA A 434 -9.08 58.41 -43.29
C ALA A 434 -9.67 58.72 -44.65
N GLY A 435 -9.19 58.02 -45.67
CA GLY A 435 -9.57 58.34 -47.03
C GLY A 435 -9.75 57.08 -47.85
N ILE A 436 -10.57 57.18 -48.90
CA ILE A 436 -10.83 56.03 -49.76
C ILE A 436 -10.84 56.44 -51.23
N TYR A 437 -10.08 55.72 -52.06
CA TYR A 437 -10.15 55.95 -53.49
C TYR A 437 -11.52 55.52 -53.97
N TRP A 438 -12.19 56.38 -54.74
CA TRP A 438 -13.61 56.15 -54.97
C TRP A 438 -13.86 54.92 -55.83
N THR A 439 -13.10 54.74 -56.91
CA THR A 439 -13.37 53.63 -57.82
C THR A 439 -12.85 52.29 -57.29
N VAL A 440 -11.56 52.23 -56.95
CA VAL A 440 -10.96 50.96 -56.52
C VAL A 440 -11.25 50.60 -55.07
N GLY A 441 -11.50 51.58 -54.19
CA GLY A 441 -11.73 51.31 -52.77
C GLY A 441 -10.48 51.16 -51.93
N SER A 442 -9.32 51.51 -52.48
CA SER A 442 -8.07 51.58 -51.71
C SER A 442 -8.19 52.65 -50.63
N THR A 443 -7.51 52.43 -49.53
CA THR A 443 -7.71 53.24 -48.34
C THR A 443 -6.40 53.82 -47.86
N TYR A 444 -6.49 54.98 -47.24
CA TYR A 444 -5.31 55.61 -46.66
C TYR A 444 -5.68 56.24 -45.32
N TYR A 445 -4.85 56.01 -44.30
CA TYR A 445 -5.21 56.36 -42.93
C TYR A 445 -4.17 57.23 -42.25
N ALA A 446 -4.67 58.18 -41.49
CA ALA A 446 -3.87 59.01 -40.60
C ALA A 446 -3.36 58.17 -39.44
N ASP A 447 -2.45 58.74 -38.65
CA ASP A 447 -1.98 58.04 -37.46
C ASP A 447 -3.10 57.83 -36.43
N SER A 448 -3.96 58.84 -36.24
CA SER A 448 -5.06 58.68 -35.30
C SER A 448 -5.99 57.51 -35.68
N ALA A 449 -6.13 57.21 -36.97
CA ALA A 449 -7.02 56.12 -37.38
C ALA A 449 -6.34 54.75 -37.38
N LYS A 450 -5.01 54.72 -37.52
CA LYS A 450 -4.20 53.52 -37.63
C LYS A 450 -4.61 52.44 -36.64
N GLY A 451 -5.23 51.37 -37.14
CA GLY A 451 -5.53 50.22 -36.30
C GLY A 451 -6.87 50.27 -35.56
N ARG A 452 -7.62 51.37 -35.65
CA ARG A 452 -8.88 51.53 -34.92
C ARG A 452 -10.06 51.89 -35.82
N PHE A 453 -9.83 52.69 -36.87
CA PHE A 453 -10.88 53.18 -37.75
C PHE A 453 -10.82 52.45 -39.08
N THR A 454 -11.97 52.28 -39.71
CA THR A 454 -12.07 51.64 -41.02
C THR A 454 -12.99 52.45 -41.90
N ILE A 455 -12.50 52.80 -43.10
CA ILE A 455 -13.25 53.53 -44.12
C ILE A 455 -13.69 52.57 -45.23
N SER A 456 -14.85 52.86 -45.82
CA SER A 456 -15.51 52.07 -46.85
C SER A 456 -16.48 52.98 -47.58
N ARG A 457 -16.95 52.52 -48.69
CA ARG A 457 -17.75 53.31 -49.52
C ARG A 457 -18.77 52.45 -50.20
N ASP A 458 -19.95 52.99 -50.44
CA ASP A 458 -20.97 52.28 -51.20
C ASP A 458 -21.10 53.14 -52.45
N ASN A 459 -20.53 52.67 -53.55
CA ASN A 459 -20.57 53.45 -54.78
C ASN A 459 -21.98 53.52 -55.33
N ALA A 460 -22.77 52.46 -55.12
CA ALA A 460 -24.15 52.50 -55.58
C ALA A 460 -24.93 53.60 -54.85
N LYS A 461 -24.87 53.61 -53.52
CA LYS A 461 -25.60 54.61 -52.75
C LYS A 461 -24.87 55.96 -52.66
N ASN A 462 -23.66 56.08 -53.21
CA ASN A 462 -22.85 57.30 -53.06
C ASN A 462 -22.68 57.67 -51.60
N THR A 463 -22.17 56.72 -50.84
CA THR A 463 -22.02 56.85 -49.40
C THR A 463 -20.63 56.38 -49.01
N VAL A 464 -19.98 57.12 -48.12
CA VAL A 464 -18.74 56.70 -47.47
C VAL A 464 -19.05 56.49 -46.00
N TYR A 465 -18.31 55.57 -45.38
CA TYR A 465 -18.53 55.16 -44.01
C TYR A 465 -17.22 55.24 -43.23
N LEU A 466 -17.34 55.50 -41.93
CA LEU A 466 -16.20 55.48 -41.03
C LEU A 466 -16.61 54.67 -39.80
N GLN A 467 -16.09 53.47 -39.69
CA GLN A 467 -16.38 52.61 -38.55
C GLN A 467 -15.30 52.88 -37.52
N MET A 468 -15.70 53.32 -36.33
CA MET A 468 -14.75 53.78 -35.32
C MET A 468 -14.81 52.83 -34.16
N ASP A 469 -13.71 52.14 -33.92
CA ASP A 469 -13.59 51.17 -32.85
C ASP A 469 -12.57 51.64 -31.83
N SER A 470 -12.68 51.13 -30.61
CA SER A 470 -11.77 51.48 -29.53
C SER A 470 -11.60 53.00 -29.42
N LEU A 471 -12.71 53.68 -29.15
CA LEU A 471 -12.69 55.14 -29.00
C LEU A 471 -11.97 55.56 -27.73
N LYS A 472 -11.43 56.77 -27.79
CA LYS A 472 -10.70 57.44 -26.70
C LYS A 472 -11.17 58.86 -26.61
N PRO A 473 -10.98 59.49 -25.46
CA PRO A 473 -11.49 60.87 -25.33
C PRO A 473 -10.83 61.86 -26.28
N GLU A 474 -9.58 61.60 -26.69
CA GLU A 474 -8.90 62.44 -27.67
C GLU A 474 -9.59 62.43 -29.01
N ASP A 475 -10.52 61.50 -29.23
CA ASP A 475 -11.31 61.43 -30.47
C ASP A 475 -12.50 62.39 -30.52
N THR A 476 -12.80 63.11 -29.45
CA THR A 476 -13.92 64.04 -29.48
C THR A 476 -13.62 65.21 -30.42
N ALA A 477 -14.44 65.34 -31.46
CA ALA A 477 -14.28 66.38 -32.46
C ALA A 477 -15.57 66.46 -33.26
N VAL A 478 -15.68 67.49 -34.08
CA VAL A 478 -16.61 67.47 -35.21
C VAL A 478 -15.94 66.75 -36.36
N TYR A 479 -16.62 65.77 -36.96
CA TYR A 479 -16.01 65.09 -38.10
C TYR A 479 -16.71 65.52 -39.38
N TYR A 480 -15.94 65.74 -40.42
CA TYR A 480 -16.47 66.16 -41.67
C TYR A 480 -16.08 65.28 -42.82
N CYS A 481 -16.99 64.90 -43.68
CA CYS A 481 -16.57 64.19 -44.88
C CYS A 481 -16.33 65.18 -46.02
N ALA A 482 -15.45 64.79 -46.93
CA ALA A 482 -15.06 65.66 -48.01
C ALA A 482 -14.92 64.84 -49.28
N ALA A 483 -15.11 65.50 -50.40
CA ALA A 483 -14.93 64.82 -51.66
C ALA A 483 -13.99 65.65 -52.49
N ARG A 484 -13.19 64.94 -53.26
CA ARG A 484 -12.26 65.47 -54.24
C ARG A 484 -12.74 64.96 -55.60
N ARG A 485 -12.82 65.83 -56.58
CA ARG A 485 -13.34 65.40 -57.86
C ARG A 485 -12.25 65.00 -58.84
N ARG A 486 -11.04 65.55 -58.76
CA ARG A 486 -10.02 65.18 -59.73
C ARG A 486 -9.04 64.17 -59.16
N GLY A 487 -8.41 63.41 -60.05
CA GLY A 487 -7.48 62.34 -59.72
C GLY A 487 -6.25 62.89 -59.00
N PHE A 488 -5.35 62.02 -58.59
CA PHE A 488 -4.20 62.42 -57.83
C PHE A 488 -3.15 61.33 -57.85
N THR A 489 -1.94 61.64 -57.41
CA THR A 489 -0.92 60.60 -57.26
C THR A 489 -0.69 60.31 -55.79
N LEU A 490 -0.32 61.32 -55.03
CA LEU A 490 -0.22 61.15 -53.61
C LEU A 490 -1.64 61.29 -53.01
N ALA A 491 -2.01 60.35 -52.16
CA ALA A 491 -3.36 60.39 -51.60
C ALA A 491 -3.60 61.73 -50.90
N PRO A 492 -4.72 62.38 -51.16
CA PRO A 492 -4.95 63.69 -50.56
C PRO A 492 -5.26 63.69 -49.08
N THR A 493 -4.48 64.46 -48.31
CA THR A 493 -4.65 64.52 -46.88
C THR A 493 -4.79 65.93 -46.35
N ARG A 494 -4.91 66.90 -47.21
CA ARG A 494 -5.03 68.26 -46.77
C ARG A 494 -6.41 68.76 -47.13
N ALA A 495 -6.98 69.61 -46.31
CA ALA A 495 -8.33 70.06 -46.58
C ALA A 495 -8.44 70.77 -47.93
N ASN A 496 -7.38 71.46 -48.35
CA ASN A 496 -7.45 72.25 -49.59
C ASN A 496 -7.41 71.38 -50.84
N GLU A 497 -7.23 70.07 -50.70
CA GLU A 497 -7.20 69.11 -51.78
C GLU A 497 -8.53 68.40 -51.96
N TYR A 498 -9.53 68.89 -51.26
CA TYR A 498 -10.87 68.38 -51.38
C TYR A 498 -11.72 69.57 -51.82
N ASP A 499 -12.85 69.26 -52.44
CA ASP A 499 -13.70 70.25 -53.08
C ASP A 499 -15.05 70.41 -52.37
N TYR A 500 -15.59 69.36 -51.76
CA TYR A 500 -16.90 69.41 -51.14
C TYR A 500 -16.76 69.01 -49.69
N TRP A 501 -17.65 69.54 -48.85
CA TRP A 501 -17.60 69.28 -47.43
C TRP A 501 -19.00 69.21 -46.90
N GLY A 502 -19.29 68.23 -46.05
CA GLY A 502 -20.51 68.29 -45.28
C GLY A 502 -20.33 69.30 -44.17
N GLN A 503 -21.36 69.52 -43.38
CA GLN A 503 -21.11 70.46 -42.32
C GLN A 503 -20.84 69.84 -40.96
N GLY A 504 -20.58 68.53 -40.91
CA GLY A 504 -20.04 67.90 -39.72
C GLY A 504 -21.01 67.26 -38.76
N THR A 505 -20.63 66.15 -38.15
CA THR A 505 -21.37 65.57 -37.03
C THR A 505 -20.49 65.55 -35.80
N GLN A 506 -21.05 65.97 -34.67
CA GLN A 506 -20.33 65.95 -33.41
C GLN A 506 -20.18 64.53 -32.89
N VAL A 507 -18.95 64.17 -32.52
CA VAL A 507 -18.68 62.90 -31.87
C VAL A 507 -18.08 63.25 -30.52
N THR A 508 -18.75 62.85 -29.45
CA THR A 508 -18.24 62.97 -28.09
C THR A 508 -18.03 61.58 -27.51
N VAL A 509 -16.90 61.41 -26.82
CA VAL A 509 -16.59 60.18 -26.13
C VAL A 509 -16.13 60.53 -24.73
N SER A 510 -16.64 59.83 -23.73
CA SER A 510 -16.28 60.05 -22.35
C SER A 510 -15.78 58.74 -21.75
N SER A 511 -14.90 58.84 -20.76
CA SER A 511 -14.25 57.67 -20.17
C SER A 511 -14.43 57.61 -18.65
N VAL B 2 64.10 -3.09 7.79
CA VAL B 2 62.75 -3.48 8.18
C VAL B 2 62.15 -4.50 7.22
N GLN B 3 61.45 -5.50 7.77
CA GLN B 3 60.96 -6.61 6.98
C GLN B 3 59.54 -6.97 7.40
N LEU B 4 58.72 -7.29 6.41
CA LEU B 4 57.36 -7.78 6.61
C LEU B 4 57.28 -9.24 6.18
N VAL B 5 56.84 -10.13 7.08
CA VAL B 5 56.68 -11.53 6.76
C VAL B 5 55.22 -11.92 7.03
N GLU B 6 54.47 -12.22 5.96
CA GLU B 6 53.07 -12.69 6.01
C GLU B 6 52.99 -14.14 6.44
N SER B 7 52.12 -14.43 7.41
CA SER B 7 51.86 -15.79 7.87
C SER B 7 50.40 -16.17 7.60
N GLY B 8 50.20 -17.29 6.91
CA GLY B 8 48.87 -17.83 6.74
C GLY B 8 48.31 -18.36 8.06
N GLY B 9 47.12 -18.94 7.98
CA GLY B 9 46.53 -19.63 9.13
C GLY B 9 45.83 -20.93 8.81
N GLY B 10 45.47 -21.12 7.54
CA GLY B 10 44.69 -22.27 7.14
C GLY B 10 43.24 -22.12 7.58
N LEU B 11 42.34 -22.78 6.88
CA LEU B 11 40.93 -22.69 7.24
C LEU B 11 40.69 -23.24 8.64
N VAL B 12 40.09 -22.41 9.48
CA VAL B 12 39.70 -22.72 10.83
C VAL B 12 38.20 -22.47 10.94
N ARG B 13 37.58 -23.10 11.93
CA ARG B 13 36.15 -22.94 12.18
C ARG B 13 35.96 -21.98 13.35
N LYS B 14 35.31 -20.84 13.09
CA LYS B 14 34.96 -19.91 14.18
C LYS B 14 33.54 -20.21 14.65
N THR B 15 33.42 -20.80 15.83
CA THR B 15 32.13 -21.06 16.44
C THR B 15 31.65 -19.84 17.24
N THR B 16 30.35 -19.53 17.17
CA THR B 16 29.73 -18.52 18.02
C THR B 16 28.44 -19.07 18.61
N THR B 17 28.10 -18.56 19.80
CA THR B 17 26.87 -18.91 20.50
C THR B 17 26.18 -17.58 20.83
N SER B 18 24.90 -17.49 20.54
CA SER B 18 24.08 -16.38 20.96
C SER B 18 23.34 -16.86 22.20
N VAL B 19 23.56 -16.19 23.34
CA VAL B 19 22.87 -16.55 24.57
C VAL B 19 21.61 -15.69 24.68
N ILE B 20 20.46 -16.30 24.45
CA ILE B 20 19.21 -15.56 24.34
C ILE B 20 18.43 -15.65 25.65
N ASP B 21 18.05 -14.49 26.17
CA ASP B 21 17.13 -14.41 27.30
C ASP B 21 15.73 -14.64 26.79
N THR B 22 15.05 -15.65 27.33
CA THR B 22 13.68 -15.91 26.90
C THR B 22 12.88 -16.45 28.09
N THR B 23 11.62 -16.81 27.83
CA THR B 23 10.74 -17.29 28.89
C THR B 23 9.97 -18.50 28.38
N ASN B 24 9.38 -19.22 29.33
CA ASN B 24 8.59 -20.42 29.00
C ASN B 24 7.08 -20.16 29.03
N ASP B 25 6.64 -18.91 28.92
CA ASP B 25 5.21 -18.66 28.82
C ASP B 25 4.70 -19.16 27.46
N ALA B 26 3.41 -19.50 27.41
CA ALA B 26 2.90 -20.15 26.21
C ALA B 26 2.97 -19.21 25.01
N GLN B 27 2.73 -17.92 25.24
CA GLN B 27 2.75 -16.98 24.12
C GLN B 27 4.11 -16.96 23.45
N ASN B 28 5.19 -16.88 24.25
CA ASN B 28 6.51 -16.89 23.64
C ASN B 28 6.74 -18.18 22.88
N LEU B 29 6.46 -19.33 23.53
CA LEU B 29 6.82 -20.61 22.92
C LEU B 29 5.96 -20.88 21.68
N LEU B 30 4.70 -20.47 21.70
CA LEU B 30 3.87 -20.65 20.51
C LEU B 30 4.42 -19.82 19.36
N THR B 31 4.96 -18.64 19.66
CA THR B 31 5.61 -17.82 18.65
C THR B 31 6.86 -18.49 18.09
N GLN B 32 7.67 -19.12 18.94
CA GLN B 32 8.79 -19.88 18.40
C GLN B 32 8.28 -21.03 17.56
N ALA B 33 7.18 -21.65 17.99
CA ALA B 33 6.66 -22.80 17.27
C ALA B 33 6.14 -22.41 15.90
N GLN B 34 5.55 -21.24 15.80
CA GLN B 34 5.07 -20.77 14.51
C GLN B 34 6.17 -20.48 13.51
N THR B 35 7.24 -19.88 13.98
CA THR B 35 8.37 -19.63 13.09
C THR B 35 8.81 -20.91 12.42
N ILE B 36 8.80 -22.03 13.15
CA ILE B 36 9.19 -23.30 12.55
C ILE B 36 8.15 -23.78 11.53
N VAL B 37 6.87 -23.74 11.88
CA VAL B 37 5.86 -24.29 10.98
C VAL B 37 5.57 -23.33 9.83
N ASN B 38 5.39 -22.05 10.13
CA ASN B 38 5.09 -21.13 9.03
C ASN B 38 6.22 -21.12 8.00
N THR B 39 7.46 -21.28 8.42
CA THR B 39 8.53 -21.30 7.42
C THR B 39 8.37 -22.49 6.49
N LEU B 40 8.24 -23.68 7.05
CA LEU B 40 8.10 -24.88 6.22
C LEU B 40 6.84 -24.82 5.38
N LYS B 41 5.71 -24.47 6.02
CA LYS B 41 4.42 -24.47 5.33
C LYS B 41 4.39 -23.43 4.21
N ASP B 42 5.08 -22.31 4.39
CA ASP B 42 5.07 -21.26 3.38
C ASP B 42 6.12 -21.48 2.30
N TYR B 43 7.27 -22.08 2.62
CA TYR B 43 8.35 -22.11 1.63
C TYR B 43 8.69 -23.49 1.09
N CYS B 44 8.19 -24.56 1.71
CA CYS B 44 8.20 -25.89 1.13
C CYS B 44 9.55 -26.34 0.56
N PRO B 45 10.63 -26.19 1.34
CA PRO B 45 11.95 -26.50 0.79
C PRO B 45 12.02 -27.95 0.36
N ILE B 46 12.83 -28.20 -0.66
CA ILE B 46 13.02 -29.55 -1.16
C ILE B 46 13.64 -30.43 -0.07
N LEU B 47 13.27 -31.70 -0.05
CA LEU B 47 13.90 -32.64 0.86
C LEU B 47 15.08 -33.33 0.19
N ILE B 48 16.07 -33.71 1.00
CA ILE B 48 17.34 -34.27 0.53
C ILE B 48 17.14 -35.73 0.22
N ALA B 49 17.78 -36.24 -0.83
CA ALA B 49 17.59 -37.64 -1.18
C ALA B 49 18.53 -38.60 -0.44
N ASN B 62 17.42 -48.50 5.87
CA ASN B 62 17.30 -47.73 7.11
C ASN B 62 16.98 -46.24 6.79
N THR B 63 16.56 -46.00 5.56
CA THR B 63 16.07 -44.69 5.13
C THR B 63 14.57 -44.64 5.33
N PRO B 64 14.03 -43.67 6.06
CA PRO B 64 12.60 -43.67 6.34
C PRO B 64 11.77 -43.55 5.08
N SER B 65 10.53 -44.04 5.18
CA SER B 65 9.68 -44.18 3.99
C SER B 65 9.41 -42.84 3.33
N TRP B 66 9.15 -41.80 4.12
CA TRP B 66 8.81 -40.52 3.53
C TRP B 66 9.97 -39.92 2.75
N GLN B 67 11.21 -40.30 3.07
CA GLN B 67 12.32 -39.71 2.34
C GLN B 67 12.53 -40.40 1.00
N THR B 68 12.30 -41.71 0.92
CA THR B 68 12.36 -42.36 -0.38
C THR B 68 11.30 -41.77 -1.30
N ALA B 69 10.07 -41.63 -0.81
CA ALA B 69 9.02 -41.01 -1.62
C ALA B 69 9.30 -39.54 -1.85
N GLY B 70 9.59 -38.80 -0.78
CA GLY B 70 9.73 -37.36 -0.84
C GLY B 70 11.05 -36.85 -1.36
N GLY B 71 12.10 -37.67 -1.32
CA GLY B 71 13.43 -37.28 -1.76
C GLY B 71 13.45 -36.48 -3.04
N GLY B 72 13.99 -35.26 -2.99
CA GLY B 72 14.14 -34.43 -4.16
C GLY B 72 12.91 -33.66 -4.58
N LYS B 73 11.82 -33.77 -3.84
CA LYS B 73 10.59 -33.07 -4.11
C LYS B 73 10.37 -32.00 -3.05
N ASN B 74 9.52 -31.02 -3.32
CA ASN B 74 9.31 -30.00 -2.32
C ASN B 74 8.61 -30.67 -1.13
N SER B 75 8.88 -30.14 0.07
CA SER B 75 8.42 -30.82 1.28
C SER B 75 6.89 -30.83 1.41
N CYS B 76 6.21 -29.83 0.85
CA CYS B 76 4.76 -29.73 0.95
C CYS B 76 4.03 -30.79 0.13
N ALA B 77 4.68 -31.34 -0.91
CA ALA B 77 4.11 -32.49 -1.60
C ALA B 77 4.15 -33.74 -0.72
N THR B 78 5.13 -33.82 0.19
CA THR B 78 5.12 -34.97 1.09
C THR B 78 4.41 -34.66 2.41
N PHE B 79 4.71 -33.53 3.02
CA PHE B 79 4.22 -33.23 4.37
C PHE B 79 3.14 -32.16 4.37
N GLY B 80 2.41 -32.01 3.26
CA GLY B 80 1.35 -31.02 3.23
C GLY B 80 0.34 -31.20 4.33
N ALA B 81 0.01 -32.46 4.67
CA ALA B 81 -0.98 -32.73 5.71
C ALA B 81 -0.41 -32.54 7.12
N GLU B 82 0.84 -32.95 7.35
CA GLU B 82 1.47 -32.75 8.66
C GLU B 82 1.69 -31.26 8.93
N PHE B 83 2.08 -30.49 7.91
CA PHE B 83 2.23 -29.06 8.09
C PHE B 83 0.88 -28.42 8.37
N SER B 84 -0.16 -28.84 7.68
CA SER B 84 -1.48 -28.26 7.93
C SER B 84 -1.96 -28.61 9.33
N ALA B 85 -1.78 -29.86 9.74
CA ALA B 85 -2.15 -30.26 11.10
C ALA B 85 -1.36 -29.50 12.16
N ALA B 86 -0.03 -29.44 12.00
CA ALA B 86 0.79 -28.75 12.99
C ALA B 86 0.43 -27.27 13.05
N SER B 87 0.28 -26.66 11.89
CA SER B 87 -0.15 -25.26 11.83
C SER B 87 -1.47 -25.09 12.58
N ASP B 88 -2.43 -26.01 12.36
CA ASP B 88 -3.72 -25.94 13.05
C ASP B 88 -3.56 -26.08 14.56
N MET B 89 -2.74 -27.03 15.02
CA MET B 89 -2.57 -27.20 16.46
C MET B 89 -2.01 -25.92 17.09
N ILE B 90 -1.02 -25.32 16.45
CA ILE B 90 -0.45 -24.07 16.95
C ILE B 90 -1.51 -22.99 17.02
N ASN B 91 -2.34 -22.89 15.98
CA ASN B 91 -3.34 -21.84 15.98
C ASN B 91 -4.43 -22.07 17.00
N ASN B 92 -4.88 -23.32 17.17
CA ASN B 92 -5.92 -23.57 18.17
C ASN B 92 -5.39 -23.33 19.57
N ALA B 93 -4.10 -23.62 19.77
CA ALA B 93 -3.46 -23.37 21.06
C ALA B 93 -3.32 -21.87 21.32
N GLN B 94 -3.06 -21.08 20.28
CA GLN B 94 -3.05 -19.63 20.49
C GLN B 94 -4.41 -19.17 20.95
N LYS B 95 -5.47 -19.77 20.42
CA LYS B 95 -6.83 -19.42 20.83
C LYS B 95 -7.12 -19.84 22.27
N ILE B 96 -6.60 -21.01 22.70
CA ILE B 96 -6.72 -21.41 24.11
C ILE B 96 -6.06 -20.39 25.01
N VAL B 97 -4.88 -19.91 24.64
CA VAL B 97 -4.16 -19.01 25.53
C VAL B 97 -4.90 -17.71 25.71
N GLN B 98 -5.46 -17.17 24.63
CA GLN B 98 -6.18 -15.91 24.77
C GLN B 98 -7.53 -16.11 25.43
N GLU B 99 -8.20 -17.21 25.11
CA GLU B 99 -9.45 -17.52 25.79
C GLU B 99 -9.20 -17.80 27.25
N THR B 100 -7.99 -18.27 27.60
CA THR B 100 -7.65 -18.54 28.99
C THR B 100 -7.42 -17.26 29.76
N GLN B 101 -6.87 -16.25 29.09
CA GLN B 101 -6.68 -14.96 29.71
C GLN B 101 -8.03 -14.28 29.94
N GLN B 102 -8.98 -14.48 29.03
CA GLN B 102 -10.33 -14.01 29.29
C GLN B 102 -11.01 -14.76 30.44
N LEU B 103 -10.77 -16.05 30.55
CA LEU B 103 -11.33 -16.79 31.65
C LEU B 103 -10.87 -16.20 32.98
N SER B 104 -9.66 -15.63 33.02
CA SER B 104 -9.10 -15.06 34.22
C SER B 104 -9.65 -13.67 34.53
N ALA B 105 -10.08 -12.93 33.51
CA ALA B 105 -10.60 -11.58 33.74
C ALA B 105 -12.07 -11.56 34.16
N ASN B 106 -12.78 -12.68 34.04
CA ASN B 106 -14.18 -12.80 34.43
C ASN B 106 -14.29 -13.84 35.53
N GLN B 107 -13.74 -13.49 36.68
CA GLN B 107 -13.78 -14.33 37.87
C GLN B 107 -14.82 -13.78 38.85
N PRO B 108 -16.02 -14.37 38.91
CA PRO B 108 -17.06 -13.96 39.87
C PRO B 108 -16.74 -14.40 41.30
N PRO B 122 -29.99 -2.68 41.05
CA PRO B 122 -29.32 -3.97 41.06
C PRO B 122 -28.11 -4.02 40.14
N SER B 123 -27.36 -2.92 40.07
CA SER B 123 -26.30 -2.80 39.08
C SER B 123 -25.17 -3.79 39.33
N SER B 124 -24.77 -3.97 40.59
CA SER B 124 -23.68 -4.88 40.89
C SER B 124 -24.10 -6.34 40.82
N LEU B 125 -25.40 -6.62 40.88
CA LEU B 125 -25.85 -8.00 40.69
C LEU B 125 -25.99 -8.36 39.21
N THR B 126 -26.45 -7.41 38.38
CA THR B 126 -26.53 -7.70 36.95
C THR B 126 -25.15 -7.88 36.35
N ALA B 127 -24.14 -7.19 36.87
CA ALA B 127 -22.78 -7.39 36.41
C ALA B 127 -22.26 -8.79 36.76
N LEU B 128 -22.78 -9.39 37.82
CA LEU B 128 -22.33 -10.72 38.19
C LEU B 128 -22.89 -11.80 37.27
N ALA B 129 -24.02 -11.55 36.62
CA ALA B 129 -24.60 -12.58 35.76
C ALA B 129 -23.81 -12.69 34.45
N GLN B 130 -23.32 -11.57 33.95
CA GLN B 130 -22.58 -11.60 32.72
C GLN B 130 -21.23 -12.27 32.87
N LYS B 131 -20.63 -12.20 34.06
CA LYS B 131 -19.31 -12.78 34.24
C LYS B 131 -19.38 -14.29 34.31
N MET B 132 -20.31 -14.82 35.08
CA MET B 132 -20.47 -16.26 35.11
C MET B 132 -20.96 -16.76 33.77
N LEU B 133 -21.75 -15.93 33.08
CA LEU B 133 -22.13 -16.27 31.72
C LEU B 133 -20.91 -16.28 30.80
N LYS B 134 -20.13 -15.20 30.83
CA LYS B 134 -18.93 -15.09 30.01
C LYS B 134 -17.89 -16.16 30.37
N ASN B 135 -17.71 -16.39 31.66
CA ASN B 135 -16.79 -17.40 32.15
C ASN B 135 -17.19 -18.79 31.69
N ALA B 136 -18.45 -19.17 31.89
CA ALA B 136 -18.86 -20.52 31.51
C ALA B 136 -18.80 -20.70 30.02
N GLN B 137 -19.08 -19.66 29.25
CA GLN B 137 -18.93 -19.74 27.81
C GLN B 137 -17.46 -19.87 27.42
N SER B 138 -16.56 -19.27 28.21
CA SER B 138 -15.13 -19.40 27.96
C SER B 138 -14.64 -20.81 28.23
N GLN B 139 -15.03 -21.40 29.37
CA GLN B 139 -14.60 -22.75 29.67
C GLN B 139 -15.11 -23.72 28.63
N ALA B 140 -16.30 -23.46 28.09
CA ALA B 140 -16.83 -24.35 27.06
C ALA B 140 -16.01 -24.27 25.78
N GLU B 141 -15.52 -23.08 25.44
CA GLU B 141 -14.78 -22.93 24.20
C GLU B 141 -13.37 -23.48 24.32
N ILE B 142 -12.73 -23.30 25.48
CA ILE B 142 -11.41 -23.89 25.71
C ILE B 142 -11.48 -25.40 25.53
N LEU B 143 -12.53 -26.03 26.05
CA LEU B 143 -12.66 -27.47 25.90
C LEU B 143 -12.89 -27.87 24.46
N LYS B 144 -13.64 -27.06 23.69
CA LYS B 144 -13.84 -27.37 22.28
C LYS B 144 -12.52 -27.24 21.52
N LEU B 145 -11.69 -26.26 21.87
CA LEU B 145 -10.42 -26.10 21.18
C LEU B 145 -9.44 -27.21 21.53
N ALA B 146 -9.42 -27.63 22.78
CA ALA B 146 -8.49 -28.69 23.17
C ALA B 146 -8.82 -30.00 22.49
N ASN B 147 -10.11 -30.33 22.35
CA ASN B 147 -10.45 -31.54 21.60
C ASN B 147 -10.14 -31.41 20.12
N GLN B 148 -10.23 -30.21 19.56
CA GLN B 148 -9.75 -30.05 18.18
C GLN B 148 -8.26 -30.31 18.07
N VAL B 149 -7.49 -29.88 19.09
CA VAL B 149 -6.03 -30.05 19.08
C VAL B 149 -5.65 -31.52 19.13
N GLU B 150 -6.32 -32.30 19.96
CA GLU B 150 -6.12 -33.75 19.91
C GLU B 150 -6.46 -34.30 18.53
N SER B 151 -7.56 -33.86 17.95
CA SER B 151 -7.94 -34.41 16.66
C SER B 151 -6.89 -34.09 15.62
N ASP B 152 -6.43 -32.84 15.61
CA ASP B 152 -5.36 -32.45 14.70
C ASP B 152 -4.08 -33.24 14.98
N PHE B 153 -3.79 -33.53 16.25
CA PHE B 153 -2.62 -34.36 16.54
C PHE B 153 -2.78 -35.74 15.93
N ASN B 154 -3.98 -36.31 16.02
CA ASN B 154 -4.21 -37.60 15.39
C ASN B 154 -3.93 -37.50 13.90
N LYS B 155 -4.36 -36.41 13.28
CA LYS B 155 -4.04 -36.15 11.87
C LYS B 155 -2.54 -36.08 11.64
N LEU B 156 -1.77 -35.49 12.58
CA LEU B 156 -0.32 -35.35 12.43
C LEU B 156 0.42 -36.67 12.60
N SER B 157 -0.07 -37.55 13.46
CA SER B 157 0.66 -38.73 13.89
C SER B 157 0.26 -40.00 13.16
N SER B 158 -0.59 -39.91 12.14
CA SER B 158 -1.12 -41.10 11.51
C SER B 158 -0.75 -41.25 10.04
N GLY B 159 0.05 -40.35 9.48
CA GLY B 159 0.52 -40.49 8.10
C GLY B 159 1.97 -40.93 8.03
N HIS B 160 2.80 -40.13 7.35
CA HIS B 160 4.21 -40.47 7.17
C HIS B 160 4.91 -40.60 8.51
N LEU B 161 4.58 -39.75 9.47
CA LEU B 161 5.27 -39.76 10.74
C LEU B 161 4.68 -40.75 11.74
N LYS B 162 3.76 -41.64 11.34
CA LYS B 162 3.13 -42.55 12.31
C LYS B 162 4.16 -43.33 13.11
N ASP B 163 5.21 -43.82 12.44
CA ASP B 163 6.22 -44.62 13.10
C ASP B 163 7.42 -43.80 13.56
N TYR B 164 7.35 -42.46 13.52
CA TYR B 164 8.53 -41.65 13.82
C TYR B 164 8.21 -40.63 14.90
N ILE B 165 7.21 -39.79 14.68
CA ILE B 165 6.77 -38.86 15.71
C ILE B 165 6.33 -39.73 16.89
N GLY B 166 6.65 -39.31 18.10
CA GLY B 166 6.23 -40.12 19.25
C GLY B 166 7.07 -41.33 19.60
N LYS B 167 8.20 -41.54 18.96
CA LYS B 167 9.15 -42.61 19.23
C LYS B 167 10.50 -41.98 19.57
N CYS B 168 11.41 -42.74 20.17
CA CYS B 168 12.72 -42.18 20.48
C CYS B 168 13.74 -43.31 20.59
N ASP B 169 14.47 -43.56 19.50
CA ASP B 169 15.42 -44.70 19.34
C ASP B 169 15.40 -45.74 20.45
N ASN B 185 23.00 -40.46 17.25
CA ASN B 185 22.06 -39.60 16.54
C ASN B 185 20.59 -39.89 16.90
N ASN B 186 19.79 -38.83 17.08
CA ASN B 186 18.36 -38.94 17.34
C ASN B 186 17.49 -38.39 16.21
N TRP B 187 18.09 -37.84 15.14
CA TRP B 187 17.28 -37.34 14.04
C TRP B 187 16.45 -38.48 13.45
N GLY B 188 15.19 -38.17 13.12
CA GLY B 188 14.27 -39.14 12.58
C GLY B 188 13.17 -39.57 13.54
N ASN B 189 13.44 -39.55 14.83
CA ASN B 189 12.39 -39.79 15.81
C ASN B 189 12.02 -38.47 16.46
N GLY B 190 10.77 -38.38 16.89
CA GLY B 190 10.28 -37.14 17.48
C GLY B 190 10.99 -36.78 18.76
N CYS B 191 11.20 -37.76 19.63
CA CYS B 191 11.85 -37.51 20.90
C CYS B 191 11.28 -36.26 21.58
N ALA B 192 9.95 -36.18 21.58
CA ALA B 192 9.26 -35.01 22.09
C ALA B 192 8.24 -35.35 23.18
N GLY B 193 8.02 -36.61 23.49
CA GLY B 193 7.07 -36.97 24.52
C GLY B 193 5.60 -36.75 24.18
N VAL B 194 5.23 -36.81 22.89
CA VAL B 194 3.87 -36.44 22.51
C VAL B 194 2.87 -37.50 22.96
N GLU B 195 3.28 -38.76 23.04
CA GLU B 195 2.33 -39.78 23.45
C GLU B 195 1.95 -39.64 24.92
N GLU B 196 2.92 -39.27 25.77
CA GLU B 196 2.61 -38.90 27.15
C GLU B 196 1.54 -37.82 27.22
N THR B 197 1.79 -36.71 26.56
CA THR B 197 0.88 -35.59 26.61
C THR B 197 -0.47 -35.89 26.03
N GLN B 198 -0.50 -36.59 24.92
CA GLN B 198 -1.77 -36.93 24.31
C GLN B 198 -2.65 -37.70 25.28
N SER B 199 -2.06 -38.59 26.07
CA SER B 199 -2.80 -39.31 27.11
C SER B 199 -3.31 -38.39 28.20
N LEU B 200 -2.48 -37.44 28.68
CA LEU B 200 -2.96 -36.54 29.74
C LEU B 200 -4.02 -35.60 29.22
N LEU B 201 -3.98 -35.27 27.93
CA LEU B 201 -5.04 -34.46 27.34
C LEU B 201 -6.35 -35.23 27.26
N LYS B 202 -6.32 -36.46 26.71
CA LYS B 202 -7.55 -37.24 26.60
C LYS B 202 -8.17 -37.45 27.99
N THR B 203 -7.32 -37.71 28.99
CA THR B 203 -7.78 -37.91 30.35
C THR B 203 -8.38 -36.63 30.93
N SER B 204 -7.67 -35.51 30.80
CA SER B 204 -8.17 -34.26 31.40
C SER B 204 -9.33 -33.69 30.60
N ALA B 205 -9.37 -33.93 29.29
CA ALA B 205 -10.54 -33.51 28.52
C ALA B 205 -11.80 -34.27 28.96
N ALA B 206 -11.66 -35.58 29.19
CA ALA B 206 -12.77 -36.39 29.71
C ALA B 206 -13.23 -35.88 31.07
N ASP B 207 -12.29 -35.45 31.91
CA ASP B 207 -12.63 -34.83 33.19
C ASP B 207 -13.55 -33.63 33.00
N PHE B 208 -13.15 -32.68 32.15
CA PHE B 208 -13.97 -31.49 32.03
C PHE B 208 -15.26 -31.76 31.26
N ASN B 209 -15.23 -32.72 30.33
CA ASN B 209 -16.44 -33.05 29.61
C ASN B 209 -17.47 -33.66 30.55
N ASN B 210 -17.00 -34.48 31.50
CA ASN B 210 -17.89 -35.14 32.44
C ASN B 210 -18.64 -34.14 33.30
N GLN B 211 -18.08 -32.94 33.49
CA GLN B 211 -18.70 -31.93 34.32
C GLN B 211 -19.21 -30.73 33.51
N THR B 212 -19.54 -30.91 32.24
CA THR B 212 -20.28 -29.84 31.57
C THR B 212 -21.69 -29.63 32.11
N PRO B 213 -22.40 -30.66 32.63
CA PRO B 213 -23.70 -30.37 33.26
C PRO B 213 -23.67 -29.21 34.24
N GLN B 214 -22.69 -29.21 35.15
CA GLN B 214 -22.61 -28.17 36.16
C GLN B 214 -22.27 -26.82 35.57
N ILE B 215 -21.59 -26.76 34.42
CA ILE B 215 -21.37 -25.45 33.83
C ILE B 215 -22.58 -25.03 33.00
N ASN B 216 -23.28 -25.97 32.36
CA ASN B 216 -24.57 -25.61 31.74
C ASN B 216 -25.54 -25.14 32.82
N GLN B 217 -25.64 -25.88 33.92
CA GLN B 217 -26.51 -25.46 35.00
C GLN B 217 -26.16 -24.07 35.50
N ALA B 218 -24.87 -23.73 35.50
CA ALA B 218 -24.43 -22.43 36.01
C ALA B 218 -24.76 -21.29 35.05
N GLN B 219 -24.64 -21.53 33.74
CA GLN B 219 -24.96 -20.44 32.80
C GLN B 219 -26.48 -20.25 32.69
N ASN B 220 -27.26 -21.33 32.82
CA ASN B 220 -28.70 -21.18 32.83
C ASN B 220 -29.17 -20.43 34.07
N LEU B 221 -28.46 -20.56 35.19
CA LEU B 221 -28.77 -19.79 36.39
C LEU B 221 -28.49 -18.30 36.21
N ALA B 222 -27.47 -17.95 35.43
CA ALA B 222 -27.21 -16.54 35.16
C ALA B 222 -28.25 -15.97 34.22
N ASN B 223 -28.63 -16.72 33.18
CA ASN B 223 -29.64 -16.24 32.25
C ASN B 223 -30.99 -16.07 32.94
N THR B 224 -31.28 -16.91 33.93
CA THR B 224 -32.51 -16.75 34.69
C THR B 224 -32.51 -15.45 35.46
N LEU B 225 -31.42 -15.15 36.18
CA LEU B 225 -31.30 -13.87 36.86
C LEU B 225 -31.59 -12.72 35.92
N ILE B 226 -31.23 -12.88 34.65
CA ILE B 226 -31.51 -11.88 33.62
C ILE B 226 -32.97 -11.99 33.15
N SER B 252 -31.58 -17.27 42.77
CA SER B 252 -32.00 -18.26 43.73
C SER B 252 -31.14 -18.21 45.00
N ALA B 253 -31.55 -17.36 45.95
CA ALA B 253 -30.82 -17.21 47.20
C ALA B 253 -29.31 -17.36 47.15
N GLN B 254 -28.79 -18.24 47.97
CA GLN B 254 -27.37 -18.47 47.99
C GLN B 254 -27.07 -19.63 47.06
N ALA B 255 -28.11 -20.21 46.47
CA ALA B 255 -27.86 -21.24 45.48
C ALA B 255 -26.93 -20.71 44.40
N ILE B 256 -26.99 -19.40 44.14
CA ILE B 256 -26.10 -18.76 43.19
C ILE B 256 -24.64 -18.97 43.58
N ASN B 257 -24.32 -18.73 44.86
CA ASN B 257 -22.92 -18.76 45.29
C ASN B 257 -22.26 -20.11 45.06
N GLN B 258 -23.01 -21.22 45.02
CA GLN B 258 -22.32 -22.47 44.71
C GLN B 258 -22.07 -22.64 43.22
N ALA B 259 -22.96 -22.13 42.36
CA ALA B 259 -22.67 -22.12 40.94
C ALA B 259 -21.40 -21.32 40.69
N VAL B 260 -21.26 -20.18 41.38
CA VAL B 260 -20.06 -19.36 41.25
C VAL B 260 -18.82 -20.12 41.73
N ASN B 261 -18.90 -20.77 42.89
CA ASN B 261 -17.79 -21.62 43.33
C ASN B 261 -17.58 -22.78 42.38
N ASN B 262 -18.68 -23.35 41.85
CA ASN B 262 -18.55 -24.44 40.90
C ASN B 262 -17.81 -23.96 39.65
N LEU B 263 -18.10 -22.76 39.20
CA LEU B 263 -17.47 -22.27 37.99
C LEU B 263 -16.03 -21.85 38.25
N ASN B 264 -15.76 -21.27 39.43
CA ASN B 264 -14.41 -20.78 39.73
C ASN B 264 -13.42 -21.91 39.99
N GLU B 265 -13.89 -22.96 40.65
CA GLU B 265 -13.01 -24.08 40.92
C GLU B 265 -12.56 -24.71 39.61
N ARG B 266 -13.49 -24.88 38.69
CA ARG B 266 -13.20 -25.49 37.40
C ARG B 266 -12.29 -24.61 36.57
N ALA B 267 -12.48 -23.29 36.63
CA ALA B 267 -11.64 -22.38 35.87
C ALA B 267 -10.22 -22.34 36.44
N LYS B 268 -10.09 -22.41 37.77
CA LYS B 268 -8.77 -22.34 38.39
C LYS B 268 -7.90 -23.53 37.98
N THR B 269 -8.46 -24.73 37.89
CA THR B 269 -7.67 -25.86 37.39
C THR B 269 -7.50 -25.77 35.88
N LEU B 270 -8.48 -25.22 35.18
CA LEU B 270 -8.33 -25.06 33.74
C LEU B 270 -7.24 -24.05 33.40
N ALA B 271 -7.19 -22.93 34.14
CA ALA B 271 -6.24 -21.87 33.82
C ALA B 271 -4.88 -22.13 34.45
N GLY B 272 -4.84 -22.66 35.67
CA GLY B 272 -3.57 -22.79 36.35
C GLY B 272 -2.99 -24.18 36.49
N GLY B 273 -3.78 -25.20 36.20
CA GLY B 273 -3.34 -26.55 36.41
C GLY B 273 -2.38 -27.03 35.36
N THR B 274 -1.90 -28.25 35.58
CA THR B 274 -0.97 -28.86 34.65
C THR B 274 -1.48 -30.21 34.20
N THR B 275 -1.26 -31.21 35.02
CA THR B 275 -1.71 -32.56 34.70
C THR B 275 -3.21 -32.59 34.46
N ASN B 276 -3.97 -31.78 35.20
CA ASN B 276 -5.41 -31.82 35.19
C ASN B 276 -6.06 -30.82 34.24
N SER B 277 -5.29 -29.98 33.55
CA SER B 277 -5.85 -28.96 32.69
C SER B 277 -5.74 -29.40 31.25
N PRO B 278 -6.85 -29.57 30.54
CA PRO B 278 -6.75 -29.84 29.10
C PRO B 278 -6.32 -28.63 28.31
N ALA B 279 -6.49 -27.42 28.85
CA ALA B 279 -5.94 -26.25 28.19
C ALA B 279 -4.42 -26.32 28.14
N TYR B 280 -3.81 -26.58 29.29
CA TYR B 280 -2.36 -26.73 29.41
C TYR B 280 -1.82 -27.94 28.63
N GLN B 281 -2.51 -29.08 28.71
CA GLN B 281 -2.07 -30.26 27.98
C GLN B 281 -2.22 -30.07 26.47
N ALA B 282 -3.27 -29.36 26.03
CA ALA B 282 -3.43 -29.17 24.59
C ALA B 282 -2.39 -28.20 24.07
N THR B 283 -2.13 -27.14 24.83
CA THR B 283 -1.07 -26.20 24.46
C THR B 283 0.27 -26.93 24.40
N LEU B 284 0.55 -27.76 25.40
CA LEU B 284 1.81 -28.50 25.42
C LEU B 284 1.91 -29.49 24.27
N LEU B 285 0.81 -30.13 23.89
CA LEU B 285 0.89 -31.09 22.79
C LEU B 285 1.20 -30.36 21.47
N ALA B 286 0.58 -29.20 21.27
CA ALA B 286 0.91 -28.39 20.10
C ALA B 286 2.39 -28.07 20.06
N LEU B 287 2.97 -27.69 21.21
CA LEU B 287 4.36 -27.30 21.27
C LEU B 287 5.31 -28.49 21.07
N ARG B 288 5.03 -29.61 21.75
CA ARG B 288 5.90 -30.78 21.60
C ARG B 288 5.81 -31.36 20.21
N SER B 289 4.67 -31.20 19.53
CA SER B 289 4.53 -31.72 18.17
C SER B 289 5.41 -31.00 17.18
N VAL B 290 5.58 -29.68 17.35
CA VAL B 290 6.47 -28.94 16.46
C VAL B 290 7.92 -29.38 16.68
N LEU B 291 8.30 -29.65 17.93
CA LEU B 291 9.62 -30.21 18.19
C LEU B 291 9.78 -31.59 17.58
N GLY B 292 8.76 -32.45 17.72
CA GLY B 292 8.83 -33.76 17.11
C GLY B 292 8.80 -33.70 15.60
N LEU B 293 8.05 -32.76 15.04
CA LEU B 293 8.03 -32.59 13.58
C LEU B 293 9.41 -32.24 13.07
N TRP B 294 10.05 -31.27 13.71
CA TRP B 294 11.36 -30.86 13.28
C TRP B 294 12.43 -31.91 13.59
N ASN B 295 12.34 -32.59 14.74
CA ASN B 295 13.29 -33.68 14.97
C ASN B 295 13.12 -34.81 13.96
N SER B 296 11.89 -35.02 13.47
CA SER B 296 11.63 -36.19 12.63
C SER B 296 12.12 -35.99 11.20
N MET B 297 11.90 -34.79 10.66
CA MET B 297 12.16 -34.53 9.25
C MET B 297 13.02 -33.30 8.96
N GLY B 298 13.30 -32.46 9.96
CA GLY B 298 13.98 -31.21 9.68
C GLY B 298 15.37 -31.40 9.10
N TYR B 299 16.07 -32.45 9.50
CA TYR B 299 17.39 -32.69 8.94
C TYR B 299 17.37 -32.85 7.43
N ALA B 300 16.21 -33.17 6.86
CA ALA B 300 16.11 -33.46 5.43
C ALA B 300 15.79 -32.22 4.60
N VAL B 301 15.69 -31.06 5.24
CA VAL B 301 15.31 -29.83 4.57
C VAL B 301 16.52 -29.15 3.93
N ILE B 302 16.39 -28.84 2.64
CA ILE B 302 17.46 -28.17 1.86
C ILE B 302 17.63 -26.72 2.33
N CYS B 303 18.85 -26.35 2.70
CA CYS B 303 19.11 -24.98 3.10
C CYS B 303 20.43 -24.52 2.51
N GLY B 304 20.61 -23.20 2.49
CA GLY B 304 21.76 -22.61 1.83
C GLY B 304 21.47 -21.96 0.50
N GLY B 305 20.20 -21.81 0.14
CA GLY B 305 19.87 -21.17 -1.12
C GLY B 305 20.43 -19.76 -1.24
N TYR B 306 20.92 -19.46 -2.44
CA TYR B 306 21.49 -18.15 -2.75
C TYR B 306 20.45 -17.08 -2.96
N THR B 307 20.72 -15.89 -2.45
CA THR B 307 19.76 -14.80 -2.55
C THR B 307 19.99 -13.75 -3.65
N LYS B 308 21.11 -13.83 -4.35
CA LYS B 308 21.43 -12.90 -5.44
C LYS B 308 22.05 -13.61 -6.64
N SER B 309 23.24 -14.14 -6.45
CA SER B 309 23.93 -14.84 -7.50
C SER B 309 24.55 -16.05 -6.89
N PRO B 310 24.70 -17.11 -7.68
CA PRO B 310 25.22 -18.44 -7.36
C PRO B 310 26.69 -18.45 -7.03
N GLY B 311 27.39 -17.41 -7.42
CA GLY B 311 28.80 -17.34 -7.18
C GLY B 311 29.08 -17.33 -5.70
N GLU B 312 28.21 -16.63 -4.97
CA GLU B 312 28.30 -16.50 -3.53
C GLU B 312 28.44 -17.82 -2.85
N ASN B 313 29.29 -17.89 -1.85
CA ASN B 313 29.39 -19.12 -1.11
C ASN B 313 29.25 -18.81 0.35
N ASN B 314 28.02 -18.60 0.77
CA ASN B 314 27.74 -18.30 2.13
C ASN B 314 27.25 -19.58 2.76
N GLN B 315 28.07 -20.16 3.61
CA GLN B 315 27.70 -21.38 4.27
C GLN B 315 27.92 -21.21 5.76
N LYS B 316 26.97 -21.72 6.52
CA LYS B 316 26.94 -21.61 7.96
C LYS B 316 26.52 -22.97 8.48
N ASP B 317 27.14 -23.40 9.58
CA ASP B 317 26.71 -24.63 10.24
C ASP B 317 25.91 -24.28 11.48
N PHE B 318 24.86 -25.04 11.74
CA PHE B 318 24.04 -24.82 12.91
C PHE B 318 24.22 -26.01 13.79
N HIS B 319 24.35 -25.78 15.08
CA HIS B 319 24.68 -26.85 16.01
C HIS B 319 23.45 -27.28 16.79
N TYR B 320 23.29 -28.59 16.94
CA TYR B 320 22.24 -29.17 17.73
C TYR B 320 22.83 -29.99 18.85
N THR B 321 22.09 -30.15 19.93
CA THR B 321 22.60 -30.99 20.99
C THR B 321 21.50 -31.73 21.76
N GLY B 325 23.05 -33.96 25.32
CA GLY B 325 23.99 -35.06 25.20
C GLY B 325 24.96 -34.90 24.04
N ASN B 326 24.67 -35.58 22.94
CA ASN B 326 25.55 -35.53 21.78
C ASN B 326 25.26 -34.36 20.87
N GLY B 327 26.31 -33.76 20.34
CA GLY B 327 26.14 -32.67 19.41
C GLY B 327 26.03 -33.16 17.98
N THR B 328 25.31 -32.38 17.18
CA THR B 328 25.12 -32.58 15.75
C THR B 328 25.17 -31.21 15.10
N THR B 329 25.69 -31.15 13.87
CA THR B 329 25.71 -29.90 13.14
C THR B 329 25.04 -30.16 11.81
N ILE B 330 24.29 -29.17 11.34
CA ILE B 330 23.72 -29.17 10.00
C ILE B 330 24.44 -28.11 9.21
N ASN B 331 24.86 -28.45 7.99
CA ASN B 331 25.46 -27.44 7.14
C ASN B 331 24.43 -26.93 6.15
N CYS B 332 24.46 -25.63 5.90
CA CYS B 332 23.65 -24.98 4.88
C CYS B 332 24.63 -24.33 3.91
N GLY B 333 24.70 -24.84 2.70
CA GLY B 333 25.59 -24.29 1.69
C GLY B 333 26.63 -25.28 1.21
N GLY B 334 26.23 -26.53 1.03
CA GLY B 334 27.09 -27.56 0.46
C GLY B 334 26.49 -28.29 -0.73
N THR B 349 24.52 -25.59 -7.62
CA THR B 349 23.83 -25.05 -6.45
C THR B 349 22.64 -24.24 -6.91
N LEU B 350 21.63 -24.08 -6.06
CA LEU B 350 20.46 -23.33 -6.46
C LEU B 350 19.79 -22.39 -5.48
N LYS B 351 19.01 -21.49 -6.07
CA LYS B 351 18.30 -20.43 -5.37
C LYS B 351 17.41 -20.81 -4.20
N ALA B 352 17.31 -19.83 -3.33
CA ALA B 352 16.50 -19.78 -2.10
C ALA B 352 15.11 -19.20 -2.37
N ASP B 353 14.24 -20.01 -2.96
CA ASP B 353 12.87 -19.56 -3.14
C ASP B 353 11.89 -20.67 -2.75
N LYS B 354 10.62 -20.30 -2.64
CA LYS B 354 9.55 -21.24 -2.36
C LYS B 354 9.64 -22.46 -3.28
N ASN B 355 9.35 -23.63 -2.71
CA ASN B 355 9.36 -24.93 -3.38
C ASN B 355 10.77 -25.33 -3.83
N VAL B 356 11.79 -24.64 -3.32
CA VAL B 356 13.16 -25.03 -3.65
C VAL B 356 14.04 -25.07 -2.41
N SER B 357 14.40 -23.91 -1.87
CA SER B 357 15.38 -23.90 -0.80
C SER B 357 15.09 -22.81 0.23
N LEU B 358 15.57 -23.06 1.45
CA LEU B 358 15.57 -22.03 2.47
C LEU B 358 16.85 -21.22 2.35
N SER B 359 16.73 -19.91 2.56
CA SER B 359 17.92 -19.11 2.70
C SER B 359 18.57 -19.39 4.05
N ILE B 360 19.80 -18.93 4.21
CA ILE B 360 20.49 -19.06 5.46
C ILE B 360 19.72 -18.25 6.49
N GLU B 361 19.31 -17.04 6.15
CA GLU B 361 18.53 -16.23 7.10
C GLU B 361 17.32 -16.99 7.62
N GLN B 362 16.60 -17.67 6.72
CA GLN B 362 15.45 -18.45 7.14
C GLN B 362 15.84 -19.62 8.05
N TYR B 363 16.87 -20.34 7.72
CA TYR B 363 17.26 -21.40 8.57
C TYR B 363 17.70 -20.86 9.92
N GLU B 364 18.44 -19.77 9.99
CA GLU B 364 18.81 -19.24 11.31
C GLU B 364 17.57 -19.05 12.17
N LYS B 365 16.47 -18.58 11.58
CA LYS B 365 15.29 -18.28 12.39
C LYS B 365 14.62 -19.55 12.87
N ILE B 366 14.45 -20.55 11.99
CA ILE B 366 13.96 -21.87 12.44
C ILE B 366 14.86 -22.45 13.52
N HIS B 367 16.17 -22.42 13.29
CA HIS B 367 17.10 -23.08 14.21
C HIS B 367 17.16 -22.36 15.56
N GLU B 368 17.17 -21.03 15.56
CA GLU B 368 17.04 -20.31 16.82
C GLU B 368 15.70 -20.63 17.48
N ALA B 369 14.60 -20.61 16.71
CA ALA B 369 13.30 -20.89 17.28
C ALA B 369 13.26 -22.28 17.89
N TYR B 370 13.95 -23.22 17.27
CA TYR B 370 14.03 -24.55 17.82
C TYR B 370 14.85 -24.60 19.09
N GLN B 371 15.95 -23.89 19.16
CA GLN B 371 16.76 -23.92 20.37
C GLN B 371 16.02 -23.33 21.56
N ILE B 372 15.22 -22.31 21.35
CA ILE B 372 14.44 -21.75 22.46
C ILE B 372 13.36 -22.72 22.88
N LEU B 373 12.59 -23.19 21.93
CA LEU B 373 11.49 -24.08 22.24
C LEU B 373 12.01 -25.34 22.92
N SER B 374 13.03 -25.95 22.34
CA SER B 374 13.62 -27.15 22.91
C SER B 374 14.13 -26.88 24.34
N LYS B 375 14.91 -25.81 24.53
CA LYS B 375 15.45 -25.52 25.86
C LYS B 375 14.35 -25.24 26.89
N ALA B 376 13.39 -24.38 26.54
CA ALA B 376 12.36 -24.01 27.50
C ALA B 376 11.60 -25.23 27.98
N LEU B 377 11.19 -26.11 27.05
CA LEU B 377 10.41 -27.28 27.48
C LEU B 377 11.23 -28.24 28.33
N LYS B 378 12.54 -28.40 28.06
CA LYS B 378 13.28 -29.44 28.77
C LYS B 378 13.76 -29.01 30.17
N GLN B 379 14.10 -27.74 30.37
CA GLN B 379 14.66 -27.28 31.62
C GLN B 379 13.64 -26.69 32.58
N ALA B 380 12.58 -26.10 32.07
CA ALA B 380 11.59 -25.44 32.90
C ALA B 380 10.17 -25.88 32.61
N GLY B 381 9.94 -26.64 31.56
CA GLY B 381 8.61 -27.05 31.18
C GLY B 381 7.83 -25.84 30.72
N LEU B 382 6.60 -26.09 30.27
CA LEU B 382 5.69 -25.01 29.91
C LEU B 382 5.11 -24.39 31.17
N ALA B 383 5.06 -23.06 31.22
CA ALA B 383 4.48 -22.38 32.37
C ALA B 383 2.96 -22.57 32.36
N PRO B 384 2.34 -22.57 33.53
CA PRO B 384 0.86 -22.58 33.59
C PRO B 384 0.28 -21.41 32.80
N LEU B 385 -0.83 -21.66 32.09
CA LEU B 385 -1.29 -20.68 31.10
C LEU B 385 -1.61 -19.32 31.70
N ASN B 386 -2.03 -19.24 32.97
CA ASN B 386 -2.28 -17.94 33.58
C ASN B 386 -1.11 -17.44 34.43
N SER B 387 -0.04 -18.23 34.51
CA SER B 387 1.24 -17.79 35.02
C SER B 387 1.92 -16.90 33.97
N LYS B 388 2.95 -16.19 34.38
CA LYS B 388 3.65 -15.33 33.44
C LYS B 388 5.04 -15.84 33.07
N GLY B 389 5.57 -16.83 33.78
CA GLY B 389 6.66 -17.59 33.21
C GLY B 389 8.05 -17.32 33.76
N GLU B 390 8.75 -18.40 34.07
CA GLU B 390 10.13 -18.34 34.50
C GLU B 390 11.01 -17.82 33.37
N LYS B 391 12.09 -17.14 33.73
CA LYS B 391 13.10 -16.76 32.77
C LYS B 391 14.10 -17.89 32.57
N LEU B 392 14.68 -17.94 31.38
CA LEU B 392 15.69 -18.94 31.10
C LEU B 392 16.49 -18.47 29.90
N GLU B 393 17.68 -19.04 29.71
CA GLU B 393 18.49 -18.67 28.55
C GLU B 393 18.75 -19.85 27.63
N ALA B 394 18.51 -19.64 26.34
CA ALA B 394 18.83 -20.61 25.31
C ALA B 394 20.15 -20.29 24.63
N HIS B 395 20.93 -21.33 24.34
CA HIS B 395 22.19 -21.16 23.65
C HIS B 395 22.02 -21.56 22.18
N VAL B 396 22.27 -20.62 21.28
CA VAL B 396 22.08 -20.84 19.86
C VAL B 396 23.45 -20.69 19.20
N THR B 397 24.03 -21.81 18.79
CA THR B 397 25.43 -21.91 18.39
C THR B 397 25.52 -22.21 16.90
N THR B 398 26.33 -21.43 16.20
CA THR B 398 26.60 -21.62 14.78
C THR B 398 28.10 -21.50 14.51
N SER B 399 28.49 -21.85 13.28
CA SER B 399 29.87 -21.89 12.88
C SER B 399 29.95 -21.50 11.41
N LYS B 400 31.08 -20.92 11.01
CA LYS B 400 31.37 -20.68 9.62
C LYS B 400 32.87 -20.82 9.49
N PRO B 401 33.38 -21.29 8.35
CA PRO B 401 34.84 -21.34 8.18
C PRO B 401 35.45 -19.96 8.00
N SER B 402 36.63 -19.76 8.58
CA SER B 402 37.30 -18.47 8.49
C SER B 402 38.80 -18.71 8.32
N LEU B 403 39.51 -17.65 8.00
CA LEU B 403 40.94 -17.69 7.74
C LEU B 403 41.53 -16.39 8.25
N ARG B 404 42.66 -16.48 8.95
CA ARG B 404 43.38 -15.36 9.53
C ARG B 404 44.73 -15.28 8.85
N LEU B 405 45.04 -14.12 8.27
CA LEU B 405 46.37 -13.82 7.78
C LEU B 405 47.01 -12.83 8.75
N SER B 406 48.30 -12.98 8.99
CA SER B 406 49.02 -12.02 9.82
C SER B 406 50.33 -11.63 9.16
N CYS B 407 50.73 -10.39 9.42
CA CYS B 407 51.94 -9.83 8.87
C CYS B 407 52.72 -9.19 10.01
N ALA B 408 53.95 -9.65 10.23
CA ALA B 408 54.77 -9.14 11.32
C ALA B 408 55.89 -8.28 10.77
N ALA B 409 55.97 -7.05 11.27
CA ALA B 409 57.02 -6.15 10.85
C ALA B 409 58.20 -6.26 11.80
N SER B 410 59.41 -6.31 11.23
CA SER B 410 60.63 -6.31 12.03
C SER B 410 61.25 -4.93 12.13
N PHE B 414 60.50 0.75 12.68
CA PHE B 414 60.46 2.15 12.29
C PHE B 414 59.05 2.70 12.41
N SER B 415 58.81 3.88 11.85
CA SER B 415 57.48 4.50 11.92
C SER B 415 56.54 4.03 10.80
N THR B 416 55.24 4.18 10.99
CA THR B 416 54.28 3.73 10.01
C THR B 416 53.01 4.49 10.16
N ALA B 417 52.37 4.84 9.07
CA ALA B 417 51.14 5.55 9.17
C ALA B 417 50.02 4.66 8.77
N ALA B 418 50.29 3.67 7.95
CA ALA B 418 49.20 2.86 7.46
C ALA B 418 49.77 1.53 7.03
N MET B 419 49.02 0.47 7.28
CA MET B 419 49.34 -0.81 6.67
C MET B 419 48.15 -1.34 5.89
N GLY B 420 48.43 -2.06 4.79
CA GLY B 420 47.38 -2.52 3.93
C GLY B 420 47.64 -3.93 3.43
N TRP B 421 46.61 -4.52 2.86
CA TRP B 421 46.69 -5.84 2.25
C TRP B 421 46.35 -5.68 0.79
N PHE B 422 47.08 -6.38 -0.02
CA PHE B 422 46.86 -6.41 -1.41
C PHE B 422 46.83 -7.86 -1.85
N ARG B 423 46.23 -8.15 -2.94
CA ARG B 423 46.24 -9.51 -3.42
C ARG B 423 46.49 -9.49 -4.92
N GLN B 424 47.04 -10.57 -5.43
CA GLN B 424 47.38 -10.65 -6.84
C GLN B 424 47.06 -12.08 -7.25
N ALA B 425 46.00 -12.24 -8.00
CA ALA B 425 45.67 -13.50 -8.62
C ALA B 425 46.57 -13.71 -9.83
N PRO B 426 46.86 -14.96 -10.21
CA PRO B 426 47.77 -15.19 -11.34
C PRO B 426 47.38 -14.43 -12.63
N GLY B 427 48.31 -13.62 -13.13
CA GLY B 427 48.14 -12.87 -14.36
C GLY B 427 47.54 -11.49 -14.20
N LYS B 428 47.31 -11.04 -12.99
CA LYS B 428 46.55 -9.84 -12.76
C LYS B 428 47.39 -8.83 -11.97
N GLU B 429 46.89 -7.59 -11.94
CA GLU B 429 47.46 -6.52 -11.14
C GLU B 429 47.15 -6.70 -9.66
N ARG B 430 48.01 -6.12 -8.82
CA ARG B 430 47.73 -6.08 -7.39
C ARG B 430 46.52 -5.22 -7.13
N ASP B 431 45.53 -5.79 -6.45
CA ASP B 431 44.30 -5.09 -6.11
C ASP B 431 44.21 -4.90 -4.61
N PHE B 432 44.05 -3.65 -4.19
CA PHE B 432 43.94 -3.34 -2.78
C PHE B 432 42.79 -4.09 -2.17
N VAL B 433 42.95 -4.49 -0.91
CA VAL B 433 41.89 -5.19 -0.19
C VAL B 433 41.50 -4.39 1.04
N ALA B 434 42.44 -4.14 1.95
CA ALA B 434 42.01 -3.47 3.17
C ALA B 434 43.19 -2.82 3.86
N GLY B 435 42.93 -1.76 4.62
CA GLY B 435 43.98 -0.94 5.17
C GLY B 435 43.60 -0.45 6.54
N ILE B 436 44.62 -0.11 7.32
CA ILE B 436 44.36 0.34 8.68
C ILE B 436 45.24 1.55 9.00
N TYR B 437 44.62 2.61 9.53
CA TYR B 437 45.42 3.72 10.01
C TYR B 437 46.19 3.20 11.20
N TRP B 438 47.50 3.40 11.20
CA TRP B 438 48.33 2.66 12.15
C TRP B 438 48.12 3.17 13.58
N THR B 439 48.08 4.49 13.77
CA THR B 439 47.93 5.01 15.13
C THR B 439 46.49 4.91 15.64
N VAL B 440 45.55 5.48 14.89
CA VAL B 440 44.17 5.55 15.37
C VAL B 440 43.44 4.23 15.20
N GLY B 441 43.84 3.39 14.25
CA GLY B 441 43.18 2.11 14.04
C GLY B 441 41.95 2.17 13.16
N SER B 442 41.71 3.29 12.49
CA SER B 442 40.66 3.44 11.50
C SER B 442 40.93 2.53 10.33
N THR B 443 39.86 2.10 9.69
CA THR B 443 39.97 1.07 8.67
C THR B 443 39.34 1.53 7.35
N TYR B 444 39.90 1.06 6.24
CA TYR B 444 39.35 1.34 4.92
C TYR B 444 39.38 0.06 4.10
N TYR B 445 38.27 -0.26 3.44
CA TYR B 445 38.10 -1.54 2.76
C TYR B 445 37.72 -1.33 1.31
N ALA B 446 38.30 -2.15 0.44
CA ALA B 446 37.94 -2.31 -0.97
C ALA B 446 36.60 -3.01 -1.12
N ASP B 447 36.11 -3.08 -2.36
CA ASP B 447 34.83 -3.75 -2.61
C ASP B 447 34.88 -5.23 -2.26
N SER B 448 35.95 -5.93 -2.63
CA SER B 448 36.05 -7.35 -2.33
C SER B 448 35.95 -7.64 -0.83
N ALA B 449 36.44 -6.73 0.00
CA ALA B 449 36.41 -6.93 1.45
C ALA B 449 35.07 -6.57 2.05
N LYS B 450 34.25 -5.76 1.37
CA LYS B 450 32.99 -5.26 1.92
C LYS B 450 32.17 -6.36 2.59
N GLY B 451 32.12 -6.34 3.92
CA GLY B 451 31.27 -7.24 4.66
C GLY B 451 31.84 -8.61 4.98
N ARG B 452 33.04 -8.93 4.51
CA ARG B 452 33.61 -10.25 4.70
C ARG B 452 34.97 -10.25 5.39
N PHE B 453 35.80 -9.25 5.14
CA PHE B 453 37.14 -9.21 5.70
C PHE B 453 37.23 -8.14 6.78
N THR B 454 38.03 -8.40 7.80
CA THR B 454 38.23 -7.45 8.89
C THR B 454 39.73 -7.28 9.08
N ILE B 455 40.17 -6.03 9.14
CA ILE B 455 41.55 -5.68 9.38
C ILE B 455 41.66 -5.16 10.80
N SER B 456 42.84 -5.38 11.40
CA SER B 456 43.13 -5.04 12.78
C SER B 456 44.66 -5.03 12.91
N ARG B 457 45.17 -4.38 13.92
CA ARG B 457 46.59 -4.43 14.11
C ARG B 457 46.91 -4.47 15.58
N ASP B 458 48.03 -5.08 15.90
CA ASP B 458 48.51 -5.13 17.28
C ASP B 458 49.73 -4.22 17.27
N ASN B 459 49.58 -3.03 17.83
CA ASN B 459 50.62 -2.02 17.70
C ASN B 459 51.88 -2.44 18.45
N ALA B 460 51.74 -3.11 19.59
CA ALA B 460 52.88 -3.56 20.37
C ALA B 460 53.69 -4.61 19.61
N LYS B 461 53.03 -5.64 19.10
CA LYS B 461 53.76 -6.68 18.40
C LYS B 461 54.12 -6.29 16.96
N ASN B 462 53.73 -5.08 16.50
CA ASN B 462 53.94 -4.64 15.12
C ASN B 462 53.38 -5.63 14.10
N THR B 463 52.10 -5.97 14.27
CA THR B 463 51.44 -7.02 13.50
C THR B 463 50.10 -6.48 13.00
N VAL B 464 49.80 -6.75 11.75
CA VAL B 464 48.49 -6.46 11.19
C VAL B 464 47.82 -7.80 10.86
N TYR B 465 46.50 -7.82 10.93
CA TYR B 465 45.78 -9.08 10.75
C TYR B 465 44.69 -8.87 9.71
N LEU B 466 44.39 -9.94 9.00
CA LEU B 466 43.29 -9.92 8.05
C LEU B 466 42.47 -11.17 8.30
N GLN B 467 41.28 -10.98 8.88
CA GLN B 467 40.34 -12.07 9.14
C GLN B 467 39.36 -12.15 7.98
N MET B 468 39.30 -13.30 7.33
CA MET B 468 38.55 -13.51 6.09
C MET B 468 37.45 -14.52 6.36
N ASP B 469 36.19 -14.14 6.09
CA ASP B 469 35.07 -15.06 6.15
C ASP B 469 34.46 -15.27 4.76
N SER B 470 33.78 -16.40 4.59
CA SER B 470 33.04 -16.71 3.36
C SER B 470 33.89 -16.52 2.10
N LEU B 471 34.95 -17.32 2.02
CA LEU B 471 35.84 -17.29 0.88
C LEU B 471 35.18 -17.90 -0.36
N LYS B 472 35.72 -17.53 -1.52
CA LYS B 472 35.24 -17.94 -2.83
C LYS B 472 36.46 -18.17 -3.72
N PRO B 473 36.34 -19.01 -4.74
CA PRO B 473 37.53 -19.31 -5.58
C PRO B 473 38.13 -18.07 -6.23
N GLU B 474 37.33 -17.03 -6.49
CA GLU B 474 37.87 -15.74 -6.91
C GLU B 474 38.70 -15.05 -5.83
N ASP B 475 38.64 -15.51 -4.58
CA ASP B 475 39.55 -15.00 -3.55
C ASP B 475 40.93 -15.66 -3.61
N THR B 476 41.11 -16.66 -4.47
CA THR B 476 42.39 -17.34 -4.58
C THR B 476 43.45 -16.37 -5.13
N ALA B 477 44.47 -16.10 -4.32
CA ALA B 477 45.52 -15.18 -4.72
C ALA B 477 46.67 -15.31 -3.74
N VAL B 478 47.83 -14.80 -4.16
CA VAL B 478 48.88 -14.45 -3.23
C VAL B 478 48.54 -13.11 -2.60
N TYR B 479 48.50 -13.05 -1.27
CA TYR B 479 48.19 -11.80 -0.59
C TYR B 479 49.45 -11.17 -0.03
N TYR B 480 49.58 -9.88 -0.15
CA TYR B 480 50.73 -9.15 0.35
C TYR B 480 50.39 -8.09 1.34
N CYS B 481 51.15 -7.95 2.41
CA CYS B 481 50.94 -6.83 3.33
C CYS B 481 51.90 -5.74 2.89
N ALA B 482 51.55 -4.50 3.20
CA ALA B 482 52.36 -3.38 2.80
C ALA B 482 52.28 -2.28 3.85
N ALA B 483 53.34 -1.47 3.95
CA ALA B 483 53.38 -0.39 4.90
C ALA B 483 53.76 0.91 4.22
N ARG B 484 53.17 2.00 4.73
CA ARG B 484 53.43 3.36 4.30
C ARG B 484 53.97 4.16 5.48
N ARG B 485 55.14 4.74 5.31
CA ARG B 485 55.78 5.45 6.40
C ARG B 485 55.17 6.84 6.63
N ARG B 486 54.77 7.55 5.57
CA ARG B 486 54.29 8.92 5.70
C ARG B 486 52.78 9.03 5.74
N GLY B 487 52.33 10.16 6.31
CA GLY B 487 50.94 10.47 6.51
C GLY B 487 50.20 10.67 5.20
N PHE B 488 48.92 10.91 5.29
CA PHE B 488 48.15 11.05 4.11
C PHE B 488 46.81 11.69 4.37
N THR B 489 46.12 12.16 3.34
CA THR B 489 44.76 12.65 3.52
C THR B 489 43.73 11.66 3.02
N LEU B 490 43.83 11.28 1.77
CA LEU B 490 43.02 10.20 1.26
C LEU B 490 43.71 8.89 1.59
N ALA B 491 42.96 7.95 2.13
CA ALA B 491 43.59 6.70 2.55
C ALA B 491 44.22 6.00 1.35
N PRO B 492 45.48 5.59 1.47
CA PRO B 492 46.19 4.99 0.35
C PRO B 492 45.68 3.66 -0.14
N THR B 493 45.42 3.57 -1.43
CA THR B 493 44.92 2.35 -2.00
C THR B 493 45.64 1.89 -3.24
N ARG B 494 46.69 2.60 -3.63
CA ARG B 494 47.45 2.23 -4.82
C ARG B 494 48.76 1.62 -4.40
N ALA B 495 49.27 0.66 -5.13
CA ALA B 495 50.49 -0.01 -4.70
C ALA B 495 51.65 0.97 -4.52
N ASN B 496 51.83 1.90 -5.44
CA ASN B 496 52.94 2.82 -5.32
C ASN B 496 52.80 3.75 -4.16
N GLU B 497 51.67 3.67 -3.46
CA GLU B 497 51.42 4.52 -2.31
C GLU B 497 51.99 3.94 -1.04
N TYR B 498 52.48 2.73 -1.09
CA TYR B 498 53.10 2.10 0.04
C TYR B 498 54.58 1.96 -0.24
N ASP B 499 55.39 1.78 0.78
CA ASP B 499 56.83 1.72 0.57
C ASP B 499 57.51 0.38 0.83
N TYR B 500 56.96 -0.39 1.75
CA TYR B 500 57.47 -1.69 2.15
C TYR B 500 56.50 -2.76 1.71
N TRP B 501 57.04 -3.92 1.35
CA TRP B 501 56.20 -5.01 0.89
C TRP B 501 56.65 -6.32 1.49
N GLY B 502 55.68 -7.10 1.97
CA GLY B 502 55.91 -8.46 2.37
C GLY B 502 56.12 -9.34 1.16
N GLN B 503 56.36 -10.63 1.45
CA GLN B 503 56.79 -11.61 0.46
C GLN B 503 55.61 -12.29 -0.23
N GLY B 504 54.42 -12.18 0.34
CA GLY B 504 53.22 -12.79 -0.20
C GLY B 504 52.93 -14.12 0.46
N THR B 505 51.65 -14.36 0.78
CA THR B 505 51.16 -15.65 1.25
C THR B 505 50.12 -16.17 0.26
N GLN B 506 50.28 -17.42 -0.17
CA GLN B 506 49.26 -18.00 -1.05
C GLN B 506 48.01 -18.32 -0.24
N VAL B 507 46.86 -17.89 -0.73
CA VAL B 507 45.58 -18.31 -0.20
C VAL B 507 44.82 -18.98 -1.34
N THR B 508 44.50 -20.26 -1.16
CA THR B 508 43.75 -21.04 -2.12
C THR B 508 42.37 -21.36 -1.53
N VAL B 509 41.35 -21.24 -2.36
CA VAL B 509 40.00 -21.60 -1.96
C VAL B 509 39.42 -22.53 -3.02
N SER B 510 38.87 -23.66 -2.59
CA SER B 510 38.33 -24.67 -3.51
C SER B 510 36.86 -24.98 -3.19
N VAL C 2 -81.08 -37.29 -0.26
CA VAL C 2 -79.92 -36.46 0.10
C VAL C 2 -78.63 -37.08 -0.42
N GLN C 3 -77.72 -36.23 -0.91
CA GLN C 3 -76.50 -36.72 -1.53
C GLN C 3 -75.34 -35.85 -1.09
N LEU C 4 -74.19 -36.49 -0.86
CA LEU C 4 -72.94 -35.83 -0.53
C LEU C 4 -72.02 -36.00 -1.73
N VAL C 5 -71.55 -34.90 -2.29
CA VAL C 5 -70.75 -34.95 -3.50
C VAL C 5 -69.40 -34.32 -3.21
N GLU C 6 -68.36 -35.17 -3.11
CA GLU C 6 -67.01 -34.68 -2.86
C GLU C 6 -66.43 -34.03 -4.11
N SER C 7 -65.87 -32.85 -3.93
CA SER C 7 -65.09 -32.20 -4.99
C SER C 7 -63.65 -32.20 -4.53
N GLY C 8 -62.80 -32.82 -5.32
CA GLY C 8 -61.39 -32.79 -5.03
C GLY C 8 -60.85 -31.41 -5.34
N GLY C 9 -59.56 -31.29 -5.12
CA GLY C 9 -58.82 -30.13 -5.57
C GLY C 9 -57.53 -30.63 -6.18
N GLY C 10 -56.73 -29.69 -6.63
CA GLY C 10 -55.44 -30.01 -7.18
C GLY C 10 -54.38 -29.68 -6.14
N LEU C 11 -53.24 -30.34 -6.25
CA LEU C 11 -52.13 -29.94 -5.41
C LEU C 11 -51.72 -28.53 -5.79
N VAL C 12 -51.70 -27.66 -4.79
CA VAL C 12 -51.30 -26.29 -4.99
C VAL C 12 -50.20 -26.01 -3.98
N ARG C 13 -49.39 -25.04 -4.29
CA ARG C 13 -48.35 -24.58 -3.37
C ARG C 13 -48.83 -23.28 -2.76
N LYS C 14 -49.14 -23.28 -1.48
CA LYS C 14 -49.40 -22.02 -0.78
C LYS C 14 -48.17 -21.63 0.04
N THR C 15 -47.67 -20.47 -0.30
CA THR C 15 -46.60 -19.83 0.41
C THR C 15 -47.10 -19.22 1.70
N THR C 16 -46.27 -19.28 2.73
CA THR C 16 -46.48 -18.46 3.90
C THR C 16 -45.17 -17.72 4.18
N THR C 17 -45.30 -16.48 4.64
CA THR C 17 -44.20 -15.55 4.82
C THR C 17 -44.28 -14.95 6.22
N SER C 18 -43.14 -14.91 6.92
CA SER C 18 -43.03 -14.18 8.17
C SER C 18 -42.35 -12.85 7.91
N VAL C 19 -43.02 -11.76 8.24
CA VAL C 19 -42.38 -10.44 8.15
C VAL C 19 -41.74 -10.20 9.52
N ILE C 20 -40.42 -10.22 9.56
CA ILE C 20 -39.68 -10.11 10.82
C ILE C 20 -39.20 -8.67 11.01
N ASP C 21 -39.47 -8.11 12.19
CA ASP C 21 -38.86 -6.83 12.60
C ASP C 21 -37.44 -7.08 13.10
N THR C 22 -36.46 -6.43 12.50
CA THR C 22 -35.07 -6.50 12.96
C THR C 22 -34.40 -5.15 12.68
N THR C 23 -33.10 -5.11 12.92
CA THR C 23 -32.30 -3.91 12.85
C THR C 23 -31.01 -4.24 12.14
N ASN C 24 -30.31 -3.20 11.71
CA ASN C 24 -29.04 -3.37 11.04
C ASN C 24 -27.88 -3.07 11.96
N ASP C 25 -28.12 -3.04 13.26
CA ASP C 25 -27.03 -2.84 14.19
C ASP C 25 -26.09 -4.05 14.13
N ALA C 26 -24.83 -3.83 14.47
CA ALA C 26 -23.85 -4.87 14.22
C ALA C 26 -24.10 -6.10 15.09
N GLN C 27 -24.52 -5.90 16.34
CA GLN C 27 -24.73 -7.05 17.21
C GLN C 27 -25.75 -8.02 16.62
N ASN C 28 -26.88 -7.49 16.12
CA ASN C 28 -27.90 -8.34 15.53
C ASN C 28 -27.35 -9.14 14.35
N LEU C 29 -26.68 -8.47 13.41
CA LEU C 29 -26.28 -9.15 12.20
C LEU C 29 -25.22 -10.22 12.51
N LEU C 30 -24.32 -9.95 13.47
CA LEU C 30 -23.32 -10.94 13.83
C LEU C 30 -23.96 -12.19 14.45
N THR C 31 -25.03 -11.99 15.23
CA THR C 31 -25.80 -13.10 15.79
C THR C 31 -26.44 -13.95 14.71
N GLN C 32 -27.02 -13.31 13.69
CA GLN C 32 -27.57 -14.06 12.56
C GLN C 32 -26.47 -14.82 11.85
N ALA C 33 -25.30 -14.19 11.71
CA ALA C 33 -24.23 -14.81 10.98
C ALA C 33 -23.72 -16.04 11.71
N GLN C 34 -23.65 -15.97 13.05
CA GLN C 34 -23.22 -17.15 13.80
C GLN C 34 -24.19 -18.29 13.67
N THR C 35 -25.49 -18.01 13.63
CA THR C 35 -26.43 -19.10 13.41
C THR C 35 -26.08 -19.86 12.14
N ILE C 36 -25.72 -19.12 11.09
CA ILE C 36 -25.41 -19.78 9.83
C ILE C 36 -24.13 -20.57 9.93
N VAL C 37 -23.07 -19.98 10.49
CA VAL C 37 -21.78 -20.63 10.50
C VAL C 37 -21.71 -21.74 11.54
N ASN C 38 -22.15 -21.45 12.78
CA ASN C 38 -22.09 -22.46 13.82
C ASN C 38 -22.84 -23.71 13.42
N THR C 39 -23.96 -23.55 12.72
CA THR C 39 -24.70 -24.74 12.32
C THR C 39 -23.89 -25.56 11.32
N LEU C 40 -23.31 -24.94 10.30
CA LEU C 40 -22.46 -25.70 9.38
C LEU C 40 -21.27 -26.29 10.11
N LYS C 41 -20.59 -25.45 10.90
CA LYS C 41 -19.36 -25.84 11.57
C LYS C 41 -19.59 -26.94 12.60
N ASP C 42 -20.73 -26.92 13.29
CA ASP C 42 -20.97 -27.90 14.33
C ASP C 42 -21.64 -29.18 13.83
N TYR C 43 -22.39 -29.12 12.74
CA TYR C 43 -23.14 -30.29 12.30
C TYR C 43 -22.65 -30.86 10.98
N CYS C 44 -21.81 -30.13 10.25
CA CYS C 44 -21.06 -30.66 9.12
C CYS C 44 -21.91 -31.49 8.15
N PRO C 45 -23.07 -30.97 7.73
CA PRO C 45 -23.97 -31.79 6.92
C PRO C 45 -23.32 -32.23 5.61
N ILE C 46 -23.76 -33.38 5.10
CA ILE C 46 -23.26 -33.93 3.84
C ILE C 46 -23.59 -32.99 2.68
N LEU C 47 -22.67 -32.90 1.72
CA LEU C 47 -22.90 -32.12 0.50
C LEU C 47 -23.56 -32.99 -0.58
N ILE C 48 -24.34 -32.34 -1.43
CA ILE C 48 -25.05 -33.05 -2.49
C ILE C 48 -24.11 -33.27 -3.68
N ALA C 49 -24.19 -34.45 -4.28
CA ALA C 49 -23.41 -34.77 -5.47
C ALA C 49 -24.18 -34.47 -6.75
N ASN C 62 -20.31 -25.07 -15.12
CA ASN C 62 -21.06 -26.27 -14.77
C ASN C 62 -21.01 -26.49 -13.26
N THR C 63 -20.52 -27.66 -12.85
CA THR C 63 -20.46 -28.03 -11.44
C THR C 63 -19.21 -27.45 -10.79
N PRO C 64 -19.32 -26.74 -9.67
CA PRO C 64 -18.13 -26.15 -9.06
C PRO C 64 -17.15 -27.23 -8.63
N SER C 65 -15.88 -26.87 -8.55
CA SER C 65 -14.85 -27.88 -8.29
C SER C 65 -15.09 -28.56 -6.94
N TRP C 66 -15.43 -27.78 -5.91
CA TRP C 66 -15.58 -28.33 -4.57
C TRP C 66 -16.75 -29.32 -4.46
N GLN C 67 -17.74 -29.23 -5.35
CA GLN C 67 -18.90 -30.10 -5.21
C GLN C 67 -18.64 -31.50 -5.73
N THR C 68 -17.88 -31.63 -6.83
CA THR C 68 -17.51 -32.96 -7.29
C THR C 68 -16.63 -33.66 -6.24
N ALA C 69 -15.65 -32.93 -5.68
CA ALA C 69 -14.81 -33.49 -4.64
C ALA C 69 -15.59 -33.74 -3.36
N GLY C 70 -16.34 -32.73 -2.91
CA GLY C 70 -17.05 -32.85 -1.66
C GLY C 70 -18.33 -33.66 -1.74
N GLY C 71 -18.88 -33.82 -2.95
CA GLY C 71 -20.11 -34.55 -3.21
C GLY C 71 -20.29 -35.83 -2.42
N GLY C 72 -21.37 -35.91 -1.65
CA GLY C 72 -21.72 -37.08 -0.87
C GLY C 72 -20.88 -37.30 0.38
N LYS C 73 -19.94 -36.40 0.67
CA LYS C 73 -19.11 -36.45 1.87
C LYS C 73 -19.49 -35.26 2.74
N ASN C 74 -19.14 -35.30 4.02
CA ASN C 74 -19.63 -34.27 4.93
C ASN C 74 -18.98 -32.92 4.63
N SER C 75 -19.67 -31.85 4.99
CA SER C 75 -19.21 -30.53 4.60
C SER C 75 -17.90 -30.14 5.27
N CYS C 76 -17.65 -30.60 6.49
CA CYS C 76 -16.41 -30.21 7.17
C CYS C 76 -15.18 -30.88 6.56
N ALA C 77 -15.34 -32.00 5.86
CA ALA C 77 -14.22 -32.55 5.12
C ALA C 77 -13.83 -31.65 3.96
N THR C 78 -14.80 -30.95 3.37
CA THR C 78 -14.52 -30.07 2.25
C THR C 78 -14.26 -28.63 2.71
N PHE C 79 -15.11 -28.08 3.57
CA PHE C 79 -15.03 -26.67 3.97
C PHE C 79 -14.62 -26.47 5.43
N GLY C 80 -13.91 -27.42 6.03
CA GLY C 80 -13.49 -27.24 7.41
C GLY C 80 -12.68 -25.98 7.61
N ALA C 81 -11.80 -25.67 6.64
CA ALA C 81 -10.96 -24.49 6.72
C ALA C 81 -11.76 -23.24 6.44
N GLU C 82 -12.70 -23.32 5.50
CA GLU C 82 -13.55 -22.19 5.17
C GLU C 82 -14.52 -21.91 6.31
N PHE C 83 -15.03 -22.97 6.95
CA PHE C 83 -15.93 -22.76 8.08
C PHE C 83 -15.19 -22.15 9.26
N SER C 84 -13.99 -22.66 9.56
CA SER C 84 -13.22 -22.10 10.66
C SER C 84 -12.79 -20.67 10.37
N ALA C 85 -12.35 -20.39 9.13
CA ALA C 85 -12.02 -19.02 8.76
C ALA C 85 -13.21 -18.12 8.96
N ALA C 86 -14.38 -18.55 8.47
CA ALA C 86 -15.60 -17.76 8.63
C ALA C 86 -16.01 -17.63 10.10
N SER C 87 -15.97 -18.74 10.84
CA SER C 87 -16.25 -18.70 12.27
C SER C 87 -15.29 -17.76 13.00
N ASP C 88 -14.01 -17.75 12.62
CA ASP C 88 -13.07 -16.86 13.28
C ASP C 88 -13.42 -15.38 13.03
N MET C 89 -13.78 -15.03 11.78
CA MET C 89 -14.06 -13.64 11.44
C MET C 89 -15.23 -13.09 12.25
N ILE C 90 -16.30 -13.87 12.39
CA ILE C 90 -17.43 -13.43 13.17
C ILE C 90 -17.02 -13.15 14.62
N ASN C 91 -16.19 -14.03 15.19
CA ASN C 91 -15.85 -13.89 16.60
C ASN C 91 -14.97 -12.67 16.83
N ASN C 92 -13.99 -12.45 15.97
CA ASN C 92 -13.17 -11.27 16.12
C ASN C 92 -13.98 -10.02 15.86
N ALA C 93 -14.95 -10.13 14.96
CA ALA C 93 -15.81 -8.99 14.70
C ALA C 93 -16.70 -8.68 15.91
N GLN C 94 -17.19 -9.71 16.60
CA GLN C 94 -17.89 -9.46 17.87
C GLN C 94 -16.98 -8.76 18.86
N LYS C 95 -15.70 -9.15 18.89
CA LYS C 95 -14.76 -8.45 19.75
C LYS C 95 -14.57 -7.02 19.28
N ILE C 96 -14.61 -6.78 17.96
CA ILE C 96 -14.52 -5.43 17.43
C ILE C 96 -15.65 -4.57 18.00
N VAL C 97 -16.85 -5.14 18.01
CA VAL C 97 -18.03 -4.35 18.39
C VAL C 97 -17.99 -4.00 19.88
N GLN C 98 -17.59 -4.95 20.72
CA GLN C 98 -17.55 -4.69 22.15
C GLN C 98 -16.38 -3.81 22.53
N GLU C 99 -15.23 -3.95 21.85
CA GLU C 99 -14.12 -3.05 22.12
C GLU C 99 -14.45 -1.61 21.72
N THR C 100 -15.31 -1.44 20.72
CA THR C 100 -15.66 -0.10 20.28
C THR C 100 -16.62 0.61 21.23
N GLN C 101 -17.44 -0.16 21.93
CA GLN C 101 -18.35 0.43 22.91
C GLN C 101 -17.60 0.98 24.11
N GLN C 102 -16.57 0.29 24.57
CA GLN C 102 -15.68 0.86 25.57
C GLN C 102 -14.82 1.96 24.98
N LEU C 103 -14.47 1.85 23.71
CA LEU C 103 -13.77 2.94 23.05
C LEU C 103 -14.61 4.22 23.09
N SER C 104 -15.93 4.09 23.05
CA SER C 104 -16.80 5.26 23.17
C SER C 104 -17.02 5.70 24.61
N ALA C 105 -16.89 4.81 25.59
CA ALA C 105 -17.11 5.16 26.98
C ALA C 105 -15.89 5.80 27.63
N ASN C 106 -14.72 5.72 27.00
CA ASN C 106 -13.48 6.29 27.51
C ASN C 106 -12.98 7.34 26.53
N GLN C 107 -13.55 8.54 26.58
CA GLN C 107 -13.01 9.62 25.76
C GLN C 107 -12.44 10.69 26.69
N PRO C 108 -11.13 10.90 26.68
CA PRO C 108 -10.53 11.87 27.61
C PRO C 108 -10.99 13.29 27.30
N LYS C 109 -11.12 14.06 28.38
CA LYS C 109 -11.50 15.46 28.34
C LYS C 109 -10.30 16.32 27.96
N ASN C 110 -10.58 17.51 27.45
CA ASN C 110 -9.53 18.53 27.32
C ASN C 110 -9.48 19.31 28.63
N ILE C 111 -8.45 19.04 29.43
CA ILE C 111 -8.31 19.76 30.67
C ILE C 111 -7.87 21.19 30.38
N THR C 112 -8.31 22.10 31.24
CA THR C 112 -8.15 23.53 31.05
C THR C 112 -6.97 24.08 31.84
N SER C 123 -5.76 17.69 40.45
CA SER C 123 -5.51 16.45 41.18
C SER C 123 -6.17 15.25 40.48
N SER C 124 -7.40 15.44 39.99
CA SER C 124 -8.07 14.35 39.27
C SER C 124 -7.49 14.20 37.88
N LEU C 125 -6.47 14.98 37.54
CA LEU C 125 -5.74 14.75 36.30
C LEU C 125 -5.37 13.28 36.20
N THR C 126 -5.10 12.65 37.33
CA THR C 126 -4.88 11.21 37.30
C THR C 126 -6.11 10.50 36.80
N ALA C 127 -7.31 11.06 37.06
CA ALA C 127 -8.55 10.49 36.49
C ALA C 127 -8.63 10.69 34.98
N LEU C 128 -7.93 11.68 34.45
CA LEU C 128 -7.77 11.83 33.00
C LEU C 128 -6.66 10.96 32.45
N ALA C 129 -5.72 10.49 33.31
CA ALA C 129 -4.58 9.71 32.85
C ALA C 129 -4.97 8.28 32.48
N GLN C 130 -5.96 7.74 33.16
CA GLN C 130 -6.31 6.38 32.85
C GLN C 130 -6.94 6.36 31.48
N LYS C 131 -7.94 7.21 31.32
CA LYS C 131 -8.70 7.17 30.07
C LYS C 131 -7.86 7.23 28.81
N MET C 132 -6.82 8.05 28.79
CA MET C 132 -5.99 8.10 27.59
C MET C 132 -5.35 6.76 27.30
N LEU C 133 -4.91 6.06 28.35
CA LEU C 133 -4.35 4.72 28.19
C LEU C 133 -5.43 3.74 27.79
N LYS C 134 -6.53 3.73 28.53
CA LYS C 134 -7.57 2.75 28.21
C LYS C 134 -8.11 2.94 26.79
N ASN C 135 -8.30 4.20 26.34
CA ASN C 135 -8.70 4.45 24.95
C ASN C 135 -7.65 3.94 23.97
N ALA C 136 -6.37 4.28 24.22
CA ALA C 136 -5.32 3.89 23.27
C ALA C 136 -5.17 2.38 23.17
N GLN C 137 -5.34 1.66 24.29
CA GLN C 137 -5.29 0.20 24.25
C GLN C 137 -6.46 -0.35 23.43
N SER C 138 -7.62 0.32 23.52
CA SER C 138 -8.77 -0.11 22.75
C SER C 138 -8.56 0.12 21.26
N GLN C 139 -8.03 1.29 20.88
CA GLN C 139 -7.76 1.51 19.45
C GLN C 139 -6.71 0.54 18.93
N ALA C 140 -5.68 0.26 19.73
CA ALA C 140 -4.63 -0.65 19.30
C ALA C 140 -5.17 -2.08 19.14
N GLU C 141 -6.12 -2.48 19.98
CA GLU C 141 -6.69 -3.83 19.96
C GLU C 141 -7.67 -3.99 18.81
N ILE C 142 -8.48 -2.96 18.54
CA ILE C 142 -9.37 -3.00 17.39
C ILE C 142 -8.58 -3.18 16.11
N LEU C 143 -7.48 -2.45 15.95
CA LEU C 143 -6.67 -2.60 14.73
C LEU C 143 -6.04 -3.97 14.65
N LYS C 144 -5.72 -4.56 15.82
CA LYS C 144 -5.16 -5.91 15.86
C LYS C 144 -6.17 -6.95 15.43
N LEU C 145 -7.42 -6.79 15.84
CA LEU C 145 -8.49 -7.70 15.44
C LEU C 145 -8.92 -7.47 14.00
N ALA C 146 -8.93 -6.21 13.56
CA ALA C 146 -9.37 -5.96 12.20
C ALA C 146 -8.42 -6.60 11.20
N ASN C 147 -7.10 -6.46 11.43
CA ASN C 147 -6.13 -7.15 10.56
C ASN C 147 -6.27 -8.66 10.69
N GLN C 148 -6.65 -9.15 11.87
CA GLN C 148 -6.93 -10.56 12.02
C GLN C 148 -8.08 -10.96 11.10
N VAL C 149 -9.09 -10.10 10.96
CA VAL C 149 -10.22 -10.37 10.06
C VAL C 149 -9.77 -10.40 8.61
N GLU C 150 -8.92 -9.45 8.21
CA GLU C 150 -8.35 -9.49 6.88
C GLU C 150 -7.61 -10.81 6.64
N SER C 151 -6.85 -11.26 7.63
CA SER C 151 -6.10 -12.50 7.47
C SER C 151 -7.02 -13.70 7.34
N ASP C 152 -8.02 -13.80 8.23
CA ASP C 152 -8.97 -14.90 8.14
C ASP C 152 -9.69 -14.88 6.81
N PHE C 153 -9.95 -13.67 6.29
CA PHE C 153 -10.59 -13.56 4.98
C PHE C 153 -9.74 -14.16 3.86
N ASN C 154 -8.42 -13.99 3.92
CA ASN C 154 -7.58 -14.62 2.92
C ASN C 154 -7.73 -16.13 2.95
N LYS C 155 -7.75 -16.72 4.16
CA LYS C 155 -7.95 -18.15 4.29
C LYS C 155 -9.29 -18.60 3.69
N LEU C 156 -10.35 -17.84 3.91
CA LEU C 156 -11.66 -18.20 3.37
C LEU C 156 -11.72 -18.05 1.86
N SER C 157 -10.99 -17.10 1.30
CA SER C 157 -11.08 -16.73 -0.10
C SER C 157 -9.94 -17.32 -0.95
N SER C 158 -9.12 -18.22 -0.39
CA SER C 158 -8.00 -18.78 -1.12
C SER C 158 -8.06 -20.28 -1.33
N GLY C 159 -9.11 -20.95 -0.85
CA GLY C 159 -9.26 -22.39 -1.03
C GLY C 159 -10.30 -22.77 -2.06
N HIS C 160 -11.27 -23.62 -1.68
CA HIS C 160 -12.29 -24.05 -2.63
C HIS C 160 -13.07 -22.88 -3.21
N LEU C 161 -13.39 -21.86 -2.40
CA LEU C 161 -14.16 -20.73 -2.89
C LEU C 161 -13.31 -19.68 -3.57
N LYS C 162 -12.03 -19.95 -3.85
CA LYS C 162 -11.13 -18.93 -4.38
C LYS C 162 -11.73 -18.24 -5.61
N ASP C 163 -12.33 -19.02 -6.51
CA ASP C 163 -12.90 -18.51 -7.74
C ASP C 163 -14.41 -18.28 -7.67
N TYR C 164 -15.00 -18.29 -6.48
CA TYR C 164 -16.46 -18.21 -6.41
C TYR C 164 -16.97 -17.10 -5.50
N ILE C 165 -16.51 -17.09 -4.25
CA ILE C 165 -17.10 -16.23 -3.22
C ILE C 165 -17.05 -14.74 -3.58
N GLY C 166 -16.08 -14.31 -4.38
CA GLY C 166 -15.90 -12.91 -4.69
C GLY C 166 -16.42 -12.42 -6.03
N LYS C 167 -17.20 -13.22 -6.74
CA LYS C 167 -17.77 -12.83 -8.02
C LYS C 167 -19.29 -12.89 -7.98
N CYS C 168 -19.92 -12.38 -9.03
CA CYS C 168 -21.38 -12.47 -9.16
C CYS C 168 -21.70 -12.47 -10.65
N ASP C 169 -22.94 -12.14 -10.99
CA ASP C 169 -23.35 -12.04 -12.39
C ASP C 169 -24.08 -10.72 -12.69
N ASN C 185 -30.18 -17.28 -12.19
CA ASN C 185 -29.65 -17.96 -10.99
C ASN C 185 -28.24 -17.52 -10.58
N ASN C 186 -28.10 -17.16 -9.30
CA ASN C 186 -26.83 -16.71 -8.75
C ASN C 186 -26.19 -17.69 -7.75
N TRP C 187 -26.80 -18.84 -7.50
CA TRP C 187 -26.16 -19.79 -6.60
C TRP C 187 -24.78 -20.17 -7.15
N GLY C 188 -23.82 -20.32 -6.24
CA GLY C 188 -22.48 -20.70 -6.61
C GLY C 188 -21.48 -19.56 -6.58
N ASN C 189 -21.94 -18.34 -6.77
CA ASN C 189 -21.11 -17.15 -6.63
C ASN C 189 -21.47 -16.43 -5.34
N GLY C 190 -20.50 -15.72 -4.79
CA GLY C 190 -20.70 -15.06 -3.51
C GLY C 190 -21.77 -13.99 -3.55
N CYS C 191 -21.77 -13.19 -4.61
CA CYS C 191 -22.75 -12.11 -4.78
C CYS C 191 -22.91 -11.30 -3.50
N ALA C 192 -21.78 -11.00 -2.83
CA ALA C 192 -21.80 -10.35 -1.53
C ALA C 192 -20.94 -9.11 -1.40
N GLY C 193 -20.21 -8.73 -2.44
CA GLY C 193 -19.38 -7.55 -2.40
C GLY C 193 -18.15 -7.60 -1.50
N VAL C 194 -17.60 -8.80 -1.27
CA VAL C 194 -16.53 -8.92 -0.29
C VAL C 194 -15.24 -8.30 -0.82
N GLU C 195 -15.01 -8.34 -2.12
CA GLU C 195 -13.76 -7.78 -2.65
C GLU C 195 -13.75 -6.27 -2.55
N GLU C 196 -14.91 -5.63 -2.73
CA GLU C 196 -15.05 -4.22 -2.43
C GLU C 196 -14.65 -3.94 -0.98
N THR C 197 -15.22 -4.70 -0.05
CA THR C 197 -15.03 -4.38 1.36
C THR C 197 -13.59 -4.64 1.80
N GLN C 198 -12.94 -5.69 1.29
CA GLN C 198 -11.54 -5.88 1.67
C GLN C 198 -10.65 -4.76 1.15
N SER C 199 -10.91 -4.20 -0.04
CA SER C 199 -10.07 -3.08 -0.46
C SER C 199 -10.29 -1.88 0.47
N LEU C 200 -11.54 -1.64 0.88
CA LEU C 200 -11.78 -0.53 1.80
C LEU C 200 -11.17 -0.82 3.16
N LEU C 201 -11.09 -2.09 3.54
CA LEU C 201 -10.44 -2.48 4.80
C LEU C 201 -8.93 -2.28 4.73
N LYS C 202 -8.30 -2.80 3.68
CA LYS C 202 -6.85 -2.65 3.53
C LYS C 202 -6.48 -1.17 3.49
N THR C 203 -7.25 -0.36 2.75
CA THR C 203 -6.93 1.06 2.67
C THR C 203 -7.09 1.73 4.03
N SER C 204 -8.19 1.44 4.74
CA SER C 204 -8.45 2.11 6.01
C SER C 204 -7.60 1.57 7.15
N ALA C 205 -7.26 0.27 7.14
CA ALA C 205 -6.36 -0.26 8.16
C ALA C 205 -4.96 0.32 7.98
N ALA C 206 -4.50 0.42 6.73
CA ALA C 206 -3.21 1.04 6.45
C ALA C 206 -3.18 2.46 6.94
N ASP C 207 -4.29 3.18 6.81
CA ASP C 207 -4.36 4.54 7.33
C ASP C 207 -4.14 4.56 8.84
N PHE C 208 -4.84 3.70 9.59
CA PHE C 208 -4.58 3.75 11.02
C PHE C 208 -3.24 3.12 11.39
N ASN C 209 -2.86 2.04 10.71
CA ASN C 209 -1.73 1.24 11.17
C ASN C 209 -0.40 1.96 10.97
N ASN C 210 -0.20 2.59 9.80
CA ASN C 210 1.07 3.28 9.58
C ASN C 210 1.18 4.54 10.45
N GLN C 211 0.05 5.11 10.84
CA GLN C 211 0.00 6.34 11.63
C GLN C 211 -0.40 6.06 13.09
N THR C 212 -0.10 4.86 13.58
CA THR C 212 -0.16 4.54 15.01
C THR C 212 0.84 5.28 15.91
N PRO C 213 2.03 5.81 15.42
CA PRO C 213 2.97 6.50 16.33
C PRO C 213 2.34 7.45 17.36
N GLN C 214 1.47 8.35 16.91
CA GLN C 214 0.82 9.29 17.81
C GLN C 214 -0.12 8.63 18.82
N ILE C 215 -0.72 7.48 18.51
CA ILE C 215 -1.42 6.82 19.59
C ILE C 215 -0.44 5.97 20.40
N ASN C 216 0.61 5.41 19.77
CA ASN C 216 1.68 4.78 20.52
C ASN C 216 2.40 5.79 21.41
N GLN C 217 2.75 6.95 20.84
CA GLN C 217 3.36 8.03 21.61
C GLN C 217 2.41 8.52 22.69
N ALA C 218 1.11 8.42 22.46
CA ALA C 218 0.16 8.84 23.48
C ALA C 218 0.18 7.90 24.69
N GLN C 219 0.42 6.61 24.46
CA GLN C 219 0.39 5.67 25.57
C GLN C 219 1.58 5.86 26.50
N ASN C 220 2.76 6.20 25.96
CA ASN C 220 3.90 6.50 26.82
C ASN C 220 3.75 7.84 27.53
N LEU C 221 3.04 8.81 26.91
CA LEU C 221 2.81 10.11 27.54
C LEU C 221 1.92 10.01 28.76
N ALA C 222 0.91 9.12 28.73
CA ALA C 222 0.06 8.95 29.90
C ALA C 222 0.77 8.18 31.00
N ASN C 223 1.55 7.17 30.65
CA ASN C 223 2.31 6.44 31.65
C ASN C 223 3.33 7.34 32.35
N THR C 224 3.84 8.36 31.65
CA THR C 224 4.72 9.32 32.30
C THR C 224 3.99 9.99 33.45
N LEU C 225 2.71 10.35 33.23
CA LEU C 225 1.90 10.90 34.31
C LEU C 225 1.81 9.93 35.47
N ILE C 226 1.22 8.75 35.24
CA ILE C 226 1.20 7.71 36.25
C ILE C 226 2.63 7.38 36.73
N SER C 252 4.23 18.03 29.09
CA SER C 252 3.82 19.39 28.78
C SER C 252 2.32 19.51 28.50
N ALA C 253 1.69 20.61 28.90
CA ALA C 253 0.26 20.79 28.67
C ALA C 253 -0.18 20.90 27.21
N GLN C 254 0.55 21.66 26.40
CA GLN C 254 0.15 21.79 25.02
C GLN C 254 0.22 20.46 24.33
N ALA C 255 1.31 19.74 24.58
CA ALA C 255 1.50 18.43 24.02
C ALA C 255 0.41 17.49 24.51
N ILE C 256 0.03 17.59 25.77
CA ILE C 256 -0.99 16.70 26.24
C ILE C 256 -2.28 16.95 25.48
N ASN C 257 -2.72 18.20 25.43
CA ASN C 257 -3.96 18.50 24.74
C ASN C 257 -3.85 18.24 23.25
N GLN C 258 -2.66 17.97 22.75
CA GLN C 258 -2.51 17.72 21.34
C GLN C 258 -2.67 16.23 21.16
N ALA C 259 -2.22 15.51 22.16
CA ALA C 259 -2.36 14.08 22.15
C ALA C 259 -3.81 13.72 22.32
N VAL C 260 -4.48 14.40 23.23
CA VAL C 260 -5.87 14.09 23.50
C VAL C 260 -6.69 14.31 22.27
N ASN C 261 -6.70 15.54 21.82
CA ASN C 261 -7.47 15.84 20.62
C ASN C 261 -7.13 14.84 19.53
N ASN C 262 -5.86 14.45 19.43
CA ASN C 262 -5.45 13.49 18.41
C ASN C 262 -6.11 12.13 18.65
N LEU C 263 -6.22 11.71 19.92
CA LEU C 263 -6.71 10.38 20.26
C LEU C 263 -8.22 10.27 20.10
N ASN C 264 -8.92 11.38 20.32
CA ASN C 264 -10.35 11.44 20.22
C ASN C 264 -10.85 11.43 18.79
N GLU C 265 -10.10 12.00 17.87
CA GLU C 265 -10.52 12.03 16.49
C GLU C 265 -10.36 10.65 15.91
N ARG C 266 -9.28 9.99 16.25
CA ARG C 266 -9.10 8.63 15.78
C ARG C 266 -10.20 7.73 16.32
N ALA C 267 -10.65 7.97 17.55
CA ALA C 267 -11.73 7.15 18.10
C ALA C 267 -13.04 7.42 17.36
N LYS C 268 -13.32 8.68 17.05
CA LYS C 268 -14.53 9.03 16.33
C LYS C 268 -14.55 8.42 14.96
N THR C 269 -13.39 8.31 14.31
CA THR C 269 -13.36 7.69 12.98
C THR C 269 -13.50 6.18 13.09
N LEU C 270 -12.92 5.59 14.12
CA LEU C 270 -13.00 4.15 14.29
C LEU C 270 -14.41 3.73 14.68
N ALA C 271 -15.05 4.48 15.58
CA ALA C 271 -16.34 4.09 16.14
C ALA C 271 -17.53 4.48 15.29
N GLY C 272 -17.51 5.63 14.64
CA GLY C 272 -18.69 6.10 13.91
C GLY C 272 -18.56 6.12 12.40
N GLY C 273 -17.36 5.93 11.92
CA GLY C 273 -17.14 6.02 10.50
C GLY C 273 -17.55 4.78 9.78
N THR C 274 -17.52 4.86 8.46
CA THR C 274 -17.84 3.70 7.66
C THR C 274 -16.68 3.47 6.72
N THR C 275 -16.57 4.27 5.65
CA THR C 275 -15.52 4.07 4.64
C THR C 275 -14.13 4.12 5.26
N ASN C 276 -13.89 5.04 6.18
CA ASN C 276 -12.54 5.22 6.67
C ASN C 276 -12.24 4.40 7.92
N SER C 277 -13.19 3.58 8.38
CA SER C 277 -13.02 2.84 9.62
C SER C 277 -12.68 1.39 9.34
N PRO C 278 -11.51 0.91 9.76
CA PRO C 278 -11.23 -0.52 9.68
C PRO C 278 -12.01 -1.32 10.70
N ALA C 279 -12.51 -0.67 11.76
CA ALA C 279 -13.42 -1.38 12.66
C ALA C 279 -14.70 -1.74 11.92
N TYR C 280 -15.31 -0.75 11.29
CA TYR C 280 -16.48 -0.98 10.49
C TYR C 280 -16.22 -1.84 9.26
N GLN C 281 -15.18 -1.59 8.50
CA GLN C 281 -14.94 -2.41 7.31
C GLN C 281 -14.67 -3.87 7.66
N ALA C 282 -14.03 -4.13 8.81
CA ALA C 282 -13.73 -5.50 9.19
C ALA C 282 -14.99 -6.23 9.66
N THR C 283 -15.86 -5.52 10.39
CA THR C 283 -17.15 -6.08 10.76
C THR C 283 -17.97 -6.42 9.52
N LEU C 284 -18.02 -5.49 8.56
CA LEU C 284 -18.82 -5.70 7.36
C LEU C 284 -18.27 -6.85 6.54
N LEU C 285 -16.96 -7.01 6.52
CA LEU C 285 -16.37 -8.12 5.76
C LEU C 285 -16.74 -9.47 6.37
N ALA C 286 -16.74 -9.55 7.69
CA ALA C 286 -17.22 -10.76 8.36
C ALA C 286 -18.66 -11.08 7.97
N LEU C 287 -19.53 -10.06 7.93
CA LEU C 287 -20.93 -10.32 7.66
C LEU C 287 -21.15 -10.75 6.21
N ARG C 288 -20.70 -9.95 5.26
CA ARG C 288 -20.92 -10.36 3.89
C ARG C 288 -20.10 -11.59 3.51
N SER C 289 -19.05 -11.91 4.25
CA SER C 289 -18.36 -13.17 3.94
C SER C 289 -19.21 -14.38 4.26
N VAL C 290 -19.98 -14.35 5.36
CA VAL C 290 -20.85 -15.48 5.61
C VAL C 290 -21.97 -15.49 4.59
N LEU C 291 -22.42 -14.31 4.19
CA LEU C 291 -23.41 -14.19 3.13
C LEU C 291 -22.85 -14.72 1.81
N GLY C 292 -21.59 -14.41 1.52
CA GLY C 292 -20.97 -14.96 0.33
C GLY C 292 -20.75 -16.45 0.44
N LEU C 293 -20.41 -16.95 1.63
CA LEU C 293 -20.24 -18.38 1.83
C LEU C 293 -21.53 -19.14 1.56
N TRP C 294 -22.63 -18.66 2.11
CA TRP C 294 -23.89 -19.38 1.95
C TRP C 294 -24.36 -19.31 0.51
N ASN C 295 -24.16 -18.16 -0.16
CA ASN C 295 -24.50 -18.09 -1.57
C ASN C 295 -23.68 -19.06 -2.41
N SER C 296 -22.46 -19.37 -1.97
CA SER C 296 -21.57 -20.17 -2.78
C SER C 296 -21.87 -21.65 -2.67
N MET C 297 -22.20 -22.12 -1.47
CA MET C 297 -22.31 -23.56 -1.20
C MET C 297 -23.65 -23.96 -0.59
N GLY C 298 -24.47 -23.00 -0.14
CA GLY C 298 -25.63 -23.34 0.67
C GLY C 298 -26.61 -24.25 -0.03
N TYR C 299 -26.77 -24.11 -1.35
CA TYR C 299 -27.67 -24.99 -2.08
C TYR C 299 -27.29 -26.47 -1.98
N ALA C 300 -26.02 -26.77 -1.68
CA ALA C 300 -25.55 -28.15 -1.74
C ALA C 300 -25.63 -28.89 -0.42
N VAL C 301 -26.18 -28.26 0.63
CA VAL C 301 -26.28 -28.87 1.95
C VAL C 301 -27.55 -29.70 2.06
N ILE C 302 -27.42 -30.93 2.50
CA ILE C 302 -28.55 -31.82 2.71
C ILE C 302 -29.29 -31.45 3.98
N CYS C 303 -30.60 -31.27 3.87
CA CYS C 303 -31.49 -30.93 4.97
C CYS C 303 -32.73 -31.80 4.86
N GLY C 304 -33.47 -31.88 5.94
CA GLY C 304 -34.60 -32.78 6.01
C GLY C 304 -34.37 -34.00 6.83
N GLY C 305 -33.27 -34.06 7.58
CA GLY C 305 -33.06 -35.19 8.47
C GLY C 305 -34.19 -35.29 9.47
N TYR C 306 -34.67 -36.52 9.67
CA TYR C 306 -35.80 -36.72 10.57
C TYR C 306 -35.34 -36.51 11.96
N THR C 307 -36.23 -36.07 12.82
CA THR C 307 -35.71 -35.71 14.14
C THR C 307 -36.02 -36.76 15.20
N LYS C 308 -37.25 -37.24 15.27
CA LYS C 308 -37.61 -38.21 16.31
C LYS C 308 -37.84 -39.61 15.74
N SER C 309 -38.73 -39.79 14.78
CA SER C 309 -39.06 -41.15 14.40
C SER C 309 -39.00 -41.31 12.88
N PRO C 310 -38.62 -42.53 12.40
CA PRO C 310 -38.29 -42.71 10.97
C PRO C 310 -39.41 -42.59 9.95
N GLY C 311 -40.53 -43.28 10.19
CA GLY C 311 -41.60 -43.43 9.21
C GLY C 311 -42.05 -42.15 8.53
N GLU C 312 -41.91 -41.03 9.21
CA GLU C 312 -42.35 -39.74 8.68
C GLU C 312 -41.32 -39.17 7.70
N ASN C 313 -41.81 -38.35 6.78
CA ASN C 313 -40.98 -37.65 5.83
C ASN C 313 -41.58 -36.25 5.71
N ASN C 314 -41.34 -35.44 6.74
CA ASN C 314 -41.62 -34.02 6.65
C ASN C 314 -40.74 -33.38 5.59
N GLN C 315 -41.40 -32.64 4.69
CA GLN C 315 -40.75 -31.82 3.70
C GLN C 315 -41.20 -30.37 3.84
N LYS C 316 -40.28 -29.46 3.57
CA LYS C 316 -40.57 -28.03 3.49
C LYS C 316 -39.73 -27.40 2.40
N ASP C 317 -40.30 -26.45 1.66
CA ASP C 317 -39.49 -25.68 0.70
C ASP C 317 -39.18 -24.30 1.27
N PHE C 318 -37.97 -23.83 0.98
CA PHE C 318 -37.55 -22.51 1.41
C PHE C 318 -37.23 -21.65 0.21
N HIS C 319 -37.70 -20.40 0.27
CA HIS C 319 -37.69 -19.46 -0.84
C HIS C 319 -36.51 -18.51 -0.72
N TYR C 320 -35.85 -18.30 -1.86
CA TYR C 320 -34.76 -17.35 -2.04
C TYR C 320 -35.09 -16.44 -3.21
N THR C 321 -34.46 -15.25 -3.24
CA THR C 321 -34.61 -14.35 -4.38
C THR C 321 -33.29 -13.67 -4.72
N ASP C 322 -32.91 -13.66 -6.00
CA ASP C 322 -31.73 -12.92 -6.44
C ASP C 322 -31.85 -11.42 -6.12
N GLU C 323 -30.73 -10.74 -6.32
CA GLU C 323 -30.67 -9.30 -6.22
C GLU C 323 -31.49 -8.76 -7.36
N ASN C 324 -31.38 -9.44 -8.50
CA ASN C 324 -32.05 -9.13 -9.74
C ASN C 324 -33.53 -9.44 -9.76
N GLY C 325 -34.01 -10.20 -8.79
CA GLY C 325 -35.41 -10.54 -8.73
C GLY C 325 -35.80 -11.95 -9.04
N ASN C 326 -34.85 -12.77 -9.42
CA ASN C 326 -35.18 -14.15 -9.69
C ASN C 326 -35.43 -15.00 -8.46
N GLY C 327 -36.35 -15.92 -8.54
CA GLY C 327 -36.65 -16.73 -7.39
C GLY C 327 -36.36 -18.19 -7.53
N THR C 328 -35.94 -18.79 -6.45
CA THR C 328 -35.64 -20.21 -6.38
C THR C 328 -36.06 -20.75 -5.02
N THR C 329 -36.34 -22.05 -4.98
CA THR C 329 -36.74 -22.72 -3.74
C THR C 329 -35.79 -23.88 -3.47
N ILE C 330 -35.51 -24.11 -2.20
CA ILE C 330 -34.76 -25.28 -1.74
C ILE C 330 -35.73 -26.21 -1.03
N ASN C 331 -35.67 -27.47 -1.38
CA ASN C 331 -36.52 -28.47 -0.82
C ASN C 331 -35.77 -29.20 0.27
N CYS C 332 -36.45 -29.61 1.32
CA CYS C 332 -35.81 -30.31 2.40
C CYS C 332 -36.58 -31.55 2.73
N GLY C 333 -36.07 -32.71 2.36
CA GLY C 333 -36.74 -33.96 2.67
C GLY C 333 -37.26 -34.76 1.50
N GLY C 334 -36.55 -34.71 0.39
CA GLY C 334 -36.92 -35.44 -0.81
C GLY C 334 -35.76 -36.15 -1.49
N THR C 349 -35.54 -39.40 4.69
CA THR C 349 -35.54 -40.74 5.29
C THR C 349 -34.27 -40.97 6.10
N LEU C 350 -33.44 -39.94 6.21
CA LEU C 350 -32.21 -40.06 6.97
C LEU C 350 -32.19 -39.16 8.19
N LYS C 351 -31.79 -39.70 9.32
CA LYS C 351 -31.76 -38.97 10.57
C LYS C 351 -30.97 -37.66 10.56
N ALA C 352 -31.54 -36.65 11.20
CA ALA C 352 -30.93 -35.33 11.37
C ALA C 352 -29.88 -35.42 12.46
N ASP C 353 -28.70 -35.91 12.11
CA ASP C 353 -27.62 -35.97 13.08
C ASP C 353 -26.36 -35.34 12.47
N LYS C 354 -25.41 -34.98 13.33
CA LYS C 354 -24.11 -34.45 12.91
C LYS C 354 -23.48 -35.32 11.83
N ASN C 355 -22.81 -34.67 10.87
CA ASN C 355 -22.07 -35.34 9.80
C ASN C 355 -22.99 -36.13 8.89
N VAL C 356 -24.30 -35.85 8.93
CA VAL C 356 -25.25 -36.45 8.00
C VAL C 356 -26.13 -35.36 7.40
N SER C 357 -27.13 -34.87 8.15
CA SER C 357 -28.00 -33.84 7.59
C SER C 357 -28.48 -32.91 8.68
N LEU C 358 -28.98 -31.76 8.25
CA LEU C 358 -29.67 -30.82 9.10
C LEU C 358 -31.14 -31.18 9.15
N SER C 359 -31.75 -31.02 10.32
CA SER C 359 -33.21 -31.11 10.43
C SER C 359 -33.86 -29.90 9.78
N ILE C 360 -35.16 -30.00 9.53
CA ILE C 360 -35.93 -28.87 9.04
C ILE C 360 -35.78 -27.67 9.96
N GLU C 361 -35.96 -27.88 11.27
CA GLU C 361 -35.87 -26.79 12.24
C GLU C 361 -34.50 -26.12 12.18
N GLN C 362 -33.45 -26.93 12.02
CA GLN C 362 -32.12 -26.35 11.84
C GLN C 362 -32.04 -25.52 10.57
N TYR C 363 -32.57 -26.00 9.47
CA TYR C 363 -32.57 -25.23 8.25
C TYR C 363 -33.46 -24.02 8.38
N GLU C 364 -34.60 -24.15 9.03
CA GLU C 364 -35.43 -22.97 9.25
C GLU C 364 -34.59 -21.84 9.83
N LYS C 365 -33.70 -22.15 10.78
CA LYS C 365 -32.97 -21.09 11.46
C LYS C 365 -31.89 -20.51 10.57
N ILE C 366 -31.12 -21.35 9.87
CA ILE C 366 -30.16 -20.83 8.89
C ILE C 366 -30.86 -19.91 7.89
N HIS C 367 -32.02 -20.35 7.40
CA HIS C 367 -32.70 -19.65 6.32
C HIS C 367 -33.27 -18.31 6.77
N GLU C 368 -33.88 -18.26 7.96
CA GLU C 368 -34.29 -17.00 8.56
C GLU C 368 -33.11 -16.08 8.84
N ALA C 369 -32.02 -16.64 9.41
CA ALA C 369 -30.84 -15.82 9.65
C ALA C 369 -30.29 -15.24 8.37
N TYR C 370 -30.27 -16.03 7.32
CA TYR C 370 -29.80 -15.54 6.05
C TYR C 370 -30.69 -14.47 5.48
N GLN C 371 -31.99 -14.64 5.56
CA GLN C 371 -32.92 -13.64 5.07
C GLN C 371 -32.81 -12.32 5.84
N ILE C 372 -32.52 -12.35 7.13
CA ILE C 372 -32.30 -11.12 7.87
C ILE C 372 -30.99 -10.49 7.47
N LEU C 373 -29.93 -11.29 7.48
CA LEU C 373 -28.62 -10.75 7.15
C LEU C 373 -28.64 -10.17 5.75
N SER C 374 -29.21 -10.93 4.80
CA SER C 374 -29.29 -10.48 3.42
C SER C 374 -30.11 -9.21 3.28
N LYS C 375 -31.30 -9.18 3.88
CA LYS C 375 -32.15 -8.00 3.71
C LYS C 375 -31.49 -6.78 4.31
N ALA C 376 -30.95 -6.90 5.52
CA ALA C 376 -30.36 -5.75 6.23
C ALA C 376 -29.18 -5.17 5.45
N LEU C 377 -28.26 -6.03 5.00
CA LEU C 377 -27.07 -5.54 4.33
C LEU C 377 -27.42 -4.87 3.01
N LYS C 378 -28.42 -5.39 2.27
CA LYS C 378 -28.70 -4.85 0.95
C LYS C 378 -29.59 -3.62 0.99
N GLN C 379 -30.50 -3.52 1.96
CA GLN C 379 -31.44 -2.40 1.99
C GLN C 379 -31.03 -1.28 2.95
N ALA C 380 -30.35 -1.58 4.03
CA ALA C 380 -29.98 -0.54 4.98
C ALA C 380 -28.49 -0.53 5.28
N GLY C 381 -27.73 -1.53 4.84
CA GLY C 381 -26.32 -1.61 5.14
C GLY C 381 -26.12 -1.85 6.61
N LEU C 382 -24.86 -2.01 6.99
CA LEU C 382 -24.53 -2.16 8.39
C LEU C 382 -24.58 -0.80 9.09
N ALA C 383 -25.20 -0.77 10.27
CA ALA C 383 -25.21 0.50 10.96
C ALA C 383 -23.79 0.78 11.43
N PRO C 384 -23.42 2.06 11.50
CA PRO C 384 -22.15 2.42 12.15
C PRO C 384 -22.05 1.81 13.54
N LEU C 385 -20.83 1.38 13.90
CA LEU C 385 -20.68 0.56 15.10
C LEU C 385 -21.19 1.26 16.36
N ASN C 386 -21.17 2.60 16.41
CA ASN C 386 -21.67 3.28 17.60
C ASN C 386 -23.10 3.79 17.45
N SER C 387 -23.75 3.55 16.30
CA SER C 387 -25.18 3.71 16.11
C SER C 387 -25.93 2.55 16.77
N LYS C 388 -27.24 2.71 16.96
CA LYS C 388 -28.03 1.62 17.51
C LYS C 388 -28.97 1.02 16.49
N GLY C 389 -29.07 1.59 15.30
CA GLY C 389 -29.61 0.80 14.24
C GLY C 389 -31.03 1.09 13.83
N GLU C 390 -31.17 1.24 12.52
CA GLU C 390 -32.40 1.43 11.77
C GLU C 390 -33.27 0.17 11.86
N LYS C 391 -34.59 0.34 11.85
CA LYS C 391 -35.49 -0.81 11.78
C LYS C 391 -35.81 -1.21 10.35
N LEU C 392 -36.07 -2.50 10.16
CA LEU C 392 -36.36 -3.01 8.83
C LEU C 392 -37.13 -4.32 8.95
N GLU C 393 -37.78 -4.69 7.86
CA GLU C 393 -38.59 -5.90 7.78
C GLU C 393 -37.90 -6.90 6.86
N ALA C 394 -37.65 -8.08 7.37
CA ALA C 394 -37.16 -9.15 6.51
C ALA C 394 -38.31 -10.11 6.22
N HIS C 395 -38.40 -10.58 4.99
CA HIS C 395 -39.45 -11.53 4.61
C HIS C 395 -38.87 -12.93 4.51
N VAL C 396 -39.41 -13.86 5.27
CA VAL C 396 -38.86 -15.21 5.29
C VAL C 396 -39.98 -16.12 4.76
N THR C 397 -39.82 -16.63 3.55
CA THR C 397 -40.90 -17.32 2.84
C THR C 397 -40.63 -18.81 2.70
N THR C 398 -41.64 -19.61 3.03
CA THR C 398 -41.60 -21.06 2.93
C THR C 398 -42.85 -21.53 2.21
N SER C 399 -42.84 -22.79 1.81
CA SER C 399 -44.01 -23.32 1.14
C SER C 399 -44.11 -24.81 1.42
N LYS C 400 -45.34 -25.31 1.37
CA LYS C 400 -45.58 -26.73 1.37
C LYS C 400 -46.68 -27.03 0.36
N PRO C 401 -46.63 -28.18 -0.28
CA PRO C 401 -47.73 -28.56 -1.16
C PRO C 401 -48.97 -28.80 -0.32
N SER C 402 -50.11 -28.42 -0.86
CA SER C 402 -51.33 -28.41 -0.09
C SER C 402 -52.47 -28.89 -0.96
N LEU C 403 -53.56 -29.31 -0.31
CA LEU C 403 -54.73 -29.83 -0.98
C LEU C 403 -55.97 -29.55 -0.12
N ARG C 404 -57.05 -29.08 -0.75
CA ARG C 404 -58.32 -28.81 -0.10
C ARG C 404 -59.38 -29.70 -0.73
N LEU C 405 -60.08 -30.46 0.10
CA LEU C 405 -61.24 -31.23 -0.31
C LEU C 405 -62.51 -30.55 0.17
N SER C 406 -63.54 -30.63 -0.65
CA SER C 406 -64.83 -30.09 -0.27
C SER C 406 -65.91 -31.14 -0.50
N CYS C 407 -66.93 -31.07 0.34
CA CYS C 407 -68.08 -31.96 0.31
C CYS C 407 -69.33 -31.11 0.40
N ALA C 408 -70.20 -31.21 -0.60
CA ALA C 408 -71.44 -30.44 -0.57
C ALA C 408 -72.59 -31.40 -0.37
N ALA C 409 -73.44 -31.12 0.62
CA ALA C 409 -74.63 -31.90 0.84
C ALA C 409 -75.77 -31.24 0.09
N SER C 410 -76.59 -32.04 -0.57
CA SER C 410 -77.71 -31.51 -1.31
C SER C 410 -78.98 -31.35 -0.49
N GLY C 411 -79.03 -31.98 0.67
CA GLY C 411 -80.22 -31.89 1.50
C GLY C 411 -80.15 -30.77 2.50
N ARG C 412 -80.32 -31.11 3.77
CA ARG C 412 -80.14 -30.14 4.85
C ARG C 412 -78.98 -30.57 5.74
N THR C 413 -78.86 -29.88 6.87
CA THR C 413 -77.80 -30.07 7.84
C THR C 413 -77.92 -31.39 8.61
N ALA C 417 -75.77 -32.45 12.32
CA ALA C 417 -75.22 -33.00 13.57
C ALA C 417 -73.72 -33.38 13.56
N ALA C 418 -73.24 -34.01 12.49
CA ALA C 418 -71.84 -34.42 12.46
C ALA C 418 -71.46 -34.69 11.02
N MET C 419 -70.31 -34.17 10.59
CA MET C 419 -69.73 -34.51 9.30
C MET C 419 -68.27 -34.89 9.51
N GLY C 420 -67.80 -35.81 8.68
CA GLY C 420 -66.47 -36.34 8.85
C GLY C 420 -65.87 -36.71 7.52
N TRP C 421 -64.58 -37.02 7.55
CA TRP C 421 -63.86 -37.53 6.40
C TRP C 421 -63.25 -38.87 6.77
N PHE C 422 -63.34 -39.80 5.87
CA PHE C 422 -62.77 -41.10 5.99
C PHE C 422 -61.92 -41.33 4.78
N ARG C 423 -61.01 -42.21 4.86
CA ARG C 423 -60.23 -42.47 3.67
C ARG C 423 -60.06 -43.98 3.53
N GLN C 424 -59.82 -44.41 2.30
CA GLN C 424 -59.70 -45.82 2.02
C GLN C 424 -58.56 -46.00 1.03
N ALA C 425 -57.47 -46.58 1.48
CA ALA C 425 -56.42 -47.05 0.61
C ALA C 425 -56.86 -48.38 -0.02
N PRO C 426 -56.40 -48.68 -1.23
CA PRO C 426 -56.87 -49.91 -1.91
C PRO C 426 -56.69 -51.17 -1.07
N GLY C 427 -57.81 -51.87 -0.83
CA GLY C 427 -57.82 -53.11 -0.08
C GLY C 427 -58.10 -52.98 1.41
N LYS C 428 -58.34 -51.78 1.94
CA LYS C 428 -58.44 -51.59 3.38
C LYS C 428 -59.80 -51.04 3.79
N GLU C 429 -60.10 -51.10 5.07
CA GLU C 429 -61.34 -50.49 5.53
C GLU C 429 -61.19 -48.99 5.47
N ARG C 430 -62.27 -48.27 5.56
CA ARG C 430 -62.27 -46.84 5.55
C ARG C 430 -61.87 -46.40 6.93
N ASP C 431 -60.78 -45.66 7.01
CA ASP C 431 -60.26 -45.17 8.29
C ASP C 431 -60.71 -43.73 8.51
N PHE C 432 -61.05 -43.41 9.75
CA PHE C 432 -61.51 -42.10 10.10
C PHE C 432 -60.35 -41.12 10.03
N VAL C 433 -60.61 -39.92 9.54
CA VAL C 433 -59.56 -38.92 9.43
C VAL C 433 -59.90 -37.76 10.36
N ALA C 434 -61.04 -37.12 10.13
CA ALA C 434 -61.39 -35.97 10.94
C ALA C 434 -62.90 -35.72 10.84
N GLY C 435 -63.43 -35.08 11.88
CA GLY C 435 -64.85 -34.83 12.01
C GLY C 435 -65.16 -33.50 12.68
N ILE C 436 -66.37 -33.01 12.46
CA ILE C 436 -66.73 -31.72 13.02
C ILE C 436 -68.15 -31.78 13.61
N TYR C 437 -68.29 -31.34 14.87
CA TYR C 437 -69.62 -31.16 15.46
C TYR C 437 -70.32 -30.05 14.71
N TRP C 438 -71.55 -30.29 14.33
CA TRP C 438 -72.13 -29.42 13.32
C TRP C 438 -72.46 -28.03 13.87
N THR C 439 -73.10 -27.95 15.05
CA THR C 439 -73.56 -26.64 15.50
C THR C 439 -72.44 -25.80 16.10
N VAL C 440 -71.80 -26.30 17.15
CA VAL C 440 -70.74 -25.53 17.80
C VAL C 440 -69.43 -25.63 17.04
N GLY C 441 -69.33 -26.50 16.03
CA GLY C 441 -68.11 -26.57 15.26
C GLY C 441 -66.93 -27.26 15.92
N SER C 442 -67.15 -28.02 16.97
CA SER C 442 -66.05 -28.74 17.59
C SER C 442 -65.47 -29.77 16.64
N THR C 443 -64.17 -30.00 16.75
CA THR C 443 -63.50 -30.84 15.78
C THR C 443 -62.82 -31.99 16.48
N TYR C 444 -62.71 -33.11 15.78
CA TYR C 444 -62.01 -34.27 16.29
C TYR C 444 -61.14 -34.87 15.19
N TYR C 445 -59.88 -35.21 15.53
CA TYR C 445 -58.95 -35.68 14.54
C TYR C 445 -58.36 -37.03 14.89
N ALA C 446 -58.18 -37.87 13.88
CA ALA C 446 -57.43 -39.11 13.98
C ALA C 446 -55.95 -38.82 14.15
N ASP C 447 -55.17 -39.86 14.47
CA ASP C 447 -53.73 -39.67 14.65
C ASP C 447 -53.04 -39.21 13.38
N SER C 448 -53.40 -39.77 12.23
CA SER C 448 -52.72 -39.36 11.00
C SER C 448 -52.86 -37.87 10.74
N ALA C 449 -53.99 -37.29 11.10
CA ALA C 449 -54.32 -35.90 10.80
C ALA C 449 -53.76 -34.89 11.80
N LYS C 450 -53.46 -35.31 13.04
CA LYS C 450 -53.01 -34.44 14.12
C LYS C 450 -52.02 -33.42 13.58
N GLY C 451 -52.41 -32.15 13.45
CA GLY C 451 -51.51 -31.06 13.12
C GLY C 451 -51.27 -30.80 11.65
N ARG C 452 -51.85 -31.60 10.76
CA ARG C 452 -51.59 -31.58 9.33
C ARG C 452 -52.84 -31.30 8.52
N PHE C 453 -53.98 -31.85 8.93
CA PHE C 453 -55.25 -31.70 8.26
C PHE C 453 -56.16 -30.82 9.09
N THR C 454 -57.00 -30.04 8.43
CA THR C 454 -57.93 -29.14 9.11
C THR C 454 -59.32 -29.39 8.55
N ILE C 455 -60.27 -29.57 9.42
CA ILE C 455 -61.64 -29.72 9.00
C ILE C 455 -62.31 -28.42 9.38
N SER C 456 -63.33 -28.04 8.63
CA SER C 456 -64.08 -26.80 8.81
C SER C 456 -65.39 -26.97 8.07
N ARG C 457 -66.37 -26.15 8.42
CA ARG C 457 -67.61 -26.30 7.68
C ARG C 457 -68.17 -24.91 7.40
N ASP C 458 -68.91 -24.82 6.32
CA ASP C 458 -69.70 -23.65 6.00
C ASP C 458 -71.16 -24.06 6.14
N ASN C 459 -71.82 -23.57 7.18
CA ASN C 459 -73.23 -23.87 7.35
C ASN C 459 -74.05 -23.28 6.21
N ALA C 460 -73.59 -22.15 5.67
CA ALA C 460 -74.31 -21.50 4.59
C ALA C 460 -74.37 -22.40 3.36
N LYS C 461 -73.23 -22.87 2.89
CA LYS C 461 -73.14 -23.68 1.68
C LYS C 461 -73.47 -25.15 1.90
N ASN C 462 -73.70 -25.53 3.16
CA ASN C 462 -73.93 -26.93 3.51
C ASN C 462 -72.74 -27.77 3.07
N THR C 463 -71.54 -27.31 3.38
CA THR C 463 -70.32 -27.94 2.93
C THR C 463 -69.35 -28.07 4.09
N VAL C 464 -68.70 -29.20 4.16
CA VAL C 464 -67.58 -29.40 5.05
C VAL C 464 -66.33 -29.46 4.18
N TYR C 465 -65.22 -29.01 4.74
CA TYR C 465 -63.99 -28.89 3.99
C TYR C 465 -62.90 -29.61 4.75
N LEU C 466 -61.93 -30.14 4.03
CA LEU C 466 -60.76 -30.76 4.65
C LEU C 466 -59.53 -30.15 4.01
N GLN C 467 -58.83 -29.31 4.76
CA GLN C 467 -57.62 -28.69 4.27
C GLN C 467 -56.44 -29.56 4.67
N MET C 468 -55.72 -30.06 3.69
CA MET C 468 -54.65 -31.01 3.94
C MET C 468 -53.36 -30.27 3.68
N ASP C 469 -52.55 -30.12 4.72
CA ASP C 469 -51.20 -29.57 4.68
C ASP C 469 -50.22 -30.67 5.00
N SER C 470 -48.96 -30.46 4.62
CA SER C 470 -47.91 -31.45 4.85
C SER C 470 -48.37 -32.84 4.36
N LEU C 471 -48.68 -32.89 3.07
CA LEU C 471 -49.09 -34.13 2.42
C LEU C 471 -47.89 -35.07 2.29
N LYS C 472 -48.18 -36.37 2.27
CA LYS C 472 -47.20 -37.44 2.13
C LYS C 472 -47.78 -38.58 1.33
N PRO C 473 -46.96 -39.44 0.74
CA PRO C 473 -47.55 -40.49 -0.11
C PRO C 473 -48.47 -41.44 0.62
N GLU C 474 -48.26 -41.63 1.92
CA GLU C 474 -49.15 -42.44 2.74
C GLU C 474 -50.56 -41.88 2.82
N ASP C 475 -50.74 -40.63 2.43
CA ASP C 475 -52.06 -40.01 2.35
C ASP C 475 -52.81 -40.40 1.09
N THR C 476 -52.17 -41.13 0.19
CA THR C 476 -52.83 -41.56 -1.04
C THR C 476 -53.94 -42.56 -0.72
N ALA C 477 -55.17 -42.17 -1.02
CA ALA C 477 -56.36 -42.98 -0.78
C ALA C 477 -57.52 -42.33 -1.51
N VAL C 478 -58.59 -43.09 -1.65
CA VAL C 478 -59.89 -42.49 -1.95
C VAL C 478 -60.42 -41.91 -0.64
N TYR C 479 -60.87 -40.67 -0.68
CA TYR C 479 -61.40 -40.04 0.51
C TYR C 479 -62.90 -39.93 0.44
N TYR C 480 -63.56 -40.20 1.54
CA TYR C 480 -64.99 -40.13 1.57
C TYR C 480 -65.54 -39.14 2.56
N CYS C 481 -66.58 -38.47 2.16
CA CYS C 481 -67.27 -37.50 2.98
C CYS C 481 -68.38 -38.27 3.65
N ALA C 482 -68.70 -37.98 4.90
CA ALA C 482 -69.75 -38.73 5.55
C ALA C 482 -70.56 -37.91 6.52
N ALA C 483 -71.83 -38.24 6.68
CA ALA C 483 -72.69 -37.45 7.55
C ALA C 483 -73.48 -38.36 8.48
N ARG C 484 -73.69 -37.87 9.69
CA ARG C 484 -74.46 -38.51 10.73
C ARG C 484 -75.47 -37.51 11.27
N ARG C 485 -76.73 -37.90 11.38
CA ARG C 485 -77.60 -36.93 11.99
C ARG C 485 -78.50 -37.54 13.06
N ARG C 486 -77.97 -38.54 13.77
CA ARG C 486 -78.53 -39.00 15.03
C ARG C 486 -77.68 -38.33 16.10
N GLY C 487 -78.25 -38.14 17.28
CA GLY C 487 -77.49 -37.50 18.34
C GLY C 487 -76.35 -38.42 18.76
N PHE C 488 -75.55 -37.94 19.72
CA PHE C 488 -74.41 -38.73 20.16
C PHE C 488 -73.80 -38.09 21.38
N THR C 489 -73.13 -38.93 22.18
CA THR C 489 -72.40 -38.48 23.35
C THR C 489 -70.89 -38.50 23.12
N LEU C 490 -70.35 -39.63 22.69
CA LEU C 490 -68.97 -39.68 22.25
C LEU C 490 -68.96 -39.29 20.78
N ALA C 491 -67.97 -38.50 20.37
CA ALA C 491 -67.90 -38.06 18.97
C ALA C 491 -67.76 -39.28 18.05
N PRO C 492 -68.61 -39.41 17.02
CA PRO C 492 -68.54 -40.61 16.16
C PRO C 492 -67.29 -40.62 15.28
N THR C 493 -66.54 -41.70 15.38
CA THR C 493 -65.30 -41.91 14.64
C THR C 493 -65.26 -43.26 13.94
N ARG C 494 -66.33 -44.02 13.97
CA ARG C 494 -66.32 -45.32 13.31
C ARG C 494 -67.27 -45.29 12.11
N ALA C 495 -66.89 -46.01 11.05
CA ALA C 495 -67.66 -46.01 9.82
C ALA C 495 -69.11 -46.42 10.06
N ASN C 496 -69.37 -47.29 11.03
CA ASN C 496 -70.75 -47.68 11.26
C ASN C 496 -71.55 -46.60 11.97
N GLU C 497 -70.91 -45.52 12.41
CA GLU C 497 -71.61 -44.45 13.08
C GLU C 497 -71.93 -43.30 12.14
N TYR C 498 -71.54 -43.39 10.86
CA TYR C 498 -72.05 -42.43 9.90
C TYR C 498 -72.99 -43.10 8.90
N ASP C 499 -74.01 -42.36 8.49
CA ASP C 499 -75.13 -42.93 7.76
C ASP C 499 -75.20 -42.47 6.32
N TYR C 500 -74.60 -41.32 6.01
CA TYR C 500 -74.56 -40.71 4.69
C TYR C 500 -73.13 -40.71 4.19
N TRP C 501 -72.98 -41.03 2.92
CA TRP C 501 -71.65 -41.20 2.34
C TRP C 501 -71.56 -40.61 0.94
N GLY C 502 -70.45 -39.91 0.69
CA GLY C 502 -70.14 -39.48 -0.65
C GLY C 502 -69.67 -40.61 -1.55
N GLN C 503 -69.39 -40.26 -2.80
CA GLN C 503 -68.94 -41.21 -3.80
C GLN C 503 -67.42 -41.37 -3.78
N GLY C 504 -66.69 -40.50 -3.06
CA GLY C 504 -65.26 -40.64 -2.88
C GLY C 504 -64.47 -39.89 -3.92
N THR C 505 -63.40 -39.21 -3.54
CA THR C 505 -62.48 -38.63 -4.50
C THR C 505 -61.10 -39.25 -4.32
N GLN C 506 -60.47 -39.61 -5.43
CA GLN C 506 -59.10 -40.07 -5.33
C GLN C 506 -58.20 -38.88 -5.03
N VAL C 507 -57.32 -39.06 -4.05
CA VAL C 507 -56.22 -38.14 -3.73
C VAL C 507 -54.93 -38.91 -3.97
N THR C 508 -54.12 -38.41 -4.87
CA THR C 508 -52.81 -38.97 -5.16
C THR C 508 -51.72 -37.98 -4.75
N VAL C 509 -50.74 -38.49 -4.01
CA VAL C 509 -49.54 -37.74 -3.66
C VAL C 509 -48.36 -38.67 -3.90
N SER C 510 -47.40 -38.22 -4.70
CA SER C 510 -46.23 -39.05 -5.00
C SER C 510 -44.93 -38.29 -4.78
N VAL D 2 46.71 -15.53 41.22
CA VAL D 2 46.56 -14.77 39.98
C VAL D 2 45.50 -13.68 40.14
N GLN D 3 45.69 -12.58 39.42
CA GLN D 3 44.92 -11.36 39.57
C GLN D 3 44.47 -10.90 38.19
N LEU D 4 43.23 -10.41 38.10
CA LEU D 4 42.68 -9.90 36.86
C LEU D 4 42.59 -8.39 37.00
N VAL D 5 43.29 -7.67 36.13
CA VAL D 5 43.29 -6.22 36.21
C VAL D 5 42.80 -5.69 34.88
N GLU D 6 41.52 -5.35 34.82
CA GLU D 6 41.01 -4.72 33.62
C GLU D 6 41.30 -3.23 33.68
N SER D 7 41.87 -2.72 32.60
CA SER D 7 42.03 -1.30 32.42
C SER D 7 41.21 -0.92 31.19
N GLY D 8 40.26 -0.03 31.40
CA GLY D 8 39.42 0.47 30.33
C GLY D 8 40.19 1.35 29.37
N GLY D 9 39.43 1.93 28.46
CA GLY D 9 39.98 2.94 27.58
C GLY D 9 39.02 4.11 27.54
N GLY D 10 39.23 5.02 26.60
CA GLY D 10 38.38 6.19 26.49
C GLY D 10 37.51 6.04 25.26
N LEU D 11 36.38 6.75 25.19
CA LEU D 11 35.61 6.70 23.96
C LEU D 11 36.45 7.21 22.82
N VAL D 12 36.65 6.39 21.79
CA VAL D 12 37.40 6.84 20.63
C VAL D 12 36.52 6.67 19.41
N ARG D 13 36.80 7.48 18.41
CA ARG D 13 36.09 7.41 17.14
C ARG D 13 37.04 6.74 16.16
N LYS D 14 36.74 5.50 15.79
CA LYS D 14 37.44 4.85 14.71
C LYS D 14 36.53 4.94 13.49
N THR D 15 37.01 5.63 12.46
CA THR D 15 36.28 5.70 11.20
C THR D 15 36.42 4.39 10.42
N THR D 16 35.39 4.09 9.63
CA THR D 16 35.47 3.03 8.63
C THR D 16 35.19 3.68 7.28
N THR D 17 35.88 3.22 6.24
CA THR D 17 35.79 3.80 4.92
C THR D 17 35.57 2.66 3.93
N SER D 18 34.57 2.79 3.07
CA SER D 18 34.40 1.87 1.94
C SER D 18 34.94 2.56 0.70
N VAL D 19 35.94 1.93 0.08
CA VAL D 19 36.52 2.43 -1.17
C VAL D 19 35.77 1.73 -2.29
N ILE D 20 34.91 2.47 -2.96
CA ILE D 20 33.99 1.91 -3.95
C ILE D 20 34.55 2.13 -5.35
N ASP D 21 34.56 1.07 -6.15
CA ASP D 21 34.87 1.17 -7.58
C ASP D 21 33.64 1.67 -8.33
N THR D 22 33.81 2.75 -9.07
CA THR D 22 32.70 3.32 -9.80
C THR D 22 33.27 3.93 -11.08
N THR D 23 32.40 4.58 -11.85
CA THR D 23 32.78 5.15 -13.15
C THR D 23 32.16 6.53 -13.29
N ASN D 24 32.63 7.26 -14.29
CA ASN D 24 32.12 8.59 -14.57
C ASN D 24 31.20 8.62 -15.77
N ASP D 25 30.69 7.47 -16.22
CA ASP D 25 29.65 7.48 -17.25
C ASP D 25 28.34 8.07 -16.69
N ALA D 26 27.55 8.65 -17.59
CA ALA D 26 26.37 9.40 -17.17
C ALA D 26 25.32 8.49 -16.57
N GLN D 27 25.18 7.28 -17.09
CA GLN D 27 24.15 6.39 -16.56
C GLN D 27 24.38 6.16 -15.06
N ASN D 28 25.62 5.82 -14.68
CA ASN D 28 25.99 5.61 -13.28
C ASN D 28 25.75 6.86 -12.45
N LEU D 29 26.23 8.00 -12.94
CA LEU D 29 26.13 9.21 -12.16
C LEU D 29 24.67 9.65 -12.02
N LEU D 30 23.84 9.40 -13.03
CA LEU D 30 22.43 9.73 -12.92
C LEU D 30 21.74 8.86 -11.87
N THR D 31 22.15 7.60 -11.76
CA THR D 31 21.61 6.74 -10.71
C THR D 31 21.93 7.30 -9.34
N GLN D 32 23.16 7.75 -9.16
CA GLN D 32 23.55 8.34 -7.87
C GLN D 32 22.73 9.59 -7.60
N ALA D 33 22.52 10.41 -8.63
CA ALA D 33 21.78 11.65 -8.41
C ALA D 33 20.31 11.35 -8.12
N GLN D 34 19.71 10.35 -8.78
CA GLN D 34 18.35 9.98 -8.44
C GLN D 34 18.25 9.42 -7.04
N THR D 35 19.25 8.66 -6.59
CA THR D 35 19.17 8.22 -5.21
C THR D 35 18.98 9.41 -4.30
N ILE D 36 19.70 10.50 -4.57
CA ILE D 36 19.64 11.68 -3.71
C ILE D 36 18.29 12.37 -3.78
N VAL D 37 17.75 12.62 -5.00
CA VAL D 37 16.50 13.39 -5.08
C VAL D 37 15.28 12.51 -4.76
N ASN D 38 15.21 11.27 -5.25
CA ASN D 38 14.05 10.42 -4.93
C ASN D 38 13.86 10.27 -3.44
N THR D 39 14.96 10.18 -2.68
CA THR D 39 14.83 10.02 -1.24
C THR D 39 14.22 11.27 -0.62
N LEU D 40 14.77 12.43 -0.94
CA LEU D 40 14.22 13.67 -0.41
C LEU D 40 12.80 13.92 -0.89
N LYS D 41 12.57 13.79 -2.18
CA LYS D 41 11.27 14.13 -2.73
C LYS D 41 10.19 13.20 -2.20
N ASP D 42 10.51 11.92 -2.00
CA ASP D 42 9.51 10.97 -1.55
C ASP D 42 9.34 10.94 -0.04
N TYR D 43 10.37 11.29 0.73
CA TYR D 43 10.29 11.11 2.16
C TYR D 43 10.26 12.40 2.96
N CYS D 44 10.52 13.54 2.33
CA CYS D 44 10.22 14.86 2.89
C CYS D 44 10.62 14.99 4.35
N PRO D 45 11.84 14.62 4.74
CA PRO D 45 12.19 14.69 6.17
C PRO D 45 12.09 16.11 6.69
N ILE D 46 11.82 16.22 7.99
CA ILE D 46 11.71 17.55 8.59
C ILE D 46 13.05 18.29 8.48
N LEU D 47 12.97 19.60 8.34
CA LEU D 47 14.16 20.43 8.35
C LEU D 47 14.51 20.83 9.78
N ILE D 48 15.82 21.02 10.03
CA ILE D 48 16.35 21.33 11.35
C ILE D 48 16.26 22.83 11.61
N ALA D 49 16.01 23.21 12.86
CA ALA D 49 15.99 24.62 13.23
C ALA D 49 17.41 25.10 13.59
N THR D 63 22.66 32.52 9.28
CA THR D 63 21.49 31.67 9.11
C THR D 63 20.75 31.97 7.79
N PRO D 64 20.61 30.95 6.95
CA PRO D 64 19.98 31.16 5.64
C PRO D 64 18.49 31.41 5.76
N SER D 65 17.96 32.06 4.72
CA SER D 65 16.58 32.52 4.74
C SER D 65 15.59 31.35 4.75
N TRP D 66 15.82 30.34 3.90
CA TRP D 66 14.88 29.23 3.76
C TRP D 66 14.78 28.36 5.00
N GLN D 67 15.78 28.41 5.88
CA GLN D 67 15.69 27.59 7.09
C GLN D 67 14.81 28.24 8.14
N THR D 68 14.79 29.59 8.18
CA THR D 68 13.88 30.31 9.08
C THR D 68 12.42 29.99 8.76
N ALA D 69 12.05 30.08 7.48
CA ALA D 69 10.71 29.70 7.05
C ALA D 69 10.49 28.19 7.23
N GLY D 70 11.47 27.38 6.81
CA GLY D 70 11.33 25.93 6.86
C GLY D 70 11.47 25.35 8.25
N GLY D 71 12.09 26.09 9.17
CA GLY D 71 12.29 25.76 10.57
C GLY D 71 12.07 24.33 11.02
N GLY D 72 11.00 24.09 11.75
CA GLY D 72 10.61 22.76 12.19
C GLY D 72 9.74 22.01 11.23
N LYS D 73 9.52 22.52 10.02
CA LYS D 73 8.54 21.96 9.09
C LYS D 73 9.25 21.18 7.98
N ASN D 74 8.49 20.29 7.33
CA ASN D 74 9.10 19.34 6.41
C ASN D 74 9.70 20.01 5.18
N SER D 75 10.69 19.32 4.58
CA SER D 75 11.44 19.90 3.49
C SER D 75 10.56 20.11 2.27
N CYS D 76 9.53 19.28 2.08
CA CYS D 76 8.69 19.45 0.89
C CYS D 76 7.82 20.70 0.95
N ALA D 77 7.53 21.24 2.14
CA ALA D 77 6.82 22.51 2.21
C ALA D 77 7.71 23.68 1.80
N THR D 78 9.02 23.58 2.02
CA THR D 78 9.90 24.66 1.60
C THR D 78 10.49 24.41 0.20
N PHE D 79 11.01 23.21 -0.05
CA PHE D 79 11.75 22.90 -1.27
C PHE D 79 10.96 22.02 -2.23
N GLY D 80 9.62 22.11 -2.18
CA GLY D 80 8.82 21.29 -3.08
C GLY D 80 9.18 21.53 -4.53
N ALA D 81 9.45 22.79 -4.90
CA ALA D 81 9.79 23.11 -6.28
C ALA D 81 11.22 22.73 -6.62
N GLU D 82 12.14 22.94 -5.68
CA GLU D 82 13.54 22.60 -5.91
C GLU D 82 13.71 21.09 -6.03
N PHE D 83 12.88 20.33 -5.34
CA PHE D 83 12.93 18.87 -5.49
C PHE D 83 12.37 18.42 -6.84
N SER D 84 11.27 19.00 -7.29
CA SER D 84 10.70 18.61 -8.57
C SER D 84 11.55 19.10 -9.76
N ALA D 85 12.04 20.34 -9.71
CA ALA D 85 12.89 20.84 -10.79
C ALA D 85 14.12 19.96 -10.95
N ALA D 86 14.79 19.63 -9.83
CA ALA D 86 15.93 18.74 -9.90
C ALA D 86 15.50 17.36 -10.37
N SER D 87 14.38 16.86 -9.83
CA SER D 87 13.83 15.61 -10.30
C SER D 87 13.58 15.67 -11.80
N ASP D 88 13.05 16.80 -12.28
CA ASP D 88 12.82 16.95 -13.70
C ASP D 88 14.12 16.93 -14.49
N MET D 89 15.16 17.63 -14.01
CA MET D 89 16.40 17.67 -14.77
C MET D 89 16.99 16.28 -14.92
N ILE D 90 17.04 15.52 -13.82
CA ILE D 90 17.59 14.17 -13.83
C ILE D 90 16.83 13.28 -14.80
N ASN D 91 15.49 13.39 -14.82
CA ASN D 91 14.73 12.52 -15.70
C ASN D 91 15.00 12.88 -17.15
N ASN D 92 15.03 14.16 -17.45
CA ASN D 92 15.30 14.57 -18.83
C ASN D 92 16.73 14.25 -19.22
N ALA D 93 17.65 14.30 -18.27
CA ALA D 93 19.02 13.91 -18.58
C ALA D 93 19.10 12.41 -18.89
N GLN D 94 18.33 11.59 -18.16
CA GLN D 94 18.26 10.17 -18.53
C GLN D 94 17.69 9.97 -19.94
N LYS D 95 16.67 10.76 -20.31
CA LYS D 95 16.16 10.63 -21.67
C LYS D 95 17.19 11.10 -22.69
N ILE D 96 18.00 12.11 -22.35
CA ILE D 96 19.08 12.53 -23.25
C ILE D 96 20.05 11.38 -23.45
N VAL D 97 20.43 10.71 -22.38
CA VAL D 97 21.47 9.69 -22.49
C VAL D 97 20.97 8.52 -23.33
N GLN D 98 19.71 8.14 -23.17
CA GLN D 98 19.27 7.01 -23.97
C GLN D 98 19.01 7.41 -25.42
N GLU D 99 18.47 8.62 -25.65
CA GLU D 99 18.33 9.08 -27.03
C GLU D 99 19.68 9.30 -27.68
N THR D 100 20.70 9.65 -26.93
CA THR D 100 22.02 9.77 -27.53
C THR D 100 22.65 8.40 -27.76
N GLN D 101 22.25 7.38 -26.99
CA GLN D 101 22.73 6.02 -27.29
C GLN D 101 22.12 5.54 -28.58
N GLN D 102 20.87 5.90 -28.78
CA GLN D 102 20.22 5.59 -30.04
C GLN D 102 20.77 6.42 -31.19
N LEU D 103 21.06 7.70 -30.94
CA LEU D 103 21.64 8.56 -31.96
C LEU D 103 22.97 8.02 -32.45
N SER D 104 23.68 7.29 -31.59
CA SER D 104 24.98 6.72 -31.94
C SER D 104 24.86 5.51 -32.84
N ALA D 105 23.69 4.86 -32.86
CA ALA D 105 23.46 3.65 -33.65
C ALA D 105 23.30 3.94 -35.14
N ASN D 106 23.40 5.20 -35.55
CA ASN D 106 23.29 5.58 -36.96
C ASN D 106 24.61 6.14 -37.49
N SER D 121 21.61 2.02 -54.70
CA SER D 121 20.81 0.80 -54.77
C SER D 121 19.33 1.02 -54.46
N PRO D 122 18.48 0.94 -55.49
CA PRO D 122 17.05 1.25 -55.30
C PRO D 122 16.41 0.54 -54.10
N SER D 123 16.74 -0.73 -53.87
CA SER D 123 16.14 -1.44 -52.75
C SER D 123 16.79 -1.08 -51.42
N SER D 124 18.12 -0.98 -51.39
CA SER D 124 18.82 -0.65 -50.15
C SER D 124 18.76 0.84 -49.80
N LEU D 125 18.33 1.68 -50.73
CA LEU D 125 18.17 3.10 -50.40
C LEU D 125 16.92 3.37 -49.56
N THR D 126 15.82 2.64 -49.80
CA THR D 126 14.61 2.88 -49.02
C THR D 126 14.80 2.53 -47.54
N ALA D 127 15.58 1.50 -47.23
CA ALA D 127 15.90 1.19 -45.83
C ALA D 127 16.76 2.26 -45.18
N LEU D 128 17.51 3.00 -45.99
CA LEU D 128 18.36 4.11 -45.55
C LEU D 128 17.57 5.34 -45.13
N ALA D 129 16.29 5.44 -45.50
CA ALA D 129 15.54 6.65 -45.22
C ALA D 129 15.21 6.79 -43.74
N GLN D 130 14.78 5.72 -43.08
CA GLN D 130 14.58 5.78 -41.64
C GLN D 130 15.87 6.06 -40.90
N LYS D 131 17.01 5.58 -41.42
CA LYS D 131 18.25 5.69 -40.68
C LYS D 131 18.66 7.15 -40.51
N MET D 132 18.56 7.93 -41.59
CA MET D 132 18.77 9.37 -41.52
C MET D 132 17.56 10.11 -40.97
N LEU D 133 16.35 9.57 -41.15
CA LEU D 133 15.17 10.21 -40.57
C LEU D 133 15.21 10.12 -39.05
N LYS D 134 15.45 8.94 -38.51
CA LYS D 134 15.51 8.85 -37.07
C LYS D 134 16.68 9.67 -36.53
N ASN D 135 17.83 9.63 -37.20
CA ASN D 135 18.93 10.42 -36.67
C ASN D 135 18.52 11.88 -36.43
N ALA D 136 17.86 12.53 -37.40
CA ALA D 136 17.46 13.93 -37.23
C ALA D 136 16.37 14.09 -36.18
N GLN D 137 15.48 13.10 -36.05
CA GLN D 137 14.45 13.18 -35.02
C GLN D 137 15.08 13.16 -33.63
N SER D 138 16.18 12.42 -33.47
CA SER D 138 16.85 12.35 -32.18
C SER D 138 17.51 13.68 -31.83
N GLN D 139 18.21 14.26 -32.78
CA GLN D 139 18.87 15.51 -32.54
C GLN D 139 17.86 16.54 -32.17
N ALA D 140 16.75 16.56 -32.88
CA ALA D 140 15.70 17.52 -32.56
C ALA D 140 15.16 17.25 -31.17
N GLU D 141 15.10 15.98 -30.77
CA GLU D 141 14.57 15.59 -29.47
C GLU D 141 15.56 15.85 -28.35
N ILE D 142 16.82 15.51 -28.58
CA ILE D 142 17.88 15.76 -27.60
C ILE D 142 17.95 17.25 -27.30
N LEU D 143 17.84 18.08 -28.33
CA LEU D 143 17.91 19.53 -28.17
C LEU D 143 16.68 20.08 -27.44
N LYS D 144 15.50 19.47 -27.62
CA LYS D 144 14.32 19.92 -26.87
C LYS D 144 14.45 19.61 -25.40
N LEU D 145 15.11 18.49 -25.07
CA LEU D 145 15.34 18.07 -23.71
C LEU D 145 16.40 18.95 -23.04
N ALA D 146 17.45 19.31 -23.78
CA ALA D 146 18.50 20.14 -23.20
C ALA D 146 17.99 21.54 -22.88
N ASN D 147 17.17 22.12 -23.74
CA ASN D 147 16.54 23.39 -23.39
C ASN D 147 15.52 23.22 -22.27
N GLN D 148 14.86 22.07 -22.18
CA GLN D 148 13.98 21.82 -21.05
C GLN D 148 14.77 21.75 -19.75
N VAL D 149 15.97 21.16 -19.78
CA VAL D 149 16.81 21.09 -18.59
C VAL D 149 17.22 22.50 -18.15
N GLU D 150 17.61 23.36 -19.10
CA GLU D 150 17.98 24.71 -18.74
C GLU D 150 16.82 25.42 -18.06
N SER D 151 15.60 25.24 -18.59
CA SER D 151 14.43 25.89 -18.02
C SER D 151 14.20 25.43 -16.60
N ASP D 152 14.30 24.11 -16.38
CA ASP D 152 14.13 23.56 -15.04
C ASP D 152 15.17 24.10 -14.07
N PHE D 153 16.40 24.33 -14.54
CA PHE D 153 17.43 24.86 -13.65
C PHE D 153 17.04 26.23 -13.12
N ASN D 154 16.42 27.07 -13.95
CA ASN D 154 15.90 28.34 -13.46
C ASN D 154 14.87 28.14 -12.37
N LYS D 155 13.98 27.17 -12.53
CA LYS D 155 13.05 26.90 -11.44
C LYS D 155 13.80 26.53 -10.17
N LEU D 156 14.91 25.78 -10.29
CA LEU D 156 15.71 25.39 -9.14
C LEU D 156 16.50 26.55 -8.58
N SER D 157 16.91 27.47 -9.45
CA SER D 157 17.87 28.49 -9.12
C SER D 157 17.22 29.83 -8.80
N SER D 158 15.90 29.91 -8.85
CA SER D 158 15.21 31.19 -8.69
C SER D 158 14.26 31.23 -7.49
N GLY D 159 14.21 30.19 -6.68
CA GLY D 159 13.38 30.21 -5.49
C GLY D 159 14.19 30.45 -4.23
N HIS D 160 14.07 29.54 -3.26
CA HIS D 160 14.79 29.66 -2.00
C HIS D 160 16.30 29.69 -2.21
N LEU D 161 16.80 28.88 -3.14
CA LEU D 161 18.24 28.75 -3.33
C LEU D 161 18.82 29.84 -4.21
N LYS D 162 18.05 30.87 -4.52
CA LYS D 162 18.50 31.88 -5.47
C LYS D 162 19.86 32.46 -5.07
N ASP D 163 20.08 32.71 -3.78
CA ASP D 163 21.32 33.31 -3.33
C ASP D 163 22.39 32.27 -2.97
N TYR D 164 22.16 30.98 -3.25
CA TYR D 164 23.07 29.99 -2.68
C TYR D 164 23.65 28.97 -3.65
N ILE D 165 22.78 28.28 -4.40
CA ILE D 165 23.19 27.10 -5.15
C ILE D 165 24.32 27.38 -6.14
N GLY D 166 24.40 28.58 -6.69
CA GLY D 166 25.42 28.95 -7.64
C GLY D 166 26.61 29.68 -7.05
N LYS D 167 26.75 29.67 -5.73
CA LYS D 167 27.82 30.41 -5.06
C LYS D 167 28.69 29.44 -4.30
N CYS D 168 29.90 29.89 -3.94
CA CYS D 168 30.81 29.01 -3.18
C CYS D 168 31.77 29.84 -2.35
N ASP D 169 31.60 29.81 -1.03
CA ASP D 169 32.47 30.51 -0.12
C ASP D 169 33.57 29.60 0.42
N ASN D 185 33.51 25.65 6.98
CA ASN D 185 32.91 24.67 6.07
C ASN D 185 32.13 25.33 4.92
N ASN D 186 31.69 24.54 3.94
CA ASN D 186 30.99 25.07 2.77
C ASN D 186 29.50 24.80 2.77
N TRP D 187 28.95 24.18 3.82
CA TRP D 187 27.52 23.92 3.82
C TRP D 187 26.75 25.22 3.65
N GLY D 188 25.69 25.18 2.84
CA GLY D 188 24.86 26.33 2.56
C GLY D 188 25.05 26.92 1.19
N ASN D 189 26.24 26.76 0.59
CA ASN D 189 26.47 27.17 -0.79
C ASN D 189 26.51 25.94 -1.69
N GLY D 190 26.14 26.14 -2.95
CA GLY D 190 26.07 25.02 -3.86
C GLY D 190 27.41 24.35 -4.10
N CYS D 191 28.47 25.16 -4.29
CA CYS D 191 29.83 24.69 -4.56
C CYS D 191 29.89 23.55 -5.56
N ALA D 192 29.14 23.68 -6.64
CA ALA D 192 29.04 22.63 -7.65
C ALA D 192 29.34 23.15 -9.06
N GLY D 193 29.63 24.44 -9.22
CA GLY D 193 29.90 25.02 -10.53
C GLY D 193 28.72 25.12 -11.48
N VAL D 194 27.49 25.28 -10.95
CA VAL D 194 26.33 25.18 -11.85
C VAL D 194 26.25 26.37 -12.78
N GLU D 195 26.65 27.58 -12.37
CA GLU D 195 26.49 28.69 -13.28
C GLU D 195 27.44 28.57 -14.45
N GLU D 196 28.65 28.06 -14.20
CA GLU D 196 29.61 27.76 -15.26
C GLU D 196 28.99 26.84 -16.31
N THR D 197 28.39 25.72 -15.88
CA THR D 197 27.79 24.80 -16.84
C THR D 197 26.56 25.39 -17.51
N GLN D 198 25.80 26.21 -16.77
CA GLN D 198 24.67 26.93 -17.39
C GLN D 198 25.16 27.84 -18.52
N SER D 199 26.33 28.44 -18.37
CA SER D 199 26.91 29.25 -19.44
C SER D 199 27.16 28.40 -20.69
N LEU D 200 27.80 27.26 -20.50
CA LEU D 200 28.14 26.40 -21.63
C LEU D 200 26.91 25.72 -22.21
N LEU D 201 25.88 25.46 -21.41
CA LEU D 201 24.65 24.94 -21.98
C LEU D 201 23.97 25.98 -22.87
N LYS D 202 23.83 27.23 -22.39
CA LYS D 202 23.21 28.25 -23.23
C LYS D 202 23.99 28.46 -24.53
N THR D 203 25.32 28.55 -24.45
CA THR D 203 26.09 28.80 -25.67
C THR D 203 26.00 27.62 -26.62
N SER D 204 26.17 26.40 -26.12
CA SER D 204 26.16 25.26 -27.01
C SER D 204 24.76 24.98 -27.54
N ALA D 205 23.73 25.27 -26.75
CA ALA D 205 22.38 25.12 -27.27
C ALA D 205 22.09 26.17 -28.35
N ALA D 206 22.51 27.43 -28.13
CA ALA D 206 22.35 28.47 -29.14
C ALA D 206 23.05 28.08 -30.44
N ASP D 207 24.22 27.45 -30.33
CA ASP D 207 24.91 26.94 -31.50
C ASP D 207 24.05 25.96 -32.29
N PHE D 208 23.49 24.96 -31.61
CA PHE D 208 22.63 24.02 -32.32
C PHE D 208 21.28 24.63 -32.66
N ASN D 209 20.81 25.57 -31.84
CA ASN D 209 19.50 26.16 -32.08
C ASN D 209 19.48 26.96 -33.37
N ASN D 210 20.51 27.77 -33.63
CA ASN D 210 20.48 28.55 -34.85
C ASN D 210 20.63 27.68 -36.10
N GLN D 211 21.16 26.47 -35.97
CA GLN D 211 21.38 25.58 -37.12
C GLN D 211 20.36 24.46 -37.22
N THR D 212 19.16 24.63 -36.68
CA THR D 212 18.08 23.71 -37.01
C THR D 212 17.67 23.75 -38.49
N PRO D 213 17.78 24.87 -39.24
CA PRO D 213 17.54 24.79 -40.69
C PRO D 213 18.23 23.61 -41.36
N GLN D 214 19.52 23.41 -41.07
CA GLN D 214 20.26 22.34 -41.72
C GLN D 214 19.74 20.96 -41.33
N ILE D 215 19.15 20.87 -40.14
CA ILE D 215 18.56 19.61 -39.67
C ILE D 215 17.22 19.45 -40.36
N ASN D 216 16.49 20.56 -40.49
CA ASN D 216 15.18 20.57 -41.16
C ASN D 216 15.27 20.14 -42.62
N GLN D 217 16.17 20.72 -43.40
CA GLN D 217 16.13 20.35 -44.81
C GLN D 217 16.55 18.90 -45.03
N ALA D 218 17.48 18.38 -44.26
CA ALA D 218 17.80 16.97 -44.44
C ALA D 218 16.62 16.09 -44.02
N GLN D 219 15.86 16.50 -43.01
CA GLN D 219 14.71 15.70 -42.59
C GLN D 219 13.55 15.79 -43.58
N ASN D 220 13.30 16.99 -44.15
CA ASN D 220 12.30 17.08 -45.22
C ASN D 220 12.81 16.47 -46.50
N LEU D 221 14.12 16.53 -46.74
CA LEU D 221 14.70 15.85 -47.89
C LEU D 221 14.53 14.34 -47.75
N ALA D 222 14.52 13.84 -46.52
CA ALA D 222 14.23 12.43 -46.28
C ALA D 222 12.74 12.14 -46.51
N ASN D 223 11.87 13.07 -46.10
CA ASN D 223 10.43 12.91 -46.31
C ASN D 223 10.09 12.79 -47.78
N THR D 224 11.00 13.16 -48.68
CA THR D 224 10.74 13.02 -50.11
C THR D 224 10.46 11.58 -50.49
N LEU D 225 11.30 10.65 -50.04
CA LEU D 225 11.09 9.22 -50.32
C LEU D 225 10.79 8.92 -51.80
N GLN D 254 24.32 13.62 -54.59
CA GLN D 254 25.03 14.82 -54.17
C GLN D 254 24.35 15.58 -53.04
N ALA D 255 23.06 15.86 -53.21
CA ALA D 255 22.30 16.51 -52.14
C ALA D 255 22.14 15.59 -50.94
N ILE D 256 21.96 14.29 -51.18
CA ILE D 256 21.85 13.32 -50.10
C ILE D 256 23.16 13.20 -49.33
N ASN D 257 24.26 12.93 -50.04
CA ASN D 257 25.54 12.73 -49.36
C ASN D 257 26.00 13.98 -48.60
N GLN D 258 25.55 15.18 -48.97
CA GLN D 258 25.84 16.31 -48.10
C GLN D 258 24.87 16.38 -46.93
N ALA D 259 23.62 15.97 -47.13
CA ALA D 259 22.71 15.84 -45.98
C ALA D 259 23.20 14.81 -45.00
N VAL D 260 23.68 13.66 -45.48
CA VAL D 260 24.22 12.66 -44.57
C VAL D 260 25.43 13.23 -43.84
N ASN D 261 26.32 13.91 -44.57
CA ASN D 261 27.44 14.60 -43.93
C ASN D 261 26.94 15.69 -42.98
N ASN D 262 25.75 16.19 -43.21
CA ASN D 262 25.26 17.25 -42.36
C ASN D 262 24.93 16.76 -40.99
N LEU D 263 24.32 15.59 -40.94
CA LEU D 263 23.87 14.99 -39.70
C LEU D 263 24.98 14.25 -38.97
N ASN D 264 25.93 13.66 -39.69
CA ASN D 264 26.94 12.86 -39.01
C ASN D 264 27.92 13.72 -38.21
N GLU D 265 28.38 14.84 -38.78
CA GLU D 265 29.23 15.76 -38.03
C GLU D 265 28.48 16.36 -36.87
N ARG D 266 27.18 16.57 -37.09
CA ARG D 266 26.28 17.10 -36.09
C ARG D 266 26.14 16.06 -34.98
N ALA D 267 25.88 14.81 -35.34
CA ALA D 267 25.77 13.79 -34.26
C ALA D 267 27.09 13.61 -33.46
N LYS D 268 28.24 13.65 -34.13
CA LYS D 268 29.51 13.38 -33.46
C LYS D 268 29.80 14.39 -32.36
N THR D 269 29.46 15.67 -32.57
CA THR D 269 29.69 16.65 -31.51
C THR D 269 28.62 16.57 -30.43
N LEU D 270 27.39 16.22 -30.81
CA LEU D 270 26.31 16.09 -29.85
C LEU D 270 26.53 14.90 -28.92
N ALA D 271 26.99 13.77 -29.48
CA ALA D 271 27.20 12.55 -28.71
C ALA D 271 28.57 12.47 -28.08
N GLY D 272 29.59 12.98 -28.75
CA GLY D 272 30.97 12.81 -28.29
C GLY D 272 31.60 14.08 -27.75
N GLY D 273 30.90 15.22 -27.94
CA GLY D 273 31.45 16.47 -27.51
C GLY D 273 31.27 16.68 -26.02
N THR D 274 31.92 17.73 -25.53
CA THR D 274 31.79 18.15 -24.14
C THR D 274 31.41 19.63 -24.09
N THR D 275 32.41 20.50 -24.24
CA THR D 275 32.18 21.94 -24.18
C THR D 275 31.16 22.41 -25.21
N ASN D 276 31.17 21.82 -26.39
CA ASN D 276 30.30 22.24 -27.48
C ASN D 276 29.00 21.46 -27.55
N SER D 277 28.75 20.52 -26.62
CA SER D 277 27.58 19.64 -26.70
C SER D 277 26.50 20.08 -25.72
N PRO D 278 25.32 20.46 -26.19
CA PRO D 278 24.21 20.71 -25.25
C PRO D 278 23.69 19.45 -24.63
N ALA D 279 23.94 18.30 -25.24
CA ALA D 279 23.58 17.04 -24.60
C ALA D 279 24.46 16.79 -23.38
N TYR D 280 25.76 16.91 -23.56
CA TYR D 280 26.68 16.77 -22.45
C TYR D 280 26.42 17.84 -21.40
N GLN D 281 26.36 19.10 -21.82
CA GLN D 281 26.21 20.18 -20.86
C GLN D 281 24.91 20.05 -20.06
N ALA D 282 23.84 19.54 -20.68
CA ALA D 282 22.59 19.40 -19.94
C ALA D 282 22.67 18.25 -18.94
N THR D 283 23.29 17.13 -19.34
CA THR D 283 23.50 16.05 -18.39
C THR D 283 24.28 16.54 -17.19
N LEU D 284 25.40 17.22 -17.45
CA LEU D 284 26.26 17.70 -16.40
C LEU D 284 25.56 18.72 -15.51
N LEU D 285 24.69 19.55 -16.09
CA LEU D 285 23.99 20.53 -15.27
C LEU D 285 23.00 19.86 -14.34
N ALA D 286 22.29 18.84 -14.82
CA ALA D 286 21.43 18.08 -13.94
C ALA D 286 22.22 17.50 -12.79
N LEU D 287 23.39 16.94 -13.07
CA LEU D 287 24.21 16.31 -12.04
C LEU D 287 24.77 17.32 -11.06
N ARG D 288 25.39 18.39 -11.56
CA ARG D 288 25.91 19.39 -10.65
C ARG D 288 24.80 20.07 -9.85
N SER D 289 23.59 20.11 -10.42
CA SER D 289 22.48 20.70 -9.69
C SER D 289 22.14 19.86 -8.47
N VAL D 290 22.24 18.54 -8.59
CA VAL D 290 21.98 17.68 -7.45
C VAL D 290 23.09 17.82 -6.40
N LEU D 291 24.35 17.99 -6.82
CA LEU D 291 25.39 18.27 -5.83
C LEU D 291 25.16 19.60 -5.14
N GLY D 292 24.83 20.64 -5.89
CA GLY D 292 24.63 21.93 -5.26
C GLY D 292 23.40 21.96 -4.38
N LEU D 293 22.34 21.23 -4.78
CA LEU D 293 21.15 21.13 -3.94
C LEU D 293 21.48 20.50 -2.59
N TRP D 294 22.27 19.43 -2.59
CA TRP D 294 22.64 18.79 -1.33
C TRP D 294 23.61 19.64 -0.52
N ASN D 295 24.52 20.31 -1.17
CA ASN D 295 25.41 21.14 -0.43
C ASN D 295 24.66 22.30 0.17
N SER D 296 23.58 22.72 -0.46
CA SER D 296 22.89 23.93 -0.02
C SER D 296 22.05 23.69 1.22
N MET D 297 21.38 22.53 1.29
CA MET D 297 20.44 22.24 2.36
C MET D 297 20.60 20.88 3.03
N GLY D 298 21.41 19.98 2.48
CA GLY D 298 21.43 18.61 2.98
C GLY D 298 21.81 18.51 4.44
N TYR D 299 22.66 19.42 4.93
CA TYR D 299 23.00 19.40 6.35
C TYR D 299 21.76 19.58 7.24
N ALA D 300 20.67 20.11 6.67
CA ALA D 300 19.49 20.48 7.43
C ALA D 300 18.39 19.42 7.45
N VAL D 301 18.59 18.26 6.85
CA VAL D 301 17.56 17.22 6.86
C VAL D 301 17.72 16.39 8.13
N ILE D 302 16.60 16.14 8.82
CA ILE D 302 16.60 15.28 10.00
C ILE D 302 16.77 13.83 9.59
N CYS D 303 17.78 13.18 10.15
CA CYS D 303 18.04 11.77 9.93
C CYS D 303 18.37 11.17 11.28
N GLY D 304 18.27 9.85 11.35
CA GLY D 304 18.37 9.13 12.60
C GLY D 304 17.05 8.64 13.13
N GLY D 305 15.98 8.75 12.34
CA GLY D 305 14.69 8.23 12.74
C GLY D 305 14.78 6.74 13.00
N TYR D 306 14.07 6.34 14.06
CA TYR D 306 14.05 4.96 14.52
C TYR D 306 13.60 4.08 13.38
N THR D 307 14.11 2.87 13.31
CA THR D 307 13.69 2.03 12.20
C THR D 307 12.70 0.98 12.65
N LYS D 308 12.98 0.39 13.81
CA LYS D 308 12.25 -0.75 14.32
C LYS D 308 11.38 -0.40 15.52
N SER D 309 12.00 -0.01 16.63
CA SER D 309 11.41 0.17 17.96
C SER D 309 11.91 1.46 18.56
N PRO D 310 11.11 2.10 19.44
CA PRO D 310 11.42 3.48 19.84
C PRO D 310 12.73 3.66 20.57
N GLY D 311 13.09 2.74 21.45
CA GLY D 311 14.22 3.00 22.38
C GLY D 311 15.57 2.52 21.84
N GLU D 312 15.65 2.24 20.54
CA GLU D 312 16.93 1.85 19.98
C GLU D 312 17.73 3.11 19.71
N ASN D 313 18.87 3.24 20.38
CA ASN D 313 19.84 4.28 20.04
C ASN D 313 20.83 3.91 18.96
N ASN D 314 20.37 3.65 17.74
CA ASN D 314 21.29 3.61 16.63
C ASN D 314 21.74 5.02 16.32
N GLN D 315 23.05 5.25 16.42
CA GLN D 315 23.66 6.47 15.93
C GLN D 315 24.80 6.10 15.00
N LYS D 316 24.98 6.91 13.97
CA LYS D 316 26.10 6.79 13.06
C LYS D 316 26.37 8.23 12.66
N ASP D 317 27.66 8.56 12.47
CA ASP D 317 28.07 9.87 11.99
C ASP D 317 28.60 9.72 10.57
N PHE D 318 28.35 10.70 9.72
CA PHE D 318 28.79 10.67 8.33
C PHE D 318 29.79 11.76 8.07
N HIS D 319 30.84 11.41 7.35
CA HIS D 319 31.96 12.30 7.14
C HIS D 319 31.89 12.97 5.77
N TYR D 320 32.13 14.28 5.75
CA TYR D 320 32.26 14.97 4.49
C TYR D 320 33.61 15.66 4.44
N THR D 321 34.10 15.91 3.22
CA THR D 321 35.33 16.68 3.03
C THR D 321 35.08 17.60 1.85
N ASP D 322 35.29 18.91 2.04
CA ASP D 322 35.14 19.86 0.94
C ASP D 322 36.51 20.12 0.30
N GLU D 323 36.51 20.97 -0.74
CA GLU D 323 37.68 21.08 -1.60
C GLU D 323 38.87 21.69 -0.87
N ASN D 324 38.60 22.62 0.05
CA ASN D 324 39.62 23.30 0.85
C ASN D 324 40.24 22.32 1.85
N GLY D 325 39.83 21.06 1.78
CA GLY D 325 40.29 20.09 2.73
C GLY D 325 39.60 20.15 4.08
N ASN D 326 38.55 20.95 4.21
CA ASN D 326 37.79 21.00 5.45
C ASN D 326 36.87 19.79 5.58
N GLY D 327 36.82 19.24 6.77
CA GLY D 327 35.99 18.08 7.05
C GLY D 327 34.91 18.43 8.06
N THR D 328 33.74 17.83 7.88
CA THR D 328 32.59 18.02 8.73
C THR D 328 31.93 16.67 8.90
N THR D 329 31.24 16.52 10.02
CA THR D 329 30.54 15.27 10.31
C THR D 329 29.08 15.60 10.51
N ILE D 330 28.20 14.73 10.01
CA ILE D 330 26.78 14.83 10.28
C ILE D 330 26.40 13.66 11.14
N ASN D 331 25.66 13.93 12.21
CA ASN D 331 25.17 12.87 13.08
C ASN D 331 23.72 12.54 12.74
N CYS D 332 23.38 11.26 12.80
CA CYS D 332 22.01 10.79 12.70
C CYS D 332 21.71 10.01 13.96
N GLY D 333 20.87 10.58 14.83
CA GLY D 333 20.48 9.95 16.09
C GLY D 333 20.98 10.77 17.25
N LEU D 350 12.16 8.66 17.71
CA LEU D 350 11.44 9.15 16.54
C LEU D 350 11.29 8.08 15.49
N LYS D 351 10.22 8.15 14.73
CA LYS D 351 9.91 7.15 13.71
C LYS D 351 10.47 7.42 12.32
N ALA D 352 11.15 6.46 11.76
CA ALA D 352 11.66 6.68 10.43
C ALA D 352 10.43 6.58 9.56
N ASP D 353 9.89 7.72 9.18
CA ASP D 353 8.72 7.71 8.33
C ASP D 353 8.59 9.01 7.59
N LYS D 354 7.90 8.92 6.46
CA LYS D 354 7.72 10.12 5.67
C LYS D 354 7.37 11.33 6.53
N ASN D 355 7.90 12.48 6.14
CA ASN D 355 7.60 13.79 6.76
C ASN D 355 8.13 13.93 8.17
N VAL D 356 9.03 13.05 8.62
CA VAL D 356 9.66 13.26 9.93
C VAL D 356 11.16 13.02 9.81
N SER D 357 11.58 11.80 9.48
CA SER D 357 13.01 11.49 9.41
C SER D 357 13.35 10.53 8.28
N LEU D 358 14.61 10.57 7.89
CA LEU D 358 15.17 9.53 7.05
C LEU D 358 15.67 8.39 7.95
N SER D 359 15.56 7.17 7.46
CA SER D 359 16.23 6.10 8.16
C SER D 359 17.75 6.27 8.00
N ILE D 360 18.50 5.66 8.92
CA ILE D 360 19.95 5.65 8.74
C ILE D 360 20.31 4.97 7.44
N GLU D 361 19.69 3.83 7.13
CA GLU D 361 19.95 3.20 5.84
C GLU D 361 19.70 4.18 4.70
N GLN D 362 18.65 4.98 4.81
CA GLN D 362 18.36 5.98 3.77
C GLN D 362 19.44 7.06 3.70
N TYR D 363 19.86 7.63 4.80
CA TYR D 363 20.90 8.60 4.75
C TYR D 363 22.17 7.92 4.29
N GLU D 364 22.44 6.76 4.79
CA GLU D 364 23.61 6.02 4.37
C GLU D 364 23.67 5.94 2.86
N LYS D 365 22.52 5.76 2.19
CA LYS D 365 22.48 5.65 0.73
C LYS D 365 22.66 7.00 0.05
N ILE D 366 21.98 8.04 0.54
CA ILE D 366 22.23 9.39 0.04
C ILE D 366 23.71 9.73 0.13
N HIS D 367 24.31 9.44 1.29
CA HIS D 367 25.69 9.85 1.55
C HIS D 367 26.66 9.10 0.66
N GLU D 368 26.44 7.80 0.46
CA GLU D 368 27.24 7.07 -0.53
C GLU D 368 27.04 7.61 -1.93
N ALA D 369 25.80 7.83 -2.33
CA ALA D 369 25.55 8.37 -3.66
C ALA D 369 26.20 9.74 -3.83
N TYR D 370 26.12 10.58 -2.82
CA TYR D 370 26.76 11.86 -2.90
C TYR D 370 28.26 11.72 -3.01
N GLN D 371 28.85 10.83 -2.24
CA GLN D 371 30.28 10.65 -2.27
C GLN D 371 30.77 10.15 -3.62
N ILE D 372 29.98 9.32 -4.29
CA ILE D 372 30.34 8.89 -5.65
C ILE D 372 30.14 10.03 -6.62
N LEU D 373 28.99 10.69 -6.55
CA LEU D 373 28.73 11.78 -7.48
C LEU D 373 29.79 12.86 -7.33
N SER D 374 30.06 13.29 -6.11
CA SER D 374 31.07 14.32 -5.87
C SER D 374 32.44 13.92 -6.43
N LYS D 375 32.91 12.72 -6.10
CA LYS D 375 34.24 12.33 -6.53
C LYS D 375 34.34 12.20 -8.04
N ALA D 376 33.33 11.61 -8.68
CA ALA D 376 33.38 11.44 -10.14
C ALA D 376 33.49 12.78 -10.85
N LEU D 377 32.61 13.73 -10.50
CA LEU D 377 32.62 15.03 -11.18
C LEU D 377 33.90 15.83 -10.92
N LYS D 378 34.48 15.71 -9.73
CA LYS D 378 35.63 16.53 -9.38
C LYS D 378 36.98 15.95 -9.85
N GLN D 379 37.14 14.63 -9.91
CA GLN D 379 38.42 14.06 -10.32
C GLN D 379 38.47 13.65 -11.77
N ALA D 380 37.36 13.21 -12.34
CA ALA D 380 37.38 12.66 -13.68
C ALA D 380 36.39 13.32 -14.62
N GLY D 381 35.48 14.13 -14.11
CA GLY D 381 34.44 14.73 -14.91
C GLY D 381 33.47 13.69 -15.40
N LEU D 382 32.41 14.16 -16.03
CA LEU D 382 31.45 13.28 -16.69
C LEU D 382 32.08 12.81 -17.99
N ALA D 383 31.96 11.51 -18.28
CA ALA D 383 32.49 11.02 -19.54
C ALA D 383 31.63 11.55 -20.68
N PRO D 384 32.21 11.76 -21.86
CA PRO D 384 31.37 12.07 -23.03
C PRO D 384 30.28 11.02 -23.16
N LEU D 385 29.07 11.46 -23.52
CA LEU D 385 27.91 10.59 -23.40
C LEU D 385 28.05 9.31 -24.19
N ASN D 386 28.82 9.31 -25.28
CA ASN D 386 29.01 8.07 -26.03
C ASN D 386 30.25 7.31 -25.60
N SER D 387 31.02 7.84 -24.67
CA SER D 387 32.05 7.05 -24.00
C SER D 387 31.40 6.17 -22.94
N LYS D 388 32.14 5.19 -22.47
CA LYS D 388 31.63 4.34 -21.41
C LYS D 388 32.41 4.44 -20.11
N GLY D 389 33.44 5.30 -20.04
CA GLY D 389 33.81 5.78 -18.72
C GLY D 389 35.04 5.27 -18.00
N GLU D 390 35.79 6.22 -17.46
CA GLU D 390 36.96 5.92 -16.63
C GLU D 390 36.52 5.20 -15.36
N LYS D 391 37.40 4.37 -14.83
CA LYS D 391 37.17 3.81 -13.51
C LYS D 391 37.70 4.78 -12.47
N LEU D 392 37.11 4.76 -11.28
CA LEU D 392 37.63 5.58 -10.20
C LEU D 392 37.13 5.03 -8.86
N GLU D 393 37.82 5.39 -7.78
CA GLU D 393 37.37 4.92 -6.48
C GLU D 393 36.96 6.08 -5.59
N ALA D 394 35.74 6.00 -5.06
CA ALA D 394 35.20 6.97 -4.12
C ALA D 394 35.28 6.43 -2.71
N HIS D 395 35.64 7.32 -1.79
CA HIS D 395 35.80 7.01 -0.37
C HIS D 395 34.53 7.42 0.37
N VAL D 396 33.96 6.47 1.11
CA VAL D 396 32.72 6.69 1.83
C VAL D 396 33.03 6.42 3.28
N THR D 397 33.15 7.46 4.10
CA THR D 397 33.63 7.32 5.46
C THR D 397 32.51 7.60 6.47
N THR D 398 32.36 6.69 7.42
CA THR D 398 31.38 6.86 8.48
C THR D 398 32.07 6.54 9.78
N SER D 399 31.43 6.87 10.90
CA SER D 399 32.07 6.55 12.16
C SER D 399 31.01 6.43 13.24
N LYS D 400 31.36 5.67 14.26
CA LYS D 400 30.57 5.67 15.47
C LYS D 400 31.54 5.59 16.64
N PRO D 401 31.18 6.18 17.77
CA PRO D 401 32.05 6.11 18.93
C PRO D 401 32.09 4.69 19.47
N SER D 402 33.26 4.31 19.98
CA SER D 402 33.53 2.96 20.47
C SER D 402 34.38 3.04 21.72
N LEU D 403 34.47 1.92 22.40
CA LEU D 403 35.22 1.80 23.63
C LEU D 403 35.84 0.41 23.67
N ARG D 404 37.06 0.34 24.10
CA ARG D 404 37.68 -0.93 24.20
C ARG D 404 38.16 -1.16 25.59
N LEU D 405 37.74 -2.26 26.17
CA LEU D 405 38.16 -2.68 27.50
C LEU D 405 39.21 -3.77 27.34
N SER D 406 40.18 -3.75 28.23
CA SER D 406 41.25 -4.73 28.25
C SER D 406 41.37 -5.31 29.65
N CYS D 407 41.66 -6.60 29.73
CA CYS D 407 41.87 -7.27 31.01
C CYS D 407 43.06 -8.22 30.91
N ALA D 408 44.06 -8.00 31.76
CA ALA D 408 45.28 -8.80 31.79
C ALA D 408 45.30 -9.67 33.05
N ALA D 409 45.53 -10.96 32.87
CA ALA D 409 45.58 -11.92 33.97
C ALA D 409 47.01 -12.14 34.45
N SER D 410 47.18 -12.21 35.76
CA SER D 410 48.48 -12.43 36.36
C SER D 410 48.78 -13.91 36.60
N THR D 416 43.16 -21.29 32.66
CA THR D 416 41.76 -20.92 32.43
C THR D 416 41.12 -21.58 31.19
N ALA D 417 39.83 -21.87 31.33
CA ALA D 417 38.99 -22.42 30.27
C ALA D 417 38.20 -21.35 29.56
N ALA D 418 37.88 -20.29 30.27
CA ALA D 418 36.97 -19.32 29.74
C ALA D 418 37.22 -18.01 30.47
N MET D 419 37.14 -16.92 29.73
CA MET D 419 37.11 -15.58 30.30
C MET D 419 35.88 -14.85 29.80
N GLY D 420 35.34 -13.98 30.64
CA GLY D 420 34.12 -13.30 30.30
C GLY D 420 34.11 -11.89 30.84
N TRP D 421 33.13 -11.14 30.38
CA TRP D 421 32.87 -9.80 30.87
C TRP D 421 31.46 -9.78 31.43
N PHE D 422 31.33 -9.19 32.58
CA PHE D 422 30.06 -8.99 33.19
C PHE D 422 29.91 -7.50 33.43
N ARG D 423 28.71 -7.04 33.63
CA ARG D 423 28.50 -5.63 33.87
C ARG D 423 27.54 -5.51 35.04
N GLN D 424 27.60 -4.36 35.72
CA GLN D 424 26.76 -4.16 36.89
C GLN D 424 26.33 -2.70 36.91
N ALA D 425 25.03 -2.46 36.70
CA ALA D 425 24.46 -1.15 36.95
C ALA D 425 24.30 -0.92 38.46
N PRO D 426 24.34 0.34 38.91
CA PRO D 426 24.36 0.60 40.36
C PRO D 426 23.24 -0.12 41.10
N GLY D 427 23.65 -0.99 42.00
CA GLY D 427 22.68 -1.69 42.83
C GLY D 427 22.17 -3.05 42.37
N LYS D 428 22.64 -3.60 41.26
CA LYS D 428 22.03 -4.83 40.76
C LYS D 428 23.10 -5.92 40.75
N GLU D 429 22.69 -7.13 40.40
CA GLU D 429 23.57 -8.27 40.17
C GLU D 429 24.36 -8.01 38.90
N ARG D 430 25.49 -8.70 38.79
CA ARG D 430 26.32 -8.70 37.61
C ARG D 430 25.63 -9.50 36.50
N ASP D 431 25.42 -8.89 35.35
CA ASP D 431 24.81 -9.59 34.23
C ASP D 431 25.90 -9.89 33.22
N PHE D 432 25.88 -11.12 32.71
CA PHE D 432 26.84 -11.57 31.71
C PHE D 432 26.72 -10.74 30.44
N VAL D 433 27.86 -10.55 29.77
CA VAL D 433 27.88 -9.79 28.52
C VAL D 433 28.43 -10.67 27.40
N ALA D 434 29.67 -11.13 27.54
CA ALA D 434 30.30 -11.91 26.48
C ALA D 434 31.41 -12.75 27.06
N GLY D 435 31.70 -13.87 26.39
CA GLY D 435 32.66 -14.84 26.88
C GLY D 435 33.43 -15.48 25.74
N ILE D 436 34.62 -15.98 26.05
CA ILE D 436 35.48 -16.60 25.06
C ILE D 436 36.13 -17.85 25.61
N TYR D 437 36.04 -18.97 24.88
CA TYR D 437 36.76 -20.18 25.26
C TYR D 437 38.24 -19.88 25.15
N TRP D 438 39.01 -20.35 26.12
CA TRP D 438 40.37 -19.86 26.17
C TRP D 438 41.25 -20.50 25.10
N THR D 439 41.19 -21.83 24.95
CA THR D 439 42.09 -22.52 24.01
C THR D 439 41.61 -22.37 22.58
N VAL D 440 40.42 -22.83 22.29
CA VAL D 440 39.75 -22.53 21.02
C VAL D 440 39.20 -21.12 21.17
N GLY D 441 39.07 -20.39 20.08
CA GLY D 441 38.59 -19.03 20.28
C GLY D 441 37.09 -18.83 20.37
N SER D 442 36.33 -19.89 20.62
CA SER D 442 34.88 -19.78 20.52
C SER D 442 34.30 -18.73 21.45
N THR D 443 33.26 -18.05 20.98
CA THR D 443 32.74 -16.87 21.65
C THR D 443 31.25 -17.06 21.93
N TYR D 444 30.80 -16.40 22.97
CA TYR D 444 29.39 -16.43 23.32
C TYR D 444 28.97 -15.08 23.82
N TYR D 445 27.87 -14.55 23.30
CA TYR D 445 27.48 -13.20 23.66
C TYR D 445 26.08 -13.22 24.23
N ALA D 446 25.85 -12.39 25.24
CA ALA D 446 24.52 -12.07 25.74
C ALA D 446 23.79 -11.24 24.70
N ASP D 447 22.47 -11.07 24.90
CA ASP D 447 21.67 -10.28 23.97
C ASP D 447 22.12 -8.82 23.91
N SER D 448 22.46 -8.23 25.06
CA SER D 448 22.88 -6.82 25.05
C SER D 448 24.09 -6.61 24.15
N ALA D 449 24.96 -7.61 24.05
CA ALA D 449 26.17 -7.53 23.25
C ALA D 449 25.96 -7.88 21.79
N LYS D 450 24.90 -8.65 21.49
CA LYS D 450 24.61 -9.21 20.18
C LYS D 450 24.79 -8.17 19.08
N GLY D 451 25.82 -8.32 18.26
CA GLY D 451 26.00 -7.48 17.10
C GLY D 451 26.75 -6.20 17.35
N ARG D 452 27.09 -5.89 18.60
CA ARG D 452 27.72 -4.63 18.96
C ARG D 452 29.06 -4.81 19.64
N PHE D 453 29.22 -5.84 20.46
CA PHE D 453 30.43 -6.09 21.22
C PHE D 453 31.16 -7.30 20.64
N THR D 454 32.48 -7.25 20.66
CA THR D 454 33.29 -8.34 20.16
C THR D 454 34.30 -8.68 21.23
N ILE D 455 34.36 -9.92 21.59
CA ILE D 455 35.30 -10.38 22.60
C ILE D 455 36.42 -11.07 21.86
N SER D 456 37.62 -10.97 22.42
CA SER D 456 38.82 -11.49 21.79
C SER D 456 39.89 -11.59 22.86
N ARG D 457 40.84 -12.49 22.64
CA ARG D 457 41.85 -12.76 23.63
C ARG D 457 43.21 -13.00 22.99
N ASP D 458 44.25 -12.64 23.74
CA ASP D 458 45.64 -12.91 23.41
C ASP D 458 46.19 -13.91 24.41
N ASN D 459 46.44 -15.14 23.96
CA ASN D 459 46.94 -16.18 24.86
C ASN D 459 48.29 -15.79 25.43
N ALA D 460 49.14 -15.16 24.61
CA ALA D 460 50.48 -14.80 25.07
C ALA D 460 50.42 -13.80 26.23
N LYS D 461 49.68 -12.72 26.03
CA LYS D 461 49.60 -11.67 27.04
C LYS D 461 48.68 -12.05 28.20
N ASN D 462 48.06 -13.23 28.18
CA ASN D 462 47.08 -13.62 29.18
C ASN D 462 46.03 -12.54 29.31
N THR D 463 45.47 -12.14 28.15
CA THR D 463 44.61 -10.98 28.06
C THR D 463 43.37 -11.25 27.23
N VAL D 464 42.22 -10.81 27.74
CA VAL D 464 40.95 -10.80 26.99
C VAL D 464 40.54 -9.35 26.74
N TYR D 465 39.88 -9.12 25.61
CA TYR D 465 39.52 -7.78 25.17
C TYR D 465 38.03 -7.75 24.88
N LEU D 466 37.42 -6.57 25.06
CA LEU D 466 36.03 -6.38 24.71
C LEU D 466 35.92 -5.10 23.91
N GLN D 467 35.65 -5.23 22.61
CA GLN D 467 35.50 -4.09 21.74
C GLN D 467 34.03 -3.71 21.69
N MET D 468 33.72 -2.52 22.12
CA MET D 468 32.34 -2.10 22.27
C MET D 468 32.10 -1.05 21.21
N ASP D 469 31.25 -1.38 20.25
CA ASP D 469 30.85 -0.48 19.19
C ASP D 469 29.36 -0.21 19.33
N SER D 470 28.89 0.85 18.68
CA SER D 470 27.49 1.21 18.75
C SER D 470 27.02 1.23 20.21
N LEU D 471 27.65 2.11 20.97
CA LEU D 471 27.31 2.35 22.36
C LEU D 471 25.95 3.03 22.47
N LYS D 472 25.33 2.88 23.64
CA LYS D 472 24.07 3.51 23.99
C LYS D 472 24.07 3.72 25.50
N PRO D 473 23.26 4.66 26.01
CA PRO D 473 23.38 5.03 27.44
C PRO D 473 23.16 3.88 28.43
N GLU D 474 22.38 2.85 28.07
CA GLU D 474 22.22 1.69 28.93
C GLU D 474 23.50 0.89 29.09
N ASP D 475 24.54 1.16 28.29
CA ASP D 475 25.81 0.49 28.47
C ASP D 475 26.59 1.04 29.66
N THR D 476 26.13 2.13 30.27
CA THR D 476 26.79 2.66 31.45
C THR D 476 26.63 1.68 32.59
N ALA D 477 27.76 1.16 33.06
CA ALA D 477 27.82 0.17 34.13
C ALA D 477 29.27 0.05 34.57
N VAL D 478 29.47 -0.59 35.72
CA VAL D 478 30.78 -1.13 36.07
C VAL D 478 30.96 -2.46 35.36
N TYR D 479 32.07 -2.61 34.62
CA TYR D 479 32.33 -3.86 33.91
C TYR D 479 33.45 -4.64 34.59
N TYR D 480 33.28 -5.96 34.66
CA TYR D 480 34.19 -6.87 35.34
C TYR D 480 34.69 -7.92 34.35
N CYS D 481 35.97 -8.26 34.39
CA CYS D 481 36.38 -9.45 33.67
C CYS D 481 36.41 -10.61 34.66
N ALA D 482 36.20 -11.82 34.16
CA ALA D 482 36.16 -12.95 35.05
C ALA D 482 36.75 -14.14 34.32
N ALA D 483 37.31 -15.07 35.09
CA ALA D 483 37.87 -16.29 34.54
C ALA D 483 37.39 -17.50 35.32
N ARG D 484 37.28 -18.61 34.59
CA ARG D 484 36.93 -19.94 35.06
C ARG D 484 38.08 -20.88 34.71
N ARG D 485 38.58 -21.67 35.66
CA ARG D 485 39.71 -22.51 35.29
C ARG D 485 39.43 -24.00 35.11
N ARG D 486 38.25 -24.43 35.51
CA ARG D 486 37.84 -25.83 35.36
C ARG D 486 36.94 -26.00 34.14
N GLY D 487 36.96 -27.18 33.54
CA GLY D 487 36.20 -27.39 32.33
C GLY D 487 34.71 -27.23 32.45
N PHE D 488 34.00 -27.37 31.36
CA PHE D 488 32.58 -27.21 31.36
C PHE D 488 31.99 -27.76 30.10
N THR D 489 30.69 -27.96 30.08
CA THR D 489 30.03 -28.40 28.86
C THR D 489 29.20 -27.27 28.27
N LEU D 490 28.27 -26.72 29.03
CA LEU D 490 27.54 -25.55 28.58
C LEU D 490 28.38 -24.32 28.91
N ALA D 491 28.43 -23.38 27.97
CA ALA D 491 29.24 -22.19 28.16
C ALA D 491 28.81 -21.46 29.43
N PRO D 492 29.74 -21.12 30.33
CA PRO D 492 29.36 -20.48 31.59
C PRO D 492 28.91 -19.05 31.33
N THR D 493 27.70 -18.73 31.78
CA THR D 493 27.19 -17.39 31.60
C THR D 493 26.66 -16.81 32.89
N ARG D 494 26.79 -17.51 34.00
CA ARG D 494 26.29 -16.98 35.25
C ARG D 494 27.44 -16.65 36.14
N ALA D 495 27.28 -15.65 36.99
CA ALA D 495 28.36 -15.20 37.84
C ALA D 495 28.90 -16.32 38.72
N ASN D 496 28.05 -17.27 39.14
CA ASN D 496 28.50 -18.28 40.08
C ASN D 496 29.38 -19.35 39.45
N GLU D 497 29.54 -19.36 38.14
CA GLU D 497 30.41 -20.31 37.49
C GLU D 497 31.73 -19.70 36.99
N TYR D 498 32.00 -18.42 37.30
CA TYR D 498 33.35 -17.89 37.18
C TYR D 498 33.92 -17.65 38.57
N ASP D 499 35.24 -17.86 38.70
CA ASP D 499 35.94 -17.98 39.97
C ASP D 499 36.88 -16.82 40.26
N TYR D 500 37.37 -16.15 39.21
CA TYR D 500 38.30 -15.03 39.33
C TYR D 500 37.56 -13.78 38.89
N TRP D 501 37.81 -12.67 39.57
CA TRP D 501 37.12 -11.44 39.28
C TRP D 501 38.10 -10.29 39.39
N GLY D 502 38.14 -9.39 38.42
CA GLY D 502 38.81 -8.12 38.61
C GLY D 502 37.89 -7.27 39.43
N GLN D 503 38.34 -6.06 39.69
CA GLN D 503 37.60 -5.11 40.51
C GLN D 503 36.61 -4.21 39.88
N GLY D 504 36.59 -4.11 38.57
CA GLY D 504 35.59 -3.31 37.91
C GLY D 504 36.17 -2.06 37.35
N THR D 505 35.79 -1.75 36.12
CA THR D 505 36.09 -0.47 35.52
C THR D 505 34.74 0.20 35.30
N GLN D 506 34.64 1.45 35.71
CA GLN D 506 33.47 2.23 35.38
C GLN D 506 33.56 2.62 33.91
N VAL D 507 32.48 2.37 33.17
CA VAL D 507 32.31 2.79 31.80
C VAL D 507 31.09 3.70 31.80
N THR D 508 31.30 4.96 31.43
CA THR D 508 30.21 5.90 31.32
C THR D 508 30.11 6.38 29.88
N VAL D 509 28.91 6.29 29.34
CA VAL D 509 28.59 6.82 28.01
C VAL D 509 27.27 7.58 28.13
N SER D 510 27.26 8.80 27.59
CA SER D 510 26.08 9.64 27.66
C SER D 510 25.63 10.14 26.29
#